data_6ZNJ
#
_entry.id   6ZNJ
#
_cell.length_a   81.705
_cell.length_b   273.583
_cell.length_c   308.232
_cell.angle_alpha   90.000
_cell.angle_beta   90.000
_cell.angle_gamma   90.000
#
_symmetry.space_group_name_H-M   'C 2 2 21'
#
_entity_poly.entity_id   1
_entity_poly.type   'polypeptide(L)'
_entity_poly.pdbx_seq_one_letter_code
;MGSSHHHHHHSMDNKTETKIEPKTGTTNFDQEALLYHQQGKPGKIEVISSKPCATEKDLSLAYSPGVAAPCKAIAKDPAK
VYDYTAKGNLVAVISNGTAVLGLGNIGPAAGKPVMEGKGILFKQFAGIDVFDIEVAATDVDVFCNAVRVLEPTFGGINLE
DIKAPECFEIEERLKKEMNIPVFHDDQHGTAIVSGAALLNACSITNRKMETVRIVVNGAGASANSCAKIFIALGARRENI
IMCDSQGVIYKGRTAGMNKYKEYFASETEARTLTEALRGADVFVGLSVAGALTPEMLKDMAKDPIIFAMANPEPEITPDK
ARAARPDAIIATGRSDYPNQVNNVLGFPSIFRGALDTRSTQINEEMKLAAVHALAKLAREDVPDKVSATYGGKSFKFGRD
YLIPKPFDTRVLLWVAPEVAKAAMKSGVATRAIEDWDQYRESLEALQGPSKVFIRSAINRVHQNSAANGGELPRIVFPEG
TSTKVLKALATLVEEKICQPILLGYPERVKEKIKALDIPLLNDVSIVHPSSHPKYFSFVEKLYSLRQRKGINLGEAERLM
ADPNYFAAMMVNQGEADGMVSGSSINYADAVRPILQTIGVYKEGIPAGLNFVLLEDKFLVLADTTVNLNPTAEQCAQIAL
QAAKIVEYFGIEPRVAMLSYSNFSGAEGTPRKMKKAAEIARSLRPDLMIEGDMQADTAVNPEIMERLFPFSGLKGGANVL
VFPNLESSNIAYKLIQQIGKAEVIGPFLTGVRRSANVLQRTTTVDGIVNSVVFTALEAQYIKEVLKSRGKK
;
_entity_poly.pdbx_strand_id   B,C,A
#
# COMPACT_ATOMS: atom_id res chain seq x y z
N THR A 27 54.73 -3.71 -1.66
CA THR A 27 54.34 -2.37 -2.11
C THR A 27 52.93 -2.08 -1.62
N ASN A 28 52.60 -0.80 -1.47
CA ASN A 28 51.20 -0.41 -1.25
C ASN A 28 50.40 -0.86 -2.45
N PHE A 29 51.05 -0.81 -3.62
CA PHE A 29 50.42 -1.20 -4.88
C PHE A 29 50.06 -2.66 -4.86
N ASP A 30 51.01 -3.46 -4.39
CA ASP A 30 50.85 -4.91 -4.24
C ASP A 30 49.70 -5.18 -3.28
N GLN A 31 49.72 -4.51 -2.13
CA GLN A 31 48.68 -4.70 -1.14
C GLN A 31 47.31 -4.38 -1.72
N GLU A 32 47.26 -3.32 -2.50
CA GLU A 32 46.04 -2.87 -3.14
C GLU A 32 45.56 -3.92 -4.15
N ALA A 33 46.51 -4.58 -4.81
CA ALA A 33 46.18 -5.67 -5.73
C ALA A 33 45.59 -6.88 -5.00
N LEU A 34 46.21 -7.24 -3.88
CA LEU A 34 45.73 -8.35 -3.04
C LEU A 34 44.32 -8.10 -2.58
N LEU A 35 44.11 -6.91 -2.00
CA LEU A 35 42.80 -6.52 -1.48
C LEU A 35 41.77 -6.45 -2.60
N TYR A 36 42.25 -6.04 -3.78
CA TYR A 36 41.41 -5.99 -4.97
C TYR A 36 40.92 -7.39 -5.33
N HIS A 37 41.80 -8.38 -5.25
CA HIS A 37 41.42 -9.74 -5.60
C HIS A 37 40.60 -10.46 -4.54
N GLN A 38 40.83 -10.12 -3.28
CA GLN A 38 40.26 -10.87 -2.15
C GLN A 38 38.87 -10.36 -1.72
N GLN A 39 38.67 -9.03 -1.81
CA GLN A 39 37.46 -8.33 -1.30
C GLN A 39 36.19 -8.74 -2.04
N GLY A 40 35.06 -8.50 -1.38
CA GLY A 40 33.78 -8.83 -1.95
C GLY A 40 33.74 -10.28 -2.38
N LYS A 41 33.26 -10.51 -3.59
CA LYS A 41 33.30 -11.87 -4.09
C LYS A 41 34.72 -12.24 -4.47
N PRO A 42 35.32 -13.24 -3.77
CA PRO A 42 36.66 -13.63 -4.20
C PRO A 42 36.70 -14.07 -5.66
N GLY A 43 37.85 -13.80 -6.25
CA GLY A 43 38.04 -13.97 -7.67
C GLY A 43 37.71 -12.67 -8.37
N LYS A 44 37.64 -12.74 -9.69
CA LYS A 44 37.42 -11.57 -10.50
C LYS A 44 36.30 -11.86 -11.48
N ILE A 45 35.76 -13.08 -11.40
CA ILE A 45 34.68 -13.48 -12.32
C ILE A 45 33.47 -14.15 -11.69
N GLU A 46 32.37 -14.08 -12.44
CA GLU A 46 31.04 -14.52 -12.02
C GLU A 46 30.25 -14.89 -13.29
N VAL A 47 29.24 -15.74 -13.21
CA VAL A 47 28.39 -15.95 -14.40
C VAL A 47 26.92 -15.62 -14.12
N ILE A 48 26.29 -14.91 -15.07
CA ILE A 48 24.85 -14.58 -15.00
C ILE A 48 24.11 -15.13 -16.19
N SER A 49 22.78 -15.07 -16.15
CA SER A 49 22.05 -15.47 -17.32
C SER A 49 21.82 -14.34 -18.30
N SER A 50 21.66 -14.73 -19.55
CA SER A 50 21.37 -13.82 -20.66
C SER A 50 19.88 -13.82 -21.01
N LYS A 51 19.14 -14.68 -20.32
CA LYS A 51 17.71 -14.85 -20.56
C LYS A 51 16.89 -14.86 -19.26
N PRO A 52 15.57 -14.56 -19.37
CA PRO A 52 14.69 -14.68 -18.22
C PRO A 52 14.83 -16.02 -17.51
N CYS A 53 14.80 -16.03 -16.19
CA CYS A 53 14.98 -17.26 -15.43
C CYS A 53 14.35 -17.18 -14.01
N ALA A 54 13.11 -16.68 -13.89
CA ALA A 54 12.52 -16.45 -12.58
C ALA A 54 11.42 -17.43 -12.16
N THR A 55 10.61 -17.91 -13.11
CA THR A 55 9.40 -18.64 -12.76
C THR A 55 9.46 -20.12 -13.13
N GLU A 56 8.42 -20.84 -12.69
CA GLU A 56 8.21 -22.21 -13.10
C GLU A 56 8.25 -22.23 -14.64
N LYS A 57 7.63 -21.26 -15.31
CA LYS A 57 7.65 -21.21 -16.78
C LYS A 57 9.05 -21.00 -17.34
N ASP A 58 9.73 -19.97 -16.84
CA ASP A 58 11.09 -19.65 -17.28
C ASP A 58 12.05 -20.84 -17.20
N LEU A 59 12.00 -21.58 -16.09
CA LEU A 59 12.86 -22.72 -16.00
C LEU A 59 12.24 -23.86 -16.81
N SER A 60 10.94 -23.78 -17.16
CA SER A 60 10.34 -24.82 -18.02
C SER A 60 10.78 -24.60 -19.46
N LEU A 61 11.33 -23.41 -19.76
CA LEU A 61 12.05 -23.27 -21.03
C LEU A 61 13.56 -23.54 -20.88
N ALA A 62 14.20 -22.94 -19.88
CA ALA A 62 15.65 -23.07 -19.79
C ALA A 62 16.10 -24.54 -19.61
N TYR A 63 15.24 -25.37 -19.03
CA TYR A 63 15.55 -26.76 -18.78
C TYR A 63 14.42 -27.66 -19.29
N SER A 64 14.21 -28.76 -18.59
CA SER A 64 13.13 -29.68 -18.87
CA SER A 64 13.14 -29.68 -18.89
C SER A 64 11.81 -28.95 -18.75
N PRO A 65 10.89 -29.15 -19.71
CA PRO A 65 11.08 -30.03 -20.86
C PRO A 65 11.55 -29.30 -22.08
N GLY A 66 11.56 -27.96 -22.03
CA GLY A 66 11.75 -27.16 -23.22
C GLY A 66 13.07 -27.28 -23.98
N VAL A 67 14.17 -27.40 -23.23
CA VAL A 67 15.53 -27.43 -23.77
C VAL A 67 15.73 -28.64 -24.67
N ALA A 68 14.76 -29.53 -24.71
CA ALA A 68 14.81 -30.67 -25.60
C ALA A 68 14.77 -30.18 -27.04
N ALA A 69 13.97 -29.15 -27.31
CA ALA A 69 13.78 -28.66 -28.67
C ALA A 69 15.08 -28.10 -29.32
N PRO A 70 15.88 -27.30 -28.59
CA PRO A 70 17.12 -26.95 -29.29
C PRO A 70 18.05 -28.16 -29.47
N CYS A 71 18.15 -29.02 -28.46
CA CYS A 71 19.07 -30.16 -28.57
C CYS A 71 18.73 -31.04 -29.74
N LYS A 72 17.45 -31.39 -29.86
CA LYS A 72 16.98 -32.21 -30.97
C LYS A 72 17.38 -31.53 -32.29
N ALA A 73 17.37 -30.18 -32.32
CA ALA A 73 17.78 -29.40 -33.52
C ALA A 73 19.28 -29.44 -33.84
N ILE A 74 20.13 -29.50 -32.81
CA ILE A 74 21.56 -29.62 -33.04
C ILE A 74 21.97 -31.05 -33.39
N ALA A 75 21.22 -32.03 -32.89
CA ALA A 75 21.48 -33.40 -33.27
C ALA A 75 21.22 -33.52 -34.76
N LYS A 76 20.16 -32.89 -35.24
CA LYS A 76 19.89 -32.99 -36.66
C LYS A 76 20.92 -32.19 -37.46
N ASP A 77 21.22 -30.96 -37.03
CA ASP A 77 22.18 -30.12 -37.73
CA ASP A 77 22.23 -30.14 -37.72
C ASP A 77 23.19 -29.48 -36.75
N PRO A 78 24.38 -30.09 -36.55
CA PRO A 78 25.36 -29.58 -35.56
C PRO A 78 25.64 -28.09 -35.74
N ALA A 79 25.41 -27.61 -36.96
CA ALA A 79 25.68 -26.23 -37.27
C ALA A 79 24.95 -25.31 -36.31
N LYS A 80 23.71 -25.68 -36.01
CA LYS A 80 22.81 -24.84 -35.21
C LYS A 80 23.33 -24.71 -33.78
N VAL A 81 24.47 -25.33 -33.50
CA VAL A 81 25.08 -25.13 -32.19
C VAL A 81 25.42 -23.66 -32.01
N TYR A 82 25.69 -22.95 -33.10
CA TYR A 82 26.00 -21.52 -32.95
C TYR A 82 24.76 -20.69 -32.68
N ASP A 83 23.60 -21.24 -33.04
CA ASP A 83 22.34 -20.51 -32.96
C ASP A 83 21.68 -20.57 -31.59
N TYR A 84 21.78 -21.72 -30.90
CA TYR A 84 21.02 -21.91 -29.67
C TYR A 84 21.88 -21.99 -28.43
N THR A 85 23.19 -21.87 -28.60
CA THR A 85 24.13 -21.90 -27.49
C THR A 85 25.07 -20.70 -27.49
N ALA A 86 25.96 -20.68 -26.51
CA ALA A 86 26.92 -19.59 -26.33
C ALA A 86 28.20 -19.71 -27.18
N LYS A 87 28.25 -20.69 -28.06
CA LYS A 87 29.48 -20.89 -28.77
C LYS A 87 29.86 -19.61 -29.45
N GLY A 88 28.86 -19.02 -30.10
CA GLY A 88 29.08 -17.88 -30.96
C GLY A 88 29.77 -16.70 -30.29
N ASN A 89 29.99 -16.79 -28.98
CA ASN A 89 30.68 -15.73 -28.27
C ASN A 89 31.57 -16.19 -27.11
N LEU A 90 31.92 -17.48 -27.10
CA LEU A 90 32.63 -18.04 -25.96
C LEU A 90 34.04 -18.51 -26.32
N VAL A 91 35.04 -17.98 -25.63
CA VAL A 91 36.43 -18.39 -25.87
C VAL A 91 37.16 -18.90 -24.61
N ALA A 92 37.93 -19.98 -24.80
CA ALA A 92 38.72 -20.53 -23.72
C ALA A 92 40.14 -19.93 -23.70
N VAL A 93 40.49 -19.32 -22.56
CA VAL A 93 41.88 -18.91 -22.27
C VAL A 93 42.56 -20.02 -21.46
N ILE A 94 43.52 -20.70 -22.07
CA ILE A 94 44.10 -21.89 -21.46
C ILE A 94 45.60 -21.77 -21.18
N SER A 95 46.03 -22.27 -20.03
CA SER A 95 47.45 -22.22 -19.74
C SER A 95 47.84 -23.31 -18.74
N ASN A 96 49.12 -23.67 -18.69
CA ASN A 96 49.63 -24.58 -17.67
C ASN A 96 50.45 -23.83 -16.61
N GLY A 97 50.47 -22.51 -16.73
CA GLY A 97 51.17 -21.68 -15.77
C GLY A 97 52.67 -21.82 -15.87
N THR A 98 53.16 -22.06 -17.10
CA THR A 98 54.60 -22.25 -17.38
C THR A 98 55.39 -21.01 -17.89
N ALA A 99 54.68 -19.92 -18.17
CA ALA A 99 55.34 -18.68 -18.55
C ALA A 99 54.46 -17.44 -18.24
N VAL A 100 53.93 -17.36 -17.01
CA VAL A 100 52.96 -16.32 -16.65
C VAL A 100 53.54 -14.91 -16.51
N LEU A 101 53.14 -14.06 -17.45
CA LEU A 101 53.69 -12.73 -17.61
C LEU A 101 55.20 -12.77 -17.56
N GLY A 102 55.76 -12.08 -16.58
CA GLY A 102 57.20 -12.07 -16.43
C GLY A 102 57.65 -12.88 -15.24
N LEU A 103 56.78 -13.76 -14.76
CA LEU A 103 57.07 -14.51 -13.55
C LEU A 103 57.54 -15.95 -13.83
N GLY A 104 57.44 -16.37 -15.10
CA GLY A 104 57.92 -17.67 -15.55
C GLY A 104 57.00 -18.86 -15.29
N ASN A 105 57.55 -20.04 -15.01
CA ASN A 105 56.77 -21.27 -14.76
C ASN A 105 56.34 -21.45 -13.29
N ILE A 106 55.19 -20.87 -12.95
CA ILE A 106 54.69 -20.79 -11.57
C ILE A 106 53.56 -21.76 -11.21
N GLY A 107 53.16 -22.59 -12.16
CA GLY A 107 52.17 -23.63 -11.92
C GLY A 107 50.79 -23.26 -12.43
N PRO A 108 49.93 -24.26 -12.66
CA PRO A 108 48.60 -23.99 -13.22
C PRO A 108 47.75 -23.22 -12.21
N ALA A 109 47.97 -23.51 -10.94
CA ALA A 109 47.16 -22.86 -9.95
C ALA A 109 47.41 -21.36 -9.86
N ALA A 110 48.64 -20.99 -9.54
CA ALA A 110 48.97 -19.59 -9.23
C ALA A 110 48.83 -18.64 -10.42
N GLY A 111 48.80 -19.18 -11.64
CA GLY A 111 48.64 -18.38 -12.86
C GLY A 111 47.19 -18.04 -13.21
N LYS A 112 46.26 -18.69 -12.49
CA LYS A 112 44.82 -18.54 -12.71
C LYS A 112 44.38 -17.07 -12.68
N PRO A 113 44.77 -16.27 -11.64
CA PRO A 113 44.27 -14.88 -11.63
C PRO A 113 44.58 -14.09 -12.91
N VAL A 114 45.78 -14.32 -13.46
CA VAL A 114 46.19 -13.66 -14.68
C VAL A 114 45.28 -14.12 -15.86
N MET A 115 44.88 -15.39 -15.82
CA MET A 115 44.00 -15.91 -16.86
C MET A 115 42.63 -15.25 -16.74
N GLU A 116 42.12 -15.17 -15.49
CA GLU A 116 40.84 -14.49 -15.13
C GLU A 116 40.85 -13.11 -15.74
N GLY A 117 41.96 -12.42 -15.53
CA GLY A 117 42.16 -11.10 -16.10
C GLY A 117 42.15 -11.06 -17.62
N LYS A 118 42.78 -12.04 -18.27
CA LYS A 118 42.77 -12.07 -19.73
C LYS A 118 41.31 -12.17 -20.21
N GLY A 119 40.52 -12.95 -19.47
CA GLY A 119 39.10 -13.07 -19.80
C GLY A 119 38.37 -11.74 -19.68
N ILE A 120 38.73 -11.04 -18.60
CA ILE A 120 38.14 -9.72 -18.38
C ILE A 120 38.40 -8.84 -19.61
N LEU A 121 39.65 -8.86 -20.06
CA LEU A 121 40.08 -8.05 -21.19
C LEU A 121 39.28 -8.39 -22.43
N PHE A 122 39.06 -9.70 -22.65
CA PHE A 122 38.24 -10.17 -23.78
C PHE A 122 36.84 -9.57 -23.78
N LYS A 123 36.15 -9.66 -22.63
CA LYS A 123 34.77 -9.16 -22.54
C LYS A 123 34.68 -7.65 -22.72
N GLN A 124 35.58 -6.93 -22.05
CA GLN A 124 35.51 -5.47 -22.09
C GLN A 124 35.92 -4.90 -23.44
N PHE A 125 36.77 -5.62 -24.19
CA PHE A 125 37.23 -5.06 -25.46
C PHE A 125 36.56 -5.57 -26.72
N ALA A 126 35.93 -6.73 -26.65
CA ALA A 126 35.26 -7.24 -27.83
C ALA A 126 33.93 -7.95 -27.53
N GLY A 127 33.48 -7.83 -26.29
CA GLY A 127 32.19 -8.39 -25.92
C GLY A 127 32.15 -9.90 -25.97
N ILE A 128 33.31 -10.50 -25.76
CA ILE A 128 33.49 -11.94 -25.82
C ILE A 128 33.45 -12.57 -24.41
N ASP A 129 32.63 -13.60 -24.23
CA ASP A 129 32.59 -14.32 -22.95
C ASP A 129 33.72 -15.36 -22.84
N VAL A 130 34.40 -15.44 -21.68
CA VAL A 130 35.58 -16.30 -21.57
C VAL A 130 35.77 -17.20 -20.34
N PHE A 131 36.01 -18.50 -20.60
CA PHE A 131 36.36 -19.45 -19.52
C PHE A 131 37.91 -19.55 -19.33
N ASP A 132 38.38 -19.31 -18.09
CA ASP A 132 39.81 -19.49 -17.74
C ASP A 132 40.17 -20.92 -17.29
N ILE A 133 41.08 -21.56 -18.01
CA ILE A 133 41.35 -22.97 -17.77
C ILE A 133 42.80 -23.19 -17.45
N GLU A 134 43.04 -23.58 -16.20
CA GLU A 134 44.35 -23.83 -15.66
C GLU A 134 44.61 -25.33 -15.68
N VAL A 135 45.63 -25.76 -16.42
CA VAL A 135 45.85 -27.17 -16.72
C VAL A 135 47.08 -27.74 -16.03
N ALA A 136 46.90 -28.90 -15.42
CA ALA A 136 48.00 -29.60 -14.78
C ALA A 136 48.64 -30.62 -15.76
N ALA A 137 49.28 -30.14 -16.82
CA ALA A 137 49.98 -31.05 -17.72
C ALA A 137 51.19 -30.39 -18.36
N THR A 138 52.37 -30.95 -18.12
CA THR A 138 53.56 -30.36 -18.66
C THR A 138 54.01 -31.12 -19.91
N ASP A 139 53.45 -32.32 -20.11
CA ASP A 139 53.66 -33.03 -21.39
C ASP A 139 52.85 -32.46 -22.52
N VAL A 140 53.53 -32.21 -23.62
CA VAL A 140 52.91 -31.70 -24.81
C VAL A 140 51.73 -32.59 -25.20
N ASP A 141 51.93 -33.89 -25.13
CA ASP A 141 50.93 -34.86 -25.56
C ASP A 141 49.74 -34.94 -24.63
N VAL A 142 50.00 -34.88 -23.33
CA VAL A 142 48.90 -34.89 -22.35
C VAL A 142 47.95 -33.70 -22.56
N PHE A 143 48.56 -32.52 -22.63
CA PHE A 143 47.89 -31.25 -22.82
C PHE A 143 47.13 -31.18 -24.13
N CYS A 144 47.78 -31.56 -25.23
CA CYS A 144 47.06 -31.52 -26.50
C CYS A 144 45.92 -32.56 -26.52
N ASN A 145 46.18 -33.76 -26.00
CA ASN A 145 45.18 -34.86 -25.92
C ASN A 145 43.97 -34.56 -25.03
N ALA A 146 44.18 -33.70 -24.04
CA ALA A 146 43.10 -33.21 -23.19
C ALA A 146 42.38 -32.01 -23.81
N VAL A 147 43.14 -31.08 -24.41
CA VAL A 147 42.55 -29.82 -24.89
C VAL A 147 41.71 -30.05 -26.14
N ARG A 148 42.19 -30.81 -27.11
CA ARG A 148 41.48 -30.86 -28.40
C ARG A 148 40.02 -31.40 -28.27
N VAL A 149 39.75 -32.19 -27.24
CA VAL A 149 38.41 -32.78 -27.04
C VAL A 149 37.38 -31.84 -26.37
N LEU A 150 37.81 -30.62 -25.99
CA LEU A 150 36.93 -29.58 -25.43
C LEU A 150 36.30 -28.80 -26.56
N GLU A 151 36.76 -29.11 -27.76
CA GLU A 151 36.39 -28.39 -28.95
C GLU A 151 34.89 -28.11 -29.08
N PRO A 152 34.01 -29.07 -28.73
CA PRO A 152 32.62 -28.67 -28.96
C PRO A 152 32.18 -27.45 -28.14
N THR A 153 32.80 -27.22 -27.00
CA THR A 153 32.37 -26.15 -26.08
C THR A 153 32.54 -24.76 -26.62
N PHE A 154 33.67 -24.51 -27.24
CA PHE A 154 34.04 -23.15 -27.50
C PHE A 154 34.05 -22.88 -29.00
N GLY A 155 33.92 -21.61 -29.34
CA GLY A 155 34.05 -21.18 -30.72
C GLY A 155 35.49 -20.87 -31.00
N GLY A 156 36.29 -20.69 -29.95
CA GLY A 156 37.71 -20.40 -30.11
C GLY A 156 38.61 -20.61 -28.90
N ILE A 157 39.88 -20.93 -29.16
CA ILE A 157 40.84 -21.23 -28.11
C ILE A 157 42.10 -20.37 -28.15
N ASN A 158 42.29 -19.60 -27.08
CA ASN A 158 43.43 -18.72 -26.90
C ASN A 158 44.39 -19.21 -25.85
N LEU A 159 45.51 -19.78 -26.27
CA LEU A 159 46.55 -20.18 -25.35
C LEU A 159 47.24 -18.93 -24.82
N GLU A 160 47.61 -18.87 -23.54
CA GLU A 160 48.31 -17.68 -23.03
C GLU A 160 49.31 -18.05 -21.96
N ASP A 161 50.47 -17.39 -22.03
CA ASP A 161 51.52 -17.44 -21.01
C ASP A 161 51.90 -18.92 -20.71
N ILE A 162 52.29 -19.62 -21.79
CA ILE A 162 52.82 -20.99 -21.80
C ILE A 162 54.27 -21.05 -22.29
N LYS A 163 55.13 -21.82 -21.63
CA LYS A 163 56.59 -21.84 -21.91
C LYS A 163 57.00 -22.35 -23.30
N ALA A 164 58.15 -21.87 -23.75
CA ALA A 164 58.84 -22.40 -24.92
C ALA A 164 59.78 -23.54 -24.46
N PRO A 165 60.06 -24.49 -25.36
CA PRO A 165 59.51 -24.47 -26.71
C PRO A 165 58.19 -25.22 -26.81
N GLU A 166 57.67 -25.69 -25.67
CA GLU A 166 56.45 -26.49 -25.67
C GLU A 166 55.31 -25.80 -26.44
N CYS A 167 55.20 -24.49 -26.29
CA CYS A 167 54.10 -23.73 -26.87
C CYS A 167 54.02 -23.81 -28.40
N PHE A 168 55.18 -23.79 -29.06
CA PHE A 168 55.19 -23.86 -30.51
C PHE A 168 54.60 -25.18 -30.98
N GLU A 169 55.10 -26.28 -30.43
CA GLU A 169 54.65 -27.64 -30.76
C GLU A 169 53.13 -27.75 -30.48
N ILE A 170 52.69 -27.21 -29.35
CA ILE A 170 51.29 -27.30 -28.91
C ILE A 170 50.36 -26.56 -29.87
N GLU A 171 50.71 -25.32 -30.23
CA GLU A 171 49.84 -24.59 -31.13
C GLU A 171 49.84 -25.23 -32.48
N GLU A 172 51.03 -25.56 -32.98
CA GLU A 172 51.19 -26.11 -34.32
C GLU A 172 50.34 -27.37 -34.48
N ARG A 173 50.30 -28.18 -33.42
CA ARG A 173 49.42 -29.37 -33.39
C ARG A 173 47.95 -28.94 -33.34
N LEU A 174 47.61 -28.09 -32.38
CA LEU A 174 46.22 -27.75 -32.07
C LEU A 174 45.45 -27.06 -33.18
N LYS A 175 46.11 -26.22 -33.96
CA LYS A 175 45.43 -25.54 -35.07
C LYS A 175 44.97 -26.56 -36.12
N LYS A 176 45.79 -27.59 -36.27
CA LYS A 176 45.59 -28.69 -37.21
C LYS A 176 44.54 -29.69 -36.70
N GLU A 177 44.59 -29.98 -35.38
CA GLU A 177 43.75 -30.96 -34.63
C GLU A 177 42.31 -30.50 -34.45
N MET A 178 42.17 -29.21 -34.19
CA MET A 178 40.88 -28.72 -33.84
C MET A 178 40.25 -27.95 -35.02
N ASN A 179 38.98 -28.24 -35.23
CA ASN A 179 38.17 -27.63 -36.27
C ASN A 179 37.48 -26.36 -35.75
N ILE A 180 38.16 -25.72 -34.79
CA ILE A 180 37.89 -24.35 -34.32
C ILE A 180 39.24 -23.59 -34.27
N PRO A 181 39.18 -22.27 -34.13
CA PRO A 181 40.41 -21.46 -34.03
C PRO A 181 41.30 -21.65 -32.80
N VAL A 182 42.62 -21.69 -33.08
CA VAL A 182 43.67 -21.75 -32.06
C VAL A 182 44.64 -20.63 -32.30
N PHE A 183 44.99 -19.93 -31.23
CA PHE A 183 45.77 -18.72 -31.33
C PHE A 183 46.58 -18.53 -30.05
N HIS A 184 47.89 -18.62 -30.11
CA HIS A 184 48.64 -18.34 -28.89
C HIS A 184 49.04 -16.87 -28.83
N ASP A 185 48.36 -16.10 -27.99
CA ASP A 185 48.49 -14.65 -28.03
C ASP A 185 49.90 -14.20 -27.77
N ASP A 186 50.62 -14.89 -26.89
CA ASP A 186 51.96 -14.42 -26.63
C ASP A 186 52.83 -14.60 -27.89
N GLN A 187 52.55 -15.62 -28.69
CA GLN A 187 53.33 -15.80 -29.90
C GLN A 187 53.12 -14.64 -30.87
N HIS A 188 51.87 -14.41 -31.23
CA HIS A 188 51.56 -13.58 -32.37
C HIS A 188 51.10 -12.17 -32.10
N GLY A 189 50.70 -11.89 -30.87
CA GLY A 189 50.19 -10.56 -30.60
C GLY A 189 51.23 -9.50 -30.78
N THR A 190 52.31 -9.66 -30.01
CA THR A 190 53.40 -8.69 -29.95
C THR A 190 53.86 -8.40 -31.39
N ALA A 191 53.93 -9.47 -32.16
CA ALA A 191 54.25 -9.41 -33.57
C ALA A 191 53.22 -8.62 -34.40
N ILE A 192 51.94 -8.82 -34.13
CA ILE A 192 50.91 -8.17 -34.94
C ILE A 192 50.82 -6.67 -34.69
N VAL A 193 50.77 -6.30 -33.43
CA VAL A 193 50.76 -4.87 -33.12
C VAL A 193 52.06 -4.16 -33.51
N SER A 194 53.23 -4.74 -33.15
CA SER A 194 54.52 -4.13 -33.51
C SER A 194 54.75 -4.14 -34.99
N GLY A 195 54.09 -5.08 -35.65
CA GLY A 195 54.10 -5.17 -37.10
C GLY A 195 53.37 -4.02 -37.74
N ALA A 196 52.15 -3.74 -37.27
CA ALA A 196 51.45 -2.56 -37.80
C ALA A 196 52.28 -1.31 -37.53
N ALA A 197 52.82 -1.26 -36.31
CA ALA A 197 53.68 -0.16 -35.85
C ALA A 197 54.82 0.07 -36.82
N LEU A 198 55.42 -1.04 -37.26
CA LEU A 198 56.54 -1.01 -38.17
C LEU A 198 56.10 -0.52 -39.55
N LEU A 199 54.95 -1.01 -40.02
CA LEU A 199 54.45 -0.57 -41.33
C LEU A 199 54.38 0.94 -41.33
N ASN A 200 53.83 1.47 -40.24
CA ASN A 200 53.78 2.92 -40.09
C ASN A 200 55.15 3.59 -40.04
N ALA A 201 56.07 3.03 -39.24
CA ALA A 201 57.40 3.66 -39.08
C ALA A 201 58.20 3.71 -40.42
N CYS A 202 58.10 2.64 -41.21
CA CYS A 202 58.71 2.61 -42.52
C CYS A 202 57.99 3.56 -43.49
N SER A 203 56.66 3.63 -43.43
CA SER A 203 55.99 4.54 -44.36
C SER A 203 56.41 5.97 -44.02
N ILE A 204 56.62 6.28 -42.74
CA ILE A 204 57.08 7.61 -42.34
C ILE A 204 58.48 7.92 -42.87
N THR A 205 59.42 7.01 -42.67
CA THR A 205 60.82 7.29 -43.01
C THR A 205 61.15 6.89 -44.46
N ASN A 206 60.11 6.70 -45.27
CA ASN A 206 60.20 6.46 -46.72
C ASN A 206 61.04 5.20 -47.08
N ARG A 207 61.02 4.18 -46.22
CA ARG A 207 61.74 2.92 -46.45
C ARG A 207 60.86 1.86 -47.11
N LYS A 208 61.48 0.83 -47.70
CA LYS A 208 60.71 -0.32 -48.17
C LYS A 208 61.19 -1.65 -47.53
N MET A 209 60.22 -2.50 -47.15
CA MET A 209 60.40 -3.73 -46.34
C MET A 209 61.47 -4.74 -46.81
N GLU A 210 61.56 -4.87 -48.11
CA GLU A 210 62.38 -5.88 -48.73
C GLU A 210 63.88 -5.56 -48.56
N THR A 211 64.16 -4.36 -48.07
CA THR A 211 65.54 -3.90 -47.91
C THR A 211 65.85 -3.63 -46.46
N VAL A 212 64.84 -3.77 -45.62
CA VAL A 212 65.04 -3.53 -44.21
C VAL A 212 65.77 -4.67 -43.52
N ARG A 213 66.78 -4.28 -42.76
CA ARG A 213 67.54 -5.22 -41.96
C ARG A 213 67.01 -5.16 -40.53
N ILE A 214 66.66 -6.32 -39.98
CA ILE A 214 66.02 -6.37 -38.67
C ILE A 214 66.70 -7.28 -37.68
N VAL A 215 67.01 -6.76 -36.51
CA VAL A 215 67.61 -7.61 -35.46
C VAL A 215 66.64 -7.84 -34.32
N VAL A 216 66.21 -9.09 -34.17
CA VAL A 216 65.31 -9.48 -33.08
C VAL A 216 66.12 -10.01 -31.95
N ASN A 217 66.18 -9.31 -30.84
CA ASN A 217 66.91 -9.87 -29.74
C ASN A 217 65.98 -10.53 -28.79
N GLY A 218 66.23 -11.80 -28.52
CA GLY A 218 65.39 -12.61 -27.65
C GLY A 218 64.82 -13.77 -28.43
N ALA A 219 64.75 -14.91 -27.76
CA ALA A 219 64.27 -16.16 -28.35
C ALA A 219 63.21 -16.74 -27.42
N GLY A 220 62.43 -15.83 -26.82
CA GLY A 220 61.28 -16.20 -26.02
C GLY A 220 60.18 -16.60 -27.00
N ALA A 221 58.92 -16.63 -26.55
CA ALA A 221 57.80 -17.12 -27.36
C ALA A 221 57.45 -16.28 -28.59
N SER A 222 57.57 -14.97 -28.44
CA SER A 222 57.07 -14.05 -29.44
C SER A 222 57.92 -13.94 -30.72
N ALA A 223 59.23 -14.08 -30.56
CA ALA A 223 60.21 -13.78 -31.62
C ALA A 223 60.00 -14.56 -32.91
N ASN A 224 59.79 -15.86 -32.74
CA ASN A 224 59.63 -16.78 -33.85
C ASN A 224 58.45 -16.31 -34.70
N SER A 225 57.40 -15.78 -34.07
CA SER A 225 56.25 -15.26 -34.82
C SER A 225 56.45 -13.80 -35.33
N CYS A 226 57.28 -13.03 -34.62
CA CYS A 226 57.64 -11.69 -35.06
C CYS A 226 58.22 -11.75 -36.44
N ALA A 227 59.23 -12.60 -36.55
CA ALA A 227 59.92 -12.76 -37.82
C ALA A 227 58.96 -13.20 -38.91
N LYS A 228 58.06 -14.13 -38.58
CA LYS A 228 57.11 -14.64 -39.55
C LYS A 228 56.28 -13.48 -40.06
N ILE A 229 55.90 -12.60 -39.14
CA ILE A 229 55.03 -11.47 -39.47
C ILE A 229 55.71 -10.46 -40.38
N PHE A 230 56.93 -10.11 -39.99
CA PHE A 230 57.69 -9.16 -40.76
C PHE A 230 57.93 -9.71 -42.15
N ILE A 231 58.22 -11.00 -42.21
CA ILE A 231 58.44 -11.73 -43.47
C ILE A 231 57.19 -11.62 -44.34
N ALA A 232 56.03 -11.79 -43.70
CA ALA A 232 54.77 -11.72 -44.41
C ALA A 232 54.49 -10.29 -44.89
N LEU A 233 55.16 -9.33 -44.28
CA LEU A 233 55.03 -7.95 -44.69
C LEU A 233 56.03 -7.58 -45.79
N GLY A 234 56.91 -8.52 -46.14
CA GLY A 234 57.80 -8.33 -47.29
C GLY A 234 59.30 -8.29 -47.09
N ALA A 235 59.74 -8.34 -45.84
CA ALA A 235 61.15 -8.32 -45.49
C ALA A 235 61.82 -9.60 -45.97
N ARG A 236 63.11 -9.51 -46.32
CA ARG A 236 63.84 -10.68 -46.79
C ARG A 236 64.41 -11.43 -45.59
N ARG A 237 64.20 -12.74 -45.56
CA ARG A 237 64.62 -13.49 -44.39
C ARG A 237 66.14 -13.45 -44.31
N GLU A 238 66.80 -13.19 -45.45
CA GLU A 238 68.26 -13.03 -45.48
C GLU A 238 68.70 -11.73 -44.78
N ASN A 239 67.78 -10.75 -44.68
CA ASN A 239 68.10 -9.49 -44.04
C ASN A 239 67.77 -9.48 -42.54
N ILE A 240 67.29 -10.61 -42.02
CA ILE A 240 66.86 -10.71 -40.62
C ILE A 240 67.81 -11.51 -39.76
N ILE A 241 68.32 -10.86 -38.73
CA ILE A 241 69.22 -11.50 -37.81
C ILE A 241 68.53 -11.67 -36.47
N MET A 242 68.63 -12.86 -35.91
CA MET A 242 67.94 -13.11 -34.66
C MET A 242 68.95 -13.55 -33.61
N CYS A 243 68.89 -12.92 -32.45
CA CYS A 243 69.92 -13.12 -31.46
C CYS A 243 69.29 -13.83 -30.30
N ASP A 244 70.08 -14.47 -29.43
CA ASP A 244 69.55 -14.89 -28.11
C ASP A 244 70.65 -14.70 -27.04
N SER A 245 70.52 -15.42 -25.92
CA SER A 245 71.40 -15.22 -24.76
C SER A 245 72.85 -15.57 -25.01
N GLN A 246 73.12 -16.13 -26.19
CA GLN A 246 74.46 -16.52 -26.66
C GLN A 246 74.94 -15.84 -27.94
N GLY A 247 74.35 -14.70 -28.29
CA GLY A 247 74.79 -13.97 -29.48
C GLY A 247 73.85 -14.30 -30.60
N VAL A 248 74.27 -14.04 -31.83
CA VAL A 248 73.45 -14.30 -33.01
C VAL A 248 73.17 -15.81 -33.17
N ILE A 249 72.00 -16.14 -33.68
CA ILE A 249 71.68 -17.51 -34.05
C ILE A 249 72.12 -17.73 -35.49
N TYR A 250 73.29 -18.37 -35.65
CA TYR A 250 73.93 -18.65 -36.95
C TYR A 250 73.77 -20.08 -37.40
N LYS A 251 73.74 -20.27 -38.73
CA LYS A 251 73.57 -21.60 -39.26
C LYS A 251 74.67 -22.46 -38.72
N GLY A 252 74.28 -23.61 -38.18
CA GLY A 252 75.22 -24.59 -37.68
C GLY A 252 75.54 -24.53 -36.21
N ARG A 253 75.27 -23.40 -35.57
CA ARG A 253 75.44 -23.30 -34.13
C ARG A 253 74.65 -24.42 -33.52
N THR A 254 75.24 -25.05 -32.52
CA THR A 254 74.60 -26.18 -31.90
C THR A 254 74.28 -25.81 -30.48
N ALA A 255 74.99 -24.80 -29.97
CA ALA A 255 74.79 -24.38 -28.58
C ALA A 255 73.33 -23.93 -28.34
N GLY A 256 72.61 -24.74 -27.57
CA GLY A 256 71.28 -24.39 -27.13
C GLY A 256 70.24 -24.14 -28.22
N MET A 257 70.08 -25.08 -29.14
CA MET A 257 69.11 -24.91 -30.23
C MET A 257 67.88 -25.80 -30.09
N ASN A 258 66.87 -25.49 -30.90
CA ASN A 258 65.70 -26.34 -31.11
C ASN A 258 65.33 -26.29 -32.58
N LYS A 259 64.27 -26.99 -32.99
CA LYS A 259 63.92 -27.06 -34.41
C LYS A 259 63.56 -25.68 -35.00
N TYR A 260 62.89 -24.82 -34.20
CA TYR A 260 62.33 -23.57 -34.71
C TYR A 260 63.34 -22.39 -34.81
N LYS A 261 64.23 -22.28 -33.83
CA LYS A 261 65.30 -21.28 -33.91
C LYS A 261 66.11 -21.48 -35.18
N GLU A 262 66.26 -22.73 -35.61
CA GLU A 262 67.02 -23.06 -36.82
C GLU A 262 66.40 -22.44 -38.10
N TYR A 263 65.10 -22.10 -38.04
CA TYR A 263 64.38 -21.48 -39.16
C TYR A 263 64.88 -20.10 -39.50
N PHE A 264 65.22 -19.37 -38.44
CA PHE A 264 65.54 -17.96 -38.55
C PHE A 264 67.01 -17.77 -38.21
N ALA A 265 67.80 -18.80 -38.47
CA ALA A 265 69.24 -18.67 -38.48
C ALA A 265 69.63 -17.79 -39.67
N SER A 266 70.70 -16.98 -39.52
CA SER A 266 71.19 -16.07 -40.58
C SER A 266 72.48 -16.55 -41.26
N GLU A 267 72.70 -16.10 -42.50
CA GLU A 267 73.94 -16.37 -43.24
C GLU A 267 75.11 -15.46 -42.81
N THR A 268 74.80 -14.48 -41.97
CA THR A 268 75.77 -13.45 -41.58
C THR A 268 76.93 -14.07 -40.79
N GLU A 269 78.09 -13.41 -40.83
CA GLU A 269 79.26 -13.89 -40.11
C GLU A 269 79.25 -13.31 -38.68
N ALA A 270 78.32 -12.38 -38.43
CA ALA A 270 78.16 -11.76 -37.11
C ALA A 270 77.73 -12.76 -36.02
N ARG A 271 78.35 -12.64 -34.85
CA ARG A 271 78.21 -13.60 -33.73
C ARG A 271 77.66 -13.04 -32.40
N THR A 272 77.91 -11.76 -32.16
CA THR A 272 77.41 -11.10 -30.96
C THR A 272 76.21 -10.19 -31.33
N LEU A 273 75.41 -9.78 -30.33
CA LEU A 273 74.31 -8.82 -30.59
C LEU A 273 74.81 -7.49 -31.19
N THR A 274 75.92 -6.96 -30.68
CA THR A 274 76.44 -5.67 -31.14
C THR A 274 76.74 -5.79 -32.60
N GLU A 275 77.31 -6.93 -33.00
CA GLU A 275 77.67 -7.10 -34.40
C GLU A 275 76.48 -7.10 -35.35
N ALA A 276 75.38 -7.72 -34.94
CA ALA A 276 74.21 -7.79 -35.80
C ALA A 276 73.57 -6.42 -36.00
N LEU A 277 73.70 -5.55 -34.99
CA LEU A 277 73.03 -4.23 -34.96
C LEU A 277 73.71 -3.14 -35.76
N ARG A 278 74.88 -3.47 -36.29
CA ARG A 278 75.62 -2.59 -37.18
C ARG A 278 74.86 -2.46 -38.50
N GLY A 279 74.50 -1.23 -38.87
CA GLY A 279 73.87 -1.00 -40.16
C GLY A 279 72.43 -1.48 -40.26
N ALA A 280 71.86 -1.81 -39.11
CA ALA A 280 70.47 -2.24 -39.01
C ALA A 280 69.49 -1.09 -39.18
N ASP A 281 68.30 -1.38 -39.74
CA ASP A 281 67.21 -0.40 -39.84
C ASP A 281 66.34 -0.42 -38.56
N VAL A 282 65.98 -1.63 -38.12
CA VAL A 282 65.02 -1.87 -37.05
C VAL A 282 65.49 -2.86 -36.00
N PHE A 283 65.41 -2.45 -34.74
CA PHE A 283 65.77 -3.31 -33.62
C PHE A 283 64.53 -3.82 -32.87
N VAL A 284 64.26 -5.10 -32.97
CA VAL A 284 63.11 -5.63 -32.27
C VAL A 284 63.61 -6.27 -30.97
N GLY A 285 63.49 -5.53 -29.87
CA GLY A 285 64.02 -5.97 -28.61
C GLY A 285 63.01 -6.71 -27.76
N LEU A 286 63.23 -8.02 -27.63
CA LEU A 286 62.34 -8.90 -26.89
C LEU A 286 63.09 -9.64 -25.78
N SER A 287 63.95 -8.92 -25.08
CA SER A 287 64.85 -9.62 -24.16
C SER A 287 64.85 -9.02 -22.77
N VAL A 288 65.94 -8.34 -22.47
CA VAL A 288 66.22 -7.84 -21.13
C VAL A 288 66.60 -6.37 -21.17
N ALA A 289 66.49 -5.70 -20.03
CA ALA A 289 66.79 -4.26 -19.94
C ALA A 289 68.28 -3.92 -20.01
N GLY A 290 68.58 -2.77 -20.62
CA GLY A 290 69.94 -2.30 -20.78
C GLY A 290 70.74 -3.03 -21.86
N ALA A 291 70.11 -4.01 -22.50
CA ALA A 291 70.77 -4.82 -23.52
C ALA A 291 71.08 -3.99 -24.74
N LEU A 292 70.37 -2.88 -24.92
CA LEU A 292 70.58 -2.01 -26.06
C LEU A 292 71.40 -0.80 -25.61
N THR A 293 72.67 -0.78 -25.98
CA THR A 293 73.60 0.25 -25.56
C THR A 293 73.55 1.45 -26.53
N PRO A 294 73.97 2.65 -26.08
CA PRO A 294 74.03 3.78 -27.02
C PRO A 294 75.03 3.53 -28.15
N GLU A 295 75.97 2.64 -27.87
CA GLU A 295 76.96 2.19 -28.84
C GLU A 295 76.29 1.42 -30.01
N MET A 296 75.29 0.60 -29.71
CA MET A 296 74.57 -0.09 -30.78
C MET A 296 73.70 0.88 -31.56
N LEU A 297 73.25 1.92 -30.85
CA LEU A 297 72.43 2.97 -31.43
C LEU A 297 73.21 3.79 -32.45
N LYS A 298 74.46 4.11 -32.14
CA LYS A 298 75.29 4.90 -33.05
C LYS A 298 75.44 4.20 -34.40
N ASP A 299 75.50 2.88 -34.37
CA ASP A 299 75.83 2.10 -35.56
C ASP A 299 74.62 1.50 -36.31
N MET A 300 73.40 1.94 -35.95
CA MET A 300 72.20 1.65 -36.73
C MET A 300 72.04 2.67 -37.88
N ALA A 301 71.23 2.33 -38.89
CA ALA A 301 71.03 3.18 -40.08
C ALA A 301 70.45 4.56 -39.73
N LYS A 302 70.32 5.45 -40.72
CA LYS A 302 69.62 6.72 -40.48
C LYS A 302 68.15 6.48 -40.17
N ASP A 303 67.61 7.20 -39.18
CA ASP A 303 66.23 6.98 -38.70
C ASP A 303 65.96 5.52 -38.27
N PRO A 304 66.62 5.08 -37.17
CA PRO A 304 66.50 3.73 -36.62
C PRO A 304 65.18 3.49 -35.90
N ILE A 305 64.59 2.35 -36.16
CA ILE A 305 63.34 2.02 -35.54
C ILE A 305 63.63 1.02 -34.44
N ILE A 306 63.28 1.41 -33.22
CA ILE A 306 63.63 0.67 -32.00
C ILE A 306 62.41 0.30 -31.16
N PHE A 307 62.06 -0.99 -31.14
CA PHE A 307 60.98 -1.53 -30.32
C PHE A 307 61.56 -2.23 -29.10
N ALA A 308 61.63 -1.54 -27.97
CA ALA A 308 62.13 -2.12 -26.72
C ALA A 308 61.00 -2.55 -25.76
N MET A 309 60.65 -3.84 -25.78
CA MET A 309 59.44 -4.32 -25.11
C MET A 309 59.58 -5.23 -23.89
N ALA A 310 60.76 -5.23 -23.29
CA ALA A 310 60.99 -5.99 -22.07
C ALA A 310 60.15 -5.51 -20.92
N ASN A 311 59.74 -6.45 -20.06
CA ASN A 311 58.94 -6.18 -18.85
C ASN A 311 59.71 -6.55 -17.58
N PRO A 312 59.62 -5.70 -16.53
CA PRO A 312 58.80 -4.48 -16.49
C PRO A 312 59.46 -3.24 -17.14
N GLU A 313 60.77 -3.31 -17.41
CA GLU A 313 61.60 -2.23 -17.98
C GLU A 313 62.06 -2.46 -19.42
N PRO A 314 61.93 -1.44 -20.29
CA PRO A 314 62.28 -1.55 -21.71
C PRO A 314 63.77 -1.81 -21.94
N GLU A 315 64.17 -2.27 -23.14
CA GLU A 315 65.60 -2.45 -23.40
C GLU A 315 66.37 -1.14 -23.22
N ILE A 316 65.72 -0.02 -23.59
CA ILE A 316 66.27 1.33 -23.40
C ILE A 316 65.09 2.30 -23.37
N THR A 317 65.20 3.37 -22.58
CA THR A 317 64.12 4.35 -22.44
C THR A 317 64.08 5.29 -23.67
N PRO A 318 62.91 5.89 -23.98
CA PRO A 318 62.80 6.77 -25.15
C PRO A 318 63.69 8.02 -25.13
N ASP A 319 63.89 8.60 -23.95
CA ASP A 319 64.75 9.78 -23.90
C ASP A 319 66.23 9.35 -23.98
N LYS A 320 66.63 8.25 -23.35
CA LYS A 320 68.01 7.73 -23.48
C LYS A 320 68.29 7.37 -24.94
N ALA A 321 67.25 6.98 -25.67
CA ALA A 321 67.35 6.64 -27.11
C ALA A 321 67.42 7.90 -27.99
N ARG A 322 66.61 8.90 -27.68
CA ARG A 322 66.61 10.17 -28.39
C ARG A 322 67.87 11.02 -28.10
N ALA A 323 68.55 10.74 -26.99
CA ALA A 323 69.81 11.40 -26.67
C ALA A 323 70.94 10.94 -27.57
N ALA A 324 71.05 9.65 -27.80
CA ALA A 324 72.09 9.15 -28.68
C ALA A 324 71.70 9.45 -30.13
N ARG A 325 70.44 9.20 -30.47
CA ARG A 325 69.96 9.42 -31.84
C ARG A 325 68.62 10.17 -31.80
N PRO A 326 68.66 11.50 -32.01
CA PRO A 326 67.44 12.31 -32.02
C PRO A 326 66.52 11.92 -33.18
N ASP A 327 67.04 11.22 -34.19
CA ASP A 327 66.24 10.80 -35.34
C ASP A 327 65.54 9.46 -35.08
N ALA A 328 65.58 8.97 -33.83
CA ALA A 328 65.06 7.65 -33.52
C ALA A 328 63.54 7.62 -33.30
N ILE A 329 62.89 6.61 -33.87
CA ILE A 329 61.49 6.37 -33.63
C ILE A 329 61.44 5.29 -32.60
N ILE A 330 60.73 5.52 -31.52
CA ILE A 330 60.77 4.52 -30.48
C ILE A 330 59.36 4.12 -29.96
N ALA A 331 59.19 2.84 -29.71
CA ALA A 331 57.97 2.27 -29.20
C ALA A 331 58.28 1.28 -28.06
N THR A 332 57.48 1.25 -27.00
CA THR A 332 57.70 0.29 -25.91
C THR A 332 56.43 -0.44 -25.49
N GLY A 333 56.60 -1.33 -24.50
CA GLY A 333 55.51 -2.10 -23.91
C GLY A 333 54.94 -1.53 -22.62
N ARG A 334 55.45 -0.36 -22.25
CA ARG A 334 54.96 0.36 -21.10
C ARG A 334 53.98 1.43 -21.60
N SER A 335 52.97 1.77 -20.79
CA SER A 335 51.88 2.66 -21.22
C SER A 335 52.22 4.14 -21.16
N ASP A 336 53.27 4.49 -20.44
CA ASP A 336 53.65 5.89 -20.21
C ASP A 336 54.61 6.48 -21.26
N TYR A 337 54.88 5.72 -22.32
CA TYR A 337 55.67 6.25 -23.44
C TYR A 337 54.73 6.19 -24.65
N PRO A 338 54.94 7.06 -25.65
CA PRO A 338 54.10 7.03 -26.85
C PRO A 338 54.26 5.71 -27.60
N ASN A 339 53.31 5.33 -28.44
CA ASN A 339 53.40 4.07 -29.20
C ASN A 339 53.57 2.87 -28.29
N GLN A 340 52.66 2.74 -27.35
CA GLN A 340 52.62 1.55 -26.50
C GLN A 340 52.25 0.34 -27.35
N VAL A 341 53.11 -0.67 -27.36
CA VAL A 341 52.76 -1.93 -27.97
C VAL A 341 52.02 -2.83 -26.95
N ASN A 342 50.70 -2.83 -26.98
CA ASN A 342 49.92 -3.67 -26.07
C ASN A 342 49.16 -4.72 -26.87
N ASN A 343 49.24 -5.99 -26.47
CA ASN A 343 48.61 -7.06 -27.25
C ASN A 343 47.11 -6.82 -27.47
N VAL A 344 46.56 -5.93 -26.65
CA VAL A 344 45.13 -5.67 -26.56
C VAL A 344 44.51 -5.10 -27.84
N LEU A 345 45.35 -4.58 -28.70
CA LEU A 345 44.86 -4.02 -29.94
C LEU A 345 44.48 -5.17 -30.84
N GLY A 346 44.96 -6.35 -30.46
CA GLY A 346 44.91 -7.50 -31.34
C GLY A 346 43.89 -8.57 -31.06
N PHE A 347 44.19 -9.42 -30.09
CA PHE A 347 43.35 -10.60 -29.90
C PHE A 347 41.81 -10.40 -29.75
N PRO A 348 41.36 -9.29 -29.09
CA PRO A 348 39.92 -9.15 -28.96
C PRO A 348 39.23 -8.94 -30.29
N SER A 349 39.78 -7.99 -31.03
CA SER A 349 39.22 -7.61 -32.30
C SER A 349 39.23 -8.82 -33.25
N ILE A 350 40.33 -9.60 -33.17
CA ILE A 350 40.60 -10.81 -34.00
C ILE A 350 39.71 -12.02 -33.74
N PHE A 351 39.66 -12.41 -32.47
CA PHE A 351 38.76 -13.47 -32.03
C PHE A 351 37.34 -13.04 -32.35
N ARG A 352 37.08 -11.74 -32.25
CA ARG A 352 35.77 -11.21 -32.63
C ARG A 352 35.48 -11.59 -34.06
N GLY A 353 36.30 -11.07 -34.97
CA GLY A 353 36.06 -11.28 -36.39
C GLY A 353 35.92 -12.75 -36.76
N ALA A 354 36.71 -13.59 -36.10
CA ALA A 354 36.62 -15.01 -36.36
C ALA A 354 35.27 -15.55 -35.88
N LEU A 355 34.94 -15.28 -34.62
CA LEU A 355 33.80 -15.87 -33.99
C LEU A 355 32.53 -15.48 -34.70
N ASP A 356 32.45 -14.24 -35.17
CA ASP A 356 31.20 -13.77 -35.76
C ASP A 356 31.01 -14.45 -37.12
N THR A 357 32.09 -14.94 -37.72
CA THR A 357 32.02 -15.64 -39.00
C THR A 357 31.96 -17.17 -38.89
N ARG A 358 32.01 -17.69 -37.66
CA ARG A 358 32.05 -19.14 -37.35
C ARG A 358 33.18 -19.86 -38.09
N SER A 359 34.40 -19.31 -37.95
CA SER A 359 35.59 -19.81 -38.65
C SER A 359 36.21 -21.04 -37.98
N THR A 360 36.94 -21.85 -38.74
CA THR A 360 37.48 -23.07 -38.17
C THR A 360 38.92 -22.81 -37.72
N GLN A 361 39.44 -21.63 -38.06
CA GLN A 361 40.80 -21.22 -37.63
C GLN A 361 40.98 -19.73 -37.55
N ILE A 362 42.10 -19.39 -36.92
CA ILE A 362 42.77 -18.10 -37.08
C ILE A 362 44.08 -18.42 -37.79
N ASN A 363 44.13 -18.02 -39.06
CA ASN A 363 45.29 -18.28 -39.95
C ASN A 363 46.12 -17.02 -40.19
N GLU A 364 47.13 -17.14 -41.03
CA GLU A 364 48.00 -16.01 -41.29
C GLU A 364 47.24 -14.88 -42.04
N GLU A 365 46.30 -15.21 -42.93
CA GLU A 365 45.53 -14.20 -43.71
C GLU A 365 44.84 -13.16 -42.82
N MET A 366 44.25 -13.69 -41.76
CA MET A 366 43.50 -12.93 -40.80
C MET A 366 44.43 -12.02 -40.03
N LYS A 367 45.54 -12.56 -39.55
CA LYS A 367 46.50 -11.78 -38.79
C LYS A 367 47.09 -10.63 -39.64
N LEU A 368 47.26 -10.89 -40.92
CA LEU A 368 47.77 -9.88 -41.83
C LEU A 368 46.76 -8.76 -42.03
N ALA A 369 45.51 -9.11 -42.34
CA ALA A 369 44.45 -8.10 -42.51
C ALA A 369 44.26 -7.23 -41.26
N ALA A 370 44.47 -7.87 -40.11
CA ALA A 370 44.46 -7.16 -38.84
C ALA A 370 45.63 -6.23 -38.73
N VAL A 371 46.82 -6.68 -39.07
CA VAL A 371 47.97 -5.77 -39.02
C VAL A 371 47.71 -4.53 -39.90
N HIS A 372 47.23 -4.77 -41.12
CA HIS A 372 46.90 -3.67 -42.05
C HIS A 372 45.81 -2.74 -41.55
N ALA A 373 44.79 -3.31 -40.91
CA ALA A 373 43.73 -2.46 -40.40
C ALA A 373 44.25 -1.60 -39.23
N LEU A 374 45.01 -2.23 -38.35
CA LEU A 374 45.59 -1.56 -37.20
C LEU A 374 46.43 -0.39 -37.65
N ALA A 375 47.32 -0.63 -38.60
CA ALA A 375 48.15 0.45 -39.11
C ALA A 375 47.34 1.53 -39.82
N LYS A 376 46.33 1.11 -40.59
CA LYS A 376 45.49 2.05 -41.34
C LYS A 376 44.77 3.08 -40.44
N LEU A 377 44.31 2.60 -39.29
CA LEU A 377 43.58 3.43 -38.31
C LEU A 377 44.46 4.57 -37.73
N ALA A 378 45.75 4.32 -37.61
CA ALA A 378 46.64 5.30 -37.00
C ALA A 378 46.75 6.60 -37.78
N ARG A 379 46.61 6.54 -39.10
CA ARG A 379 46.83 7.74 -39.88
C ARG A 379 45.60 8.59 -39.88
N GLU A 380 44.47 8.02 -39.46
CA GLU A 380 43.22 8.78 -39.32
C GLU A 380 43.31 9.79 -38.18
N ASP A 381 42.65 10.94 -38.33
CA ASP A 381 42.66 11.95 -37.27
C ASP A 381 42.25 11.33 -35.94
N VAL A 382 42.88 11.76 -34.85
CA VAL A 382 42.52 11.27 -33.52
C VAL A 382 41.34 12.08 -32.93
N PRO A 383 40.16 11.44 -32.73
CA PRO A 383 38.93 12.05 -32.22
C PRO A 383 39.06 12.55 -30.80
N ASP A 384 38.19 13.47 -30.42
CA ASP A 384 38.26 14.09 -29.11
C ASP A 384 37.81 13.15 -28.03
N LYS A 385 37.21 12.04 -28.44
CA LYS A 385 36.93 10.96 -27.51
C LYS A 385 38.23 10.30 -26.98
N VAL A 386 39.15 9.99 -27.89
CA VAL A 386 40.41 9.34 -27.46
C VAL A 386 41.29 10.31 -26.72
N SER A 387 41.35 11.53 -27.24
CA SER A 387 42.11 12.60 -26.60
C SER A 387 41.57 12.78 -25.21
N ALA A 388 40.25 12.67 -25.07
CA ALA A 388 39.69 12.78 -23.73
C ALA A 388 40.10 11.63 -22.82
N THR A 389 40.03 10.38 -23.29
CA THR A 389 40.40 9.26 -22.41
C THR A 389 41.86 9.42 -21.92
N TYR A 390 42.69 10.07 -22.75
CA TYR A 390 44.08 10.36 -22.43
C TYR A 390 44.30 11.85 -22.12
N GLY A 391 43.32 12.48 -21.48
CA GLY A 391 43.52 13.84 -21.01
C GLY A 391 43.88 14.87 -22.08
N GLY A 392 43.03 15.04 -23.08
CA GLY A 392 43.19 16.12 -24.04
C GLY A 392 44.49 16.10 -24.83
N LYS A 393 45.37 15.16 -24.51
CA LYS A 393 46.63 15.04 -25.22
C LYS A 393 46.26 14.72 -26.66
N SER A 394 46.62 15.62 -27.57
CA SER A 394 46.33 15.40 -28.98
C SER A 394 47.41 14.53 -29.61
N PHE A 395 46.99 13.70 -30.55
CA PHE A 395 47.88 12.79 -31.23
C PHE A 395 47.75 13.06 -32.72
N LYS A 396 48.89 13.06 -33.41
CA LYS A 396 48.88 13.17 -34.85
C LYS A 396 49.78 12.02 -35.28
N PHE A 397 49.40 11.36 -36.37
CA PHE A 397 50.20 10.26 -36.90
C PHE A 397 51.66 10.69 -37.13
N GLY A 398 52.60 10.05 -36.45
CA GLY A 398 53.98 10.45 -36.59
C GLY A 398 54.93 9.65 -35.73
N ARG A 399 56.07 10.23 -35.45
CA ARG A 399 57.14 9.58 -34.68
C ARG A 399 56.76 9.27 -33.26
N ASP A 400 55.72 9.94 -32.78
CA ASP A 400 55.27 9.74 -31.42
C ASP A 400 53.92 9.05 -31.41
N TYR A 401 53.41 8.70 -32.58
CA TYR A 401 52.12 8.03 -32.67
C TYR A 401 52.06 7.09 -33.86
N LEU A 402 52.36 5.83 -33.61
CA LEU A 402 52.37 4.84 -34.68
C LEU A 402 51.15 3.91 -34.69
N ILE A 403 50.61 3.62 -33.50
CA ILE A 403 49.53 2.64 -33.35
C ILE A 403 48.42 3.21 -32.48
N PRO A 404 47.13 2.89 -32.81
CA PRO A 404 46.03 3.48 -32.04
C PRO A 404 46.23 3.21 -30.58
N LYS A 405 45.89 4.15 -29.73
CA LYS A 405 46.06 3.95 -28.30
C LYS A 405 45.16 2.80 -27.83
N PRO A 406 45.56 2.09 -26.75
CA PRO A 406 44.74 0.95 -26.32
C PRO A 406 43.25 1.25 -26.11
N PHE A 407 42.90 2.43 -25.60
CA PHE A 407 41.52 2.75 -25.22
C PHE A 407 40.64 3.42 -26.33
N ASP A 408 41.01 3.24 -27.59
CA ASP A 408 40.21 3.74 -28.71
C ASP A 408 39.09 2.78 -29.06
N THR A 409 37.86 3.28 -29.08
CA THR A 409 36.68 2.45 -29.36
C THR A 409 36.63 2.07 -30.83
N ARG A 410 37.40 2.78 -31.63
CA ARG A 410 37.46 2.49 -33.03
C ARG A 410 38.20 1.19 -33.31
N VAL A 411 39.11 0.78 -32.41
CA VAL A 411 40.01 -0.34 -32.70
C VAL A 411 39.18 -1.53 -33.16
N LEU A 412 38.19 -1.89 -32.35
CA LEU A 412 37.30 -3.01 -32.63
C LEU A 412 36.56 -2.82 -33.97
N LEU A 413 35.97 -1.64 -34.10
CA LEU A 413 35.11 -1.26 -35.21
C LEU A 413 35.82 -1.36 -36.55
N TRP A 414 37.13 -1.25 -36.46
CA TRP A 414 38.03 -1.22 -37.61
C TRP A 414 38.72 -2.55 -37.93
N VAL A 415 39.19 -3.23 -36.87
CA VAL A 415 39.95 -4.47 -37.03
C VAL A 415 39.05 -5.64 -37.20
N ALA A 416 38.14 -5.82 -36.26
CA ALA A 416 37.28 -6.99 -36.24
C ALA A 416 36.57 -7.18 -37.58
N PRO A 417 36.04 -6.11 -38.16
CA PRO A 417 35.44 -6.31 -39.49
C PRO A 417 36.46 -6.71 -40.59
N GLU A 418 37.69 -6.24 -40.50
CA GLU A 418 38.68 -6.66 -41.50
C GLU A 418 39.14 -8.10 -41.26
N VAL A 419 39.23 -8.50 -39.99
CA VAL A 419 39.55 -9.89 -39.64
C VAL A 419 38.45 -10.78 -40.19
N ALA A 420 37.21 -10.30 -40.08
CA ALA A 420 36.08 -10.99 -40.68
C ALA A 420 36.16 -11.08 -42.21
N LYS A 421 36.55 -9.96 -42.84
CA LYS A 421 36.72 -9.83 -44.30
C LYS A 421 37.76 -10.81 -44.89
N ALA A 422 38.86 -10.96 -44.14
CA ALA A 422 39.91 -11.90 -44.51
C ALA A 422 39.48 -13.35 -44.26
N ALA A 423 38.88 -13.61 -43.09
CA ALA A 423 38.42 -14.96 -42.72
C ALA A 423 37.33 -15.45 -43.68
N MET A 424 36.60 -14.53 -44.31
CA MET A 424 35.67 -14.91 -45.37
C MET A 424 36.39 -15.08 -46.71
N LYS A 425 37.31 -14.15 -47.01
CA LYS A 425 38.05 -14.26 -48.28
C LYS A 425 38.95 -15.49 -48.30
N SER A 426 39.52 -15.86 -47.16
CA SER A 426 40.40 -17.03 -47.09
C SER A 426 39.63 -18.34 -46.86
N GLY A 427 38.31 -18.25 -46.76
CA GLY A 427 37.45 -19.42 -46.82
C GLY A 427 37.38 -20.35 -45.61
N VAL A 428 37.96 -19.95 -44.48
CA VAL A 428 37.86 -20.78 -43.30
C VAL A 428 36.56 -20.46 -42.53
N ALA A 429 35.80 -19.44 -42.97
CA ALA A 429 34.52 -19.08 -42.34
C ALA A 429 33.34 -19.93 -42.84
N THR A 430 32.40 -20.23 -41.92
CA THR A 430 31.25 -21.10 -42.22
C THR A 430 29.93 -20.36 -42.22
N ARG A 431 30.00 -19.04 -42.05
CA ARG A 431 28.84 -18.13 -42.07
C ARG A 431 29.26 -16.73 -42.48
N ALA A 432 28.57 -16.20 -43.48
CA ALA A 432 29.03 -15.00 -44.17
C ALA A 432 28.28 -13.76 -43.75
N ILE A 433 29.01 -12.67 -43.48
CA ILE A 433 28.36 -11.40 -43.15
C ILE A 433 28.16 -10.54 -44.42
N GLU A 434 26.92 -10.06 -44.57
CA GLU A 434 26.41 -9.39 -45.78
C GLU A 434 26.40 -7.86 -45.72
N ASP A 435 25.61 -7.32 -44.80
CA ASP A 435 25.52 -5.90 -44.54
C ASP A 435 26.65 -5.54 -43.58
N TRP A 436 27.78 -5.17 -44.16
CA TRP A 436 29.01 -4.87 -43.42
C TRP A 436 28.78 -3.75 -42.40
N ASP A 437 27.97 -2.81 -42.85
CA ASP A 437 27.57 -1.70 -42.03
C ASP A 437 26.85 -2.25 -40.81
N GLN A 438 25.90 -3.17 -41.00
CA GLN A 438 25.12 -3.70 -39.88
C GLN A 438 25.98 -4.41 -38.85
N TYR A 439 27.01 -5.08 -39.35
CA TYR A 439 28.03 -5.70 -38.51
C TYR A 439 28.81 -4.65 -37.67
N ARG A 440 29.29 -3.57 -38.31
CA ARG A 440 29.92 -2.49 -37.54
C ARG A 440 28.92 -1.88 -36.52
N GLU A 441 27.67 -1.69 -36.92
CA GLU A 441 26.62 -1.17 -36.06
C GLU A 441 26.48 -2.02 -34.82
N SER A 442 26.42 -3.34 -35.00
CA SER A 442 26.29 -4.25 -33.86
C SER A 442 27.54 -4.24 -33.00
N LEU A 443 28.70 -4.04 -33.60
CA LEU A 443 29.89 -3.78 -32.78
C LEU A 443 29.76 -2.49 -31.92
N GLU A 444 29.18 -1.44 -32.50
CA GLU A 444 28.94 -0.17 -31.78
C GLU A 444 27.96 -0.40 -30.64
N ALA A 445 26.87 -1.08 -30.99
CA ALA A 445 25.73 -1.36 -30.14
C ALA A 445 26.17 -1.98 -28.84
N LEU A 446 27.20 -2.79 -28.92
CA LEU A 446 27.70 -3.52 -27.78
C LEU A 446 27.89 -2.68 -26.52
N GLN A 447 28.32 -1.43 -26.69
CA GLN A 447 28.51 -0.54 -25.55
C GLN A 447 28.07 0.91 -25.88
N GLY A 448 26.82 1.31 -25.54
CA GLY A 448 25.78 0.53 -24.86
C GLY A 448 24.34 0.75 -25.37
N PRO A 449 23.31 0.64 -24.49
CA PRO A 449 21.90 0.76 -24.91
C PRO A 449 21.48 2.09 -25.48
N SER A 450 22.20 3.15 -25.18
CA SER A 450 21.83 4.41 -25.75
C SER A 450 22.39 4.45 -27.16
N LYS A 451 23.62 3.97 -27.34
CA LYS A 451 24.22 4.03 -28.66
C LYS A 451 23.33 3.37 -29.72
N VAL A 452 22.74 2.22 -29.42
CA VAL A 452 21.96 1.51 -30.45
C VAL A 452 20.71 2.32 -30.85
N PHE A 453 20.17 3.04 -29.87
CA PHE A 453 19.04 3.93 -30.11
C PHE A 453 19.45 5.07 -31.04
N ILE A 454 20.54 5.73 -30.66
CA ILE A 454 20.98 6.93 -31.33
C ILE A 454 21.29 6.57 -32.80
N ARG A 455 21.89 5.39 -33.00
CA ARG A 455 22.26 4.88 -34.34
C ARG A 455 21.00 4.60 -35.16
N SER A 456 19.97 4.05 -34.51
CA SER A 456 18.66 3.94 -35.18
C SER A 456 18.09 5.30 -35.60
N ALA A 457 18.32 6.29 -34.74
CA ALA A 457 17.87 7.65 -35.00
C ALA A 457 18.50 8.26 -36.25
N ILE A 458 19.82 8.18 -36.28
CA ILE A 458 20.62 8.70 -37.35
C ILE A 458 20.21 8.01 -38.62
N ASN A 459 20.08 6.69 -38.54
CA ASN A 459 19.58 5.97 -39.70
C ASN A 459 18.20 6.56 -40.12
N ARG A 460 17.37 6.96 -39.15
CA ARG A 460 16.09 7.54 -39.56
C ARG A 460 16.26 8.94 -40.19
N VAL A 461 17.36 9.62 -39.88
CA VAL A 461 17.72 10.84 -40.60
C VAL A 461 18.03 10.56 -42.06
N HIS A 462 18.93 9.59 -42.25
CA HIS A 462 19.38 9.19 -43.59
C HIS A 462 18.16 8.81 -44.43
N GLN A 463 17.18 8.16 -43.81
CA GLN A 463 16.04 7.66 -44.57
C GLN A 463 15.31 8.76 -45.35
N ASN A 464 14.82 9.78 -44.65
CA ASN A 464 14.05 10.85 -45.32
C ASN A 464 14.99 11.88 -45.96
N SER A 465 16.26 11.80 -45.58
CA SER A 465 17.26 12.49 -46.34
C SER A 465 17.22 11.92 -47.76
N ALA A 466 17.37 10.61 -47.90
CA ALA A 466 17.40 10.00 -49.22
C ALA A 466 16.03 9.97 -49.90
N ALA A 467 14.99 10.45 -49.23
CA ALA A 467 13.69 10.46 -49.87
C ALA A 467 13.30 11.81 -50.38
N ASN A 468 13.99 12.81 -49.85
CA ASN A 468 13.76 14.16 -50.29
C ASN A 468 15.04 14.67 -50.96
N GLY A 469 15.74 13.70 -51.56
CA GLY A 469 16.89 13.98 -52.40
C GLY A 469 18.28 13.93 -51.84
N GLY A 470 18.47 13.38 -50.64
CA GLY A 470 19.80 13.33 -50.07
C GLY A 470 20.12 14.65 -49.42
N GLU A 471 19.07 15.43 -49.22
CA GLU A 471 19.12 16.76 -48.66
C GLU A 471 19.56 16.68 -47.19
N LEU A 472 20.45 17.56 -46.74
CA LEU A 472 20.66 17.63 -45.30
C LEU A 472 20.10 18.89 -44.69
N PRO A 473 19.45 18.73 -43.52
CA PRO A 473 18.83 19.78 -42.70
C PRO A 473 19.84 20.82 -42.26
N ARG A 474 19.55 22.09 -42.51
CA ARG A 474 20.45 23.15 -42.13
C ARG A 474 20.30 23.57 -40.66
N ILE A 475 21.41 23.55 -39.92
CA ILE A 475 21.35 23.87 -38.48
C ILE A 475 22.36 24.94 -37.97
N VAL A 476 21.81 25.93 -37.25
CA VAL A 476 22.55 27.11 -36.77
C VAL A 476 23.07 26.96 -35.35
N PHE A 477 24.32 27.27 -35.14
CA PHE A 477 24.94 27.08 -33.85
C PHE A 477 25.34 28.46 -33.44
N PRO A 478 24.52 29.05 -32.63
CA PRO A 478 24.88 30.42 -32.29
C PRO A 478 26.24 30.53 -31.62
N GLU A 479 26.59 29.57 -30.78
CA GLU A 479 27.84 29.67 -30.03
C GLU A 479 29.03 29.09 -30.82
N GLY A 480 29.46 29.81 -31.86
CA GLY A 480 30.44 29.31 -32.82
C GLY A 480 31.87 29.12 -32.37
N THR A 481 32.27 29.69 -31.24
CA THR A 481 33.64 29.50 -30.79
C THR A 481 33.70 28.53 -29.60
N SER A 482 32.55 27.94 -29.24
CA SER A 482 32.45 26.99 -28.13
C SER A 482 33.15 25.69 -28.44
N THR A 483 34.06 25.32 -27.55
CA THR A 483 34.90 24.15 -27.72
C THR A 483 34.03 22.91 -28.00
N LYS A 484 33.09 22.69 -27.08
CA LYS A 484 32.25 21.49 -27.08
C LYS A 484 31.37 21.37 -28.34
N VAL A 485 30.77 22.47 -28.78
CA VAL A 485 29.91 22.45 -29.96
C VAL A 485 30.70 22.01 -31.17
N LEU A 486 31.88 22.58 -31.29
CA LEU A 486 32.75 22.21 -32.39
C LEU A 486 33.07 20.73 -32.31
N LYS A 487 33.54 20.33 -31.13
CA LYS A 487 34.09 19.01 -30.98
C LYS A 487 33.03 17.98 -31.38
N ALA A 488 31.77 18.25 -31.05
CA ALA A 488 30.69 17.38 -31.52
C ALA A 488 30.46 17.50 -33.03
N LEU A 489 30.52 18.72 -33.56
CA LEU A 489 30.28 18.91 -35.00
C LEU A 489 31.16 18.02 -35.84
N ALA A 490 32.38 17.85 -35.35
CA ALA A 490 33.37 16.99 -36.00
C ALA A 490 32.85 15.57 -36.27
N THR A 491 32.44 14.91 -35.18
CA THR A 491 31.94 13.56 -35.28
C THR A 491 30.59 13.55 -36.02
N LEU A 492 29.90 14.68 -35.98
CA LEU A 492 28.61 14.79 -36.65
C LEU A 492 28.64 14.72 -38.17
N VAL A 493 29.54 15.49 -38.78
CA VAL A 493 29.53 15.61 -40.26
C VAL A 493 29.95 14.32 -40.96
N GLU A 494 30.91 13.58 -40.40
CA GLU A 494 31.26 12.34 -41.07
C GLU A 494 30.06 11.36 -40.96
N GLU A 495 29.03 11.71 -40.16
CA GLU A 495 27.79 10.93 -40.03
C GLU A 495 26.71 11.43 -40.99
N LYS A 496 27.10 12.45 -41.75
CA LYS A 496 26.27 13.23 -42.69
C LYS A 496 24.85 13.34 -42.15
N ILE A 497 24.74 14.05 -41.03
CA ILE A 497 23.46 14.34 -40.41
C ILE A 497 22.82 15.68 -40.79
N CYS A 498 23.65 16.71 -40.84
CA CYS A 498 23.16 18.07 -40.96
C CYS A 498 24.20 18.96 -41.63
N GLN A 499 23.78 20.11 -42.11
CA GLN A 499 24.75 21.09 -42.59
C GLN A 499 24.95 22.20 -41.55
N PRO A 500 26.10 22.18 -40.89
CA PRO A 500 26.39 23.12 -39.81
C PRO A 500 26.70 24.53 -40.31
N ILE A 501 26.05 25.51 -39.66
CA ILE A 501 26.24 26.95 -39.88
C ILE A 501 26.68 27.57 -38.56
N LEU A 502 27.89 28.13 -38.45
CA LEU A 502 28.34 28.67 -37.16
C LEU A 502 28.16 30.20 -37.07
N LEU A 503 28.02 30.75 -35.86
CA LEU A 503 27.86 32.20 -35.74
C LEU A 503 28.91 32.86 -34.84
N GLY A 504 29.43 34.01 -35.29
CA GLY A 504 30.49 34.71 -34.58
C GLY A 504 31.36 35.46 -35.55
N TYR A 505 32.59 35.81 -35.15
CA TYR A 505 33.58 36.38 -36.07
C TYR A 505 34.33 35.39 -36.96
N PRO A 506 34.15 35.50 -38.28
CA PRO A 506 34.72 34.57 -39.25
C PRO A 506 36.19 34.26 -39.01
N GLU A 507 37.03 35.22 -38.63
CA GLU A 507 38.40 34.82 -38.44
C GLU A 507 38.63 34.33 -37.01
N ARG A 508 37.82 34.85 -36.09
CA ARG A 508 37.98 34.51 -34.70
C ARG A 508 37.47 33.12 -34.41
N VAL A 509 36.59 32.59 -35.25
CA VAL A 509 36.18 31.19 -35.10
C VAL A 509 37.14 30.20 -35.79
N LYS A 510 37.68 30.56 -36.96
CA LYS A 510 38.59 29.66 -37.67
C LYS A 510 39.85 29.58 -36.86
N GLU A 511 40.12 30.67 -36.14
CA GLU A 511 41.13 30.59 -35.11
C GLU A 511 40.81 29.46 -34.13
N LYS A 512 39.56 29.31 -33.72
CA LYS A 512 39.32 28.29 -32.74
C LYS A 512 39.35 26.90 -33.38
N ILE A 513 39.00 26.77 -34.65
CA ILE A 513 39.06 25.46 -35.31
C ILE A 513 40.49 24.97 -35.49
N LYS A 514 41.34 25.92 -35.86
CA LYS A 514 42.75 25.66 -36.07
C LYS A 514 43.39 25.44 -34.69
N ALA A 515 42.81 26.06 -33.66
CA ALA A 515 43.28 25.86 -32.30
C ALA A 515 42.93 24.48 -31.72
N LEU A 516 41.86 23.87 -32.24
CA LEU A 516 41.39 22.59 -31.70
C LEU A 516 41.85 21.44 -32.54
N ASP A 517 42.72 21.79 -33.49
CA ASP A 517 43.34 20.86 -34.44
C ASP A 517 42.23 19.95 -34.93
N ILE A 518 41.12 20.54 -35.31
CA ILE A 518 40.05 19.68 -35.75
C ILE A 518 39.64 20.11 -37.14
N PRO A 519 40.45 19.65 -38.10
CA PRO A 519 40.40 20.10 -39.50
C PRO A 519 39.28 19.43 -40.26
N LEU A 520 38.50 18.59 -39.57
CA LEU A 520 37.41 17.86 -40.20
C LEU A 520 36.49 18.84 -40.94
N LEU A 521 36.48 20.09 -40.50
CA LEU A 521 35.54 21.07 -41.00
C LEU A 521 36.03 22.51 -41.21
N ASN A 522 37.10 22.68 -41.97
CA ASN A 522 37.65 24.01 -42.24
C ASN A 522 36.80 24.82 -43.19
N ASP A 523 35.80 24.19 -43.82
CA ASP A 523 35.04 24.86 -44.87
C ASP A 523 33.50 24.97 -44.58
N VAL A 524 33.10 24.84 -43.32
CA VAL A 524 31.69 25.10 -42.98
C VAL A 524 31.32 26.54 -42.99
N SER A 525 30.08 26.83 -43.43
CA SER A 525 29.61 28.22 -43.51
C SER A 525 29.75 28.90 -42.16
N ILE A 526 30.44 30.03 -42.15
CA ILE A 526 30.54 30.80 -40.94
C ILE A 526 30.13 32.21 -41.22
N VAL A 527 29.11 32.63 -40.47
CA VAL A 527 28.42 33.89 -40.68
C VAL A 527 28.39 34.73 -39.39
N HIS A 528 28.73 36.01 -39.56
CA HIS A 528 28.64 37.06 -38.53
C HIS A 528 27.25 37.72 -38.63
N PRO A 529 26.58 37.99 -37.48
CA PRO A 529 25.20 38.50 -37.52
C PRO A 529 25.05 39.81 -38.28
N SER A 530 25.73 40.82 -37.72
CA SER A 530 25.59 42.20 -38.13
C SER A 530 25.88 42.36 -39.60
N SER A 531 26.55 41.37 -40.18
CA SER A 531 27.04 41.46 -41.52
C SER A 531 26.15 40.85 -42.56
N HIS A 532 25.28 39.94 -42.15
CA HIS A 532 24.50 39.19 -43.13
C HIS A 532 23.63 40.13 -43.91
N PRO A 533 23.45 39.85 -45.21
CA PRO A 533 22.70 40.76 -46.08
C PRO A 533 21.26 40.95 -45.65
N LYS A 534 20.62 39.91 -45.15
CA LYS A 534 19.21 40.04 -44.84
C LYS A 534 19.03 40.70 -43.47
N TYR A 535 20.14 41.10 -42.84
CA TYR A 535 20.15 41.67 -41.48
C TYR A 535 19.13 42.78 -41.29
N PHE A 536 19.15 43.73 -42.22
CA PHE A 536 18.27 44.87 -42.13
C PHE A 536 16.81 44.46 -42.39
N SER A 537 16.57 43.47 -43.25
CA SER A 537 15.23 42.90 -43.36
C SER A 537 14.78 42.27 -42.04
N PHE A 538 15.74 41.77 -41.27
CA PHE A 538 15.42 41.11 -40.01
C PHE A 538 15.06 42.07 -38.88
N VAL A 539 15.86 43.13 -38.67
CA VAL A 539 15.64 43.97 -37.49
C VAL A 539 14.26 44.60 -37.64
N GLU A 540 13.79 44.74 -38.88
CA GLU A 540 12.45 45.29 -39.11
C GLU A 540 11.39 44.20 -38.82
N LYS A 541 11.69 42.96 -39.18
CA LYS A 541 10.82 41.83 -38.89
C LYS A 541 10.73 41.55 -37.38
N LEU A 542 11.83 41.70 -36.64
CA LEU A 542 11.76 41.59 -35.17
C LEU A 542 10.89 42.71 -34.62
N TYR A 543 11.07 43.90 -35.21
CA TYR A 543 10.48 45.14 -34.74
C TYR A 543 8.96 45.07 -34.66
N SER A 544 8.29 44.81 -35.79
CA SER A 544 6.83 44.72 -35.76
C SER A 544 6.38 43.63 -34.78
N LEU A 545 7.22 42.62 -34.56
CA LEU A 545 6.85 41.54 -33.66
C LEU A 545 6.98 41.92 -32.19
N ARG A 546 7.78 42.94 -31.87
CA ARG A 546 7.99 43.26 -30.45
C ARG A 546 8.04 44.76 -30.12
N GLN A 547 7.65 45.61 -31.06
CA GLN A 547 7.73 47.07 -30.84
C GLN A 547 6.77 47.52 -29.77
N ARG A 548 5.67 46.80 -29.59
CA ARG A 548 4.76 47.17 -28.53
C ARG A 548 5.00 46.29 -27.32
N LYS A 549 6.13 45.59 -27.31
CA LYS A 549 6.44 44.81 -26.13
C LYS A 549 7.78 45.29 -25.58
N GLY A 550 8.05 46.58 -25.80
CA GLY A 550 9.21 47.25 -25.18
C GLY A 550 10.48 47.41 -26.01
N ILE A 551 10.30 47.30 -27.32
CA ILE A 551 11.43 47.38 -28.24
C ILE A 551 11.25 48.57 -29.23
N ASN A 552 12.23 49.49 -29.23
CA ASN A 552 12.30 50.48 -30.31
C ASN A 552 13.22 49.89 -31.37
N LEU A 553 13.60 50.71 -32.35
CA LEU A 553 14.43 50.26 -33.46
C LEU A 553 15.91 49.97 -33.07
N GLY A 554 16.46 50.78 -32.15
CA GLY A 554 17.85 50.63 -31.74
C GLY A 554 18.11 49.32 -31.02
N GLU A 555 17.22 49.02 -30.07
CA GLU A 555 17.20 47.79 -29.29
C GLU A 555 16.98 46.56 -30.17
N ALA A 556 16.15 46.71 -31.21
CA ALA A 556 15.94 45.62 -32.17
C ALA A 556 17.22 45.37 -32.98
N GLU A 557 17.91 46.43 -33.39
CA GLU A 557 19.21 46.30 -34.04
C GLU A 557 20.20 45.53 -33.17
N ARG A 558 20.38 46.01 -31.94
CA ARG A 558 21.37 45.38 -31.09
C ARG A 558 20.94 43.95 -30.71
N LEU A 559 19.65 43.68 -30.65
CA LEU A 559 19.22 42.31 -30.43
C LEU A 559 19.47 41.36 -31.61
N MET A 560 19.30 41.84 -32.84
CA MET A 560 19.60 40.96 -33.96
C MET A 560 21.10 40.84 -34.02
N ALA A 561 21.81 41.69 -33.26
CA ALA A 561 23.27 41.54 -33.15
C ALA A 561 23.75 40.29 -32.39
N ASP A 562 22.89 39.78 -31.51
CA ASP A 562 23.04 38.53 -30.75
C ASP A 562 23.00 37.28 -31.64
N PRO A 563 24.00 36.38 -31.50
CA PRO A 563 23.95 35.15 -32.31
C PRO A 563 22.65 34.37 -32.10
N ASN A 564 22.14 34.36 -30.87
CA ASN A 564 20.95 33.59 -30.55
C ASN A 564 19.69 34.08 -31.29
N TYR A 565 19.37 35.36 -31.10
CA TYR A 565 18.18 35.97 -31.74
C TYR A 565 18.28 35.81 -33.24
N PHE A 566 19.52 35.84 -33.69
CA PHE A 566 19.82 35.69 -35.10
C PHE A 566 19.53 34.28 -35.63
N ALA A 567 19.92 33.31 -34.82
CA ALA A 567 19.75 31.95 -35.22
C ALA A 567 18.28 31.76 -35.39
N ALA A 568 17.57 32.09 -34.32
CA ALA A 568 16.14 31.83 -34.32
C ALA A 568 15.47 32.53 -35.50
N MET A 569 15.82 33.80 -35.71
CA MET A 569 15.18 34.54 -36.78
C MET A 569 15.40 33.81 -38.09
N MET A 570 16.62 33.30 -38.27
CA MET A 570 16.97 32.53 -39.46
C MET A 570 16.01 31.37 -39.63
N VAL A 571 15.77 30.68 -38.53
CA VAL A 571 14.96 29.46 -38.56
C VAL A 571 13.52 29.76 -38.94
N ASN A 572 13.01 30.84 -38.34
CA ASN A 572 11.63 31.30 -38.49
C ASN A 572 11.35 31.71 -39.92
N GLN A 573 12.42 32.25 -40.53
CA GLN A 573 12.40 32.84 -41.87
C GLN A 573 12.75 31.91 -43.03
N GLY A 574 13.08 30.65 -42.73
CA GLY A 574 13.41 29.68 -43.76
C GLY A 574 14.81 29.73 -44.34
N GLU A 575 15.68 30.52 -43.71
CA GLU A 575 17.09 30.60 -44.07
C GLU A 575 17.86 29.47 -43.39
N ALA A 576 17.18 28.72 -42.54
CA ALA A 576 17.73 27.50 -41.95
C ALA A 576 16.60 26.57 -41.50
N ASP A 577 16.91 25.29 -41.40
CA ASP A 577 15.86 24.37 -41.09
C ASP A 577 15.78 24.15 -39.56
N GLY A 578 16.81 24.59 -38.83
CA GLY A 578 16.82 24.43 -37.37
C GLY A 578 17.93 25.19 -36.65
N MET A 579 17.93 25.11 -35.31
CA MET A 579 18.98 25.71 -34.47
C MET A 579 19.17 24.94 -33.16
N VAL A 580 20.34 25.06 -32.54
CA VAL A 580 20.68 24.49 -31.23
C VAL A 580 21.64 25.38 -30.44
N SER A 581 21.35 25.81 -29.20
CA SER A 581 22.36 26.62 -28.46
C SER A 581 22.42 26.36 -26.98
N GLY A 582 23.05 27.26 -26.22
CA GLY A 582 23.02 27.17 -24.78
C GLY A 582 24.14 26.35 -24.15
N SER A 583 25.30 26.32 -24.81
CA SER A 583 26.46 25.64 -24.24
C SER A 583 27.29 26.56 -23.34
N SER A 584 26.89 27.84 -23.28
CA SER A 584 27.62 28.91 -22.60
C SER A 584 26.79 29.73 -21.60
N ILE A 585 25.49 29.76 -21.89
CA ILE A 585 24.45 30.59 -21.27
C ILE A 585 23.42 29.80 -20.42
N ASN A 586 22.74 30.44 -19.46
CA ASN A 586 21.69 29.72 -18.71
C ASN A 586 20.48 29.32 -19.54
N TYR A 587 19.89 28.16 -19.20
CA TYR A 587 18.83 27.53 -19.99
C TYR A 587 17.73 28.54 -20.33
N ALA A 588 17.34 29.31 -19.33
CA ALA A 588 16.29 30.31 -19.53
C ALA A 588 16.77 31.33 -20.56
N ASP A 589 17.98 31.84 -20.32
CA ASP A 589 18.50 32.91 -21.15
C ASP A 589 18.52 32.46 -22.60
N ALA A 590 18.79 31.18 -22.83
CA ALA A 590 18.88 30.70 -24.20
C ALA A 590 17.51 30.35 -24.78
N VAL A 591 16.55 30.04 -23.92
CA VAL A 591 15.24 29.63 -24.45
C VAL A 591 14.39 30.84 -24.85
N ARG A 592 14.58 31.96 -24.12
CA ARG A 592 13.77 33.20 -24.31
C ARG A 592 13.80 33.74 -25.75
N PRO A 593 15.00 33.80 -26.39
CA PRO A 593 15.03 34.34 -27.74
C PRO A 593 14.21 33.52 -28.71
N ILE A 594 14.28 32.21 -28.48
CA ILE A 594 13.67 31.22 -29.34
C ILE A 594 12.16 31.45 -29.33
N LEU A 595 11.64 31.58 -28.13
CA LEU A 595 10.24 31.81 -27.91
C LEU A 595 9.72 33.17 -28.41
N GLN A 596 10.49 34.22 -28.14
CA GLN A 596 10.10 35.59 -28.53
C GLN A 596 10.08 35.69 -30.04
N THR A 597 10.88 34.83 -30.68
CA THR A 597 11.04 34.92 -32.13
C THR A 597 10.24 33.86 -32.90
N ILE A 598 10.50 32.59 -32.61
CA ILE A 598 9.88 31.46 -33.32
C ILE A 598 8.40 31.21 -32.94
N GLY A 599 8.12 31.25 -31.62
CA GLY A 599 6.78 30.99 -31.06
C GLY A 599 6.50 29.50 -30.94
N VAL A 600 5.29 29.13 -30.51
CA VAL A 600 4.90 27.70 -30.44
C VAL A 600 3.82 27.45 -31.47
N TYR A 601 3.53 26.19 -31.84
CA TYR A 601 2.44 26.00 -32.80
C TYR A 601 1.09 26.20 -32.12
N LYS A 602 0.00 26.20 -32.89
CA LYS A 602 -1.31 26.46 -32.29
C LYS A 602 -1.51 25.50 -31.12
N GLU A 603 -1.82 26.10 -29.96
CA GLU A 603 -2.04 25.39 -28.71
C GLU A 603 -0.75 24.86 -28.13
N GLY A 604 0.37 25.25 -28.70
CA GLY A 604 1.61 24.71 -28.20
C GLY A 604 2.03 25.23 -26.83
N ILE A 605 2.84 24.43 -26.15
CA ILE A 605 3.48 24.79 -24.89
C ILE A 605 4.97 24.36 -24.89
N PRO A 606 5.87 25.28 -24.46
CA PRO A 606 7.31 25.00 -24.38
C PRO A 606 7.60 23.91 -23.39
N ALA A 607 8.31 22.88 -23.85
CA ALA A 607 8.50 21.73 -22.97
C ALA A 607 9.85 21.03 -23.05
N GLY A 608 10.47 20.79 -21.89
CA GLY A 608 11.68 19.98 -21.81
C GLY A 608 11.40 18.50 -21.57
N LEU A 609 11.96 17.63 -22.44
CA LEU A 609 11.60 16.21 -22.48
C LEU A 609 12.85 15.37 -22.37
N ASN A 610 12.72 14.24 -21.69
CA ASN A 610 13.80 13.29 -21.58
C ASN A 610 13.42 11.91 -22.03
N PHE A 611 14.43 11.15 -22.41
CA PHE A 611 14.25 9.73 -22.68
C PHE A 611 15.00 8.89 -21.63
N VAL A 612 14.29 7.91 -21.08
CA VAL A 612 14.84 6.88 -20.22
C VAL A 612 14.96 5.65 -21.07
N LEU A 613 16.18 5.10 -21.15
CA LEU A 613 16.50 4.02 -22.08
C LEU A 613 16.68 2.71 -21.34
N LEU A 614 15.76 1.79 -21.62
CA LEU A 614 15.77 0.46 -21.03
C LEU A 614 16.18 -0.62 -21.98
N GLU A 615 15.97 -1.86 -21.55
CA GLU A 615 16.46 -2.97 -22.32
C GLU A 615 15.57 -3.12 -23.52
N ASP A 616 14.27 -2.94 -23.31
CA ASP A 616 13.34 -3.14 -24.41
C ASP A 616 12.64 -1.82 -24.74
N LYS A 617 11.80 -1.36 -23.81
CA LYS A 617 11.04 -0.16 -24.05
C LYS A 617 11.84 1.01 -23.54
N PHE A 618 11.31 2.19 -23.81
CA PHE A 618 11.91 3.44 -23.39
C PHE A 618 10.81 4.24 -22.74
N LEU A 619 11.16 5.16 -21.85
CA LEU A 619 10.17 6.00 -21.23
C LEU A 619 10.43 7.46 -21.53
N VAL A 620 9.37 8.24 -21.54
CA VAL A 620 9.45 9.64 -21.94
C VAL A 620 9.05 10.47 -20.73
N LEU A 621 9.87 11.45 -20.39
CA LEU A 621 9.62 12.32 -19.23
C LEU A 621 9.42 13.85 -19.62
N ALA A 622 8.37 14.50 -19.09
CA ALA A 622 8.14 15.95 -19.36
C ALA A 622 7.13 16.55 -18.39
N ASP A 623 7.19 17.85 -18.12
CA ASP A 623 8.24 18.74 -18.52
C ASP A 623 9.23 18.91 -17.37
N THR A 624 10.50 18.67 -17.67
CA THR A 624 11.61 18.59 -16.72
C THR A 624 12.57 19.79 -16.64
N THR A 625 12.34 20.83 -17.48
CA THR A 625 13.15 22.09 -17.65
C THR A 625 12.49 23.52 -17.70
N VAL A 626 11.28 23.60 -18.27
CA VAL A 626 10.67 24.88 -18.69
C VAL A 626 9.78 25.47 -17.60
N ASN A 627 8.59 24.85 -17.46
CA ASN A 627 7.45 25.35 -16.68
C ASN A 627 7.58 25.01 -15.21
N LEU A 628 7.44 26.00 -14.32
CA LEU A 628 7.50 25.76 -12.86
C LEU A 628 6.33 24.97 -12.24
N ASN A 629 5.11 25.36 -12.54
CA ASN A 629 3.98 24.67 -11.98
C ASN A 629 2.83 24.65 -12.98
N PRO A 630 2.89 23.73 -13.93
CA PRO A 630 1.94 23.69 -15.04
C PRO A 630 0.50 23.47 -14.62
N THR A 631 -0.40 24.20 -15.25
CA THR A 631 -1.82 24.03 -14.97
C THR A 631 -2.27 22.74 -15.57
N ALA A 632 -3.48 22.33 -15.23
CA ALA A 632 -4.01 21.09 -15.74
C ALA A 632 -3.98 21.08 -17.27
N GLU A 633 -4.44 22.18 -17.86
CA GLU A 633 -4.52 22.28 -19.31
C GLU A 633 -3.12 22.11 -19.87
N GLN A 634 -2.15 22.77 -19.23
CA GLN A 634 -0.75 22.69 -19.66
C GLN A 634 -0.20 21.27 -19.61
N CYS A 635 -0.55 20.55 -18.54
CA CYS A 635 -0.17 19.15 -18.41
C CYS A 635 -0.78 18.35 -19.54
N ALA A 636 -2.04 18.63 -19.84
CA ALA A 636 -2.69 18.00 -20.99
C ALA A 636 -1.94 18.24 -22.36
N GLN A 637 -1.52 19.48 -22.60
CA GLN A 637 -0.83 19.78 -23.85
C GLN A 637 0.55 19.06 -23.84
N ILE A 638 1.25 19.07 -22.70
CA ILE A 638 2.55 18.39 -22.59
C ILE A 638 2.40 16.95 -23.02
N ALA A 639 1.36 16.35 -22.46
CA ALA A 639 1.06 14.96 -22.75
C ALA A 639 0.78 14.75 -24.24
N LEU A 640 -0.14 15.53 -24.81
CA LEU A 640 -0.50 15.38 -26.22
C LEU A 640 0.73 15.40 -27.13
N GLN A 641 1.61 16.36 -26.84
CA GLN A 641 2.84 16.52 -27.59
C GLN A 641 3.76 15.30 -27.44
N ALA A 642 4.06 14.90 -26.20
CA ALA A 642 4.93 13.73 -25.95
C ALA A 642 4.38 12.43 -26.59
N ALA A 643 3.06 12.40 -26.66
CA ALA A 643 2.32 11.35 -27.34
C ALA A 643 2.53 11.36 -28.86
N LYS A 644 2.55 12.57 -29.46
CA LYS A 644 2.92 12.68 -30.89
C LYS A 644 4.35 12.19 -31.09
N ILE A 645 5.23 12.56 -30.15
CA ILE A 645 6.64 12.12 -30.21
C ILE A 645 6.77 10.62 -30.25
N VAL A 646 6.09 9.95 -29.34
CA VAL A 646 6.21 8.51 -29.31
C VAL A 646 5.50 7.89 -30.52
N GLU A 647 4.44 8.54 -31.01
CA GLU A 647 3.80 8.12 -32.27
C GLU A 647 4.76 8.19 -33.46
N TYR A 648 5.71 9.13 -33.41
CA TYR A 648 6.70 9.25 -34.48
C TYR A 648 7.49 7.98 -34.66
N PHE A 649 7.70 7.30 -33.55
CA PHE A 649 8.49 6.08 -33.57
C PHE A 649 7.60 4.86 -33.68
N GLY A 650 6.33 5.05 -34.00
CA GLY A 650 5.43 3.92 -34.19
C GLY A 650 5.16 3.08 -32.94
N ILE A 651 5.48 3.64 -31.76
CA ILE A 651 5.20 2.95 -30.53
C ILE A 651 3.94 3.62 -30.05
N GLU A 652 2.99 2.81 -29.56
CA GLU A 652 1.72 3.33 -29.06
C GLU A 652 2.00 4.10 -27.78
N PRO A 653 1.67 5.40 -27.76
CA PRO A 653 1.96 6.11 -26.51
C PRO A 653 0.90 5.77 -25.43
N ARG A 654 1.33 5.40 -24.22
CA ARG A 654 0.45 5.13 -23.05
C ARG A 654 0.84 6.11 -21.93
N VAL A 655 -0.08 7.01 -21.59
CA VAL A 655 0.25 8.20 -20.81
C VAL A 655 -0.25 8.26 -19.38
N ALA A 656 0.64 8.63 -18.43
CA ALA A 656 0.23 8.79 -17.04
C ALA A 656 0.54 10.19 -16.50
N MET A 657 -0.50 10.82 -15.94
CA MET A 657 -0.39 12.09 -15.24
C MET A 657 0.01 11.83 -13.79
N LEU A 658 1.26 12.05 -13.46
CA LEU A 658 1.76 11.54 -12.18
C LEU A 658 1.42 12.38 -10.97
N SER A 659 1.36 11.69 -9.83
CA SER A 659 0.96 12.26 -8.55
C SER A 659 1.53 11.44 -7.35
N TYR A 660 1.32 11.92 -6.12
CA TYR A 660 1.62 11.15 -4.90
C TYR A 660 0.40 10.31 -4.56
N SER A 661 -0.70 10.50 -5.30
CA SER A 661 -2.00 9.90 -4.99
C SER A 661 -2.51 8.95 -6.06
N ASN A 662 -3.32 7.98 -5.64
CA ASN A 662 -3.97 7.07 -6.58
C ASN A 662 -5.42 7.43 -6.75
N PHE A 663 -5.72 8.13 -7.85
CA PHE A 663 -7.10 8.45 -8.23
C PHE A 663 -7.88 9.12 -7.09
N SER A 664 -7.23 9.99 -6.33
CA SER A 664 -7.90 10.53 -5.19
C SER A 664 -8.72 11.70 -5.69
N GLY A 665 -8.20 12.40 -6.69
CA GLY A 665 -8.91 13.57 -7.17
C GLY A 665 -8.98 14.65 -6.10
N ALA A 666 -8.20 14.47 -5.03
CA ALA A 666 -8.16 15.38 -3.89
C ALA A 666 -7.73 16.78 -4.31
N GLU A 667 -8.11 17.77 -3.53
CA GLU A 667 -7.73 19.14 -3.85
C GLU A 667 -6.24 19.37 -3.99
N GLY A 668 -5.87 20.20 -4.95
CA GLY A 668 -4.49 20.49 -5.20
C GLY A 668 -4.05 19.70 -6.41
N THR A 669 -2.85 19.14 -6.27
CA THR A 669 -2.17 18.38 -7.33
C THR A 669 -3.01 17.28 -7.93
N PRO A 670 -3.61 16.44 -7.06
CA PRO A 670 -4.30 15.31 -7.65
C PRO A 670 -5.41 15.77 -8.58
N ARG A 671 -6.20 16.76 -8.16
CA ARG A 671 -7.29 17.17 -9.04
C ARG A 671 -6.75 17.76 -10.33
N LYS A 672 -5.68 18.56 -10.23
CA LYS A 672 -5.08 19.16 -11.42
C LYS A 672 -4.69 18.07 -12.43
N MET A 673 -4.09 16.99 -11.93
CA MET A 673 -3.68 15.91 -12.82
C MET A 673 -4.84 15.02 -13.33
N LYS A 674 -5.87 14.77 -12.51
CA LYS A 674 -7.04 13.99 -12.96
C LYS A 674 -7.79 14.76 -14.06
N LYS A 675 -8.03 16.05 -13.78
CA LYS A 675 -8.68 16.91 -14.76
C LYS A 675 -7.77 16.94 -16.00
N ALA A 676 -6.47 16.87 -15.77
CA ALA A 676 -5.53 16.82 -16.87
C ALA A 676 -5.74 15.62 -17.81
N ALA A 677 -5.73 14.42 -17.25
CA ALA A 677 -5.93 13.24 -18.08
C ALA A 677 -7.26 13.33 -18.84
N GLU A 678 -8.29 13.79 -18.13
CA GLU A 678 -9.63 13.90 -18.73
C GLU A 678 -9.58 14.79 -19.99
N ILE A 679 -8.86 15.93 -19.89
CA ILE A 679 -8.69 16.85 -21.02
C ILE A 679 -7.91 16.18 -22.15
N ALA A 680 -6.90 15.40 -21.73
CA ALA A 680 -5.99 14.72 -22.66
C ALA A 680 -6.76 13.80 -23.58
N ARG A 681 -7.66 13.01 -23.00
CA ARG A 681 -8.53 12.18 -23.81
C ARG A 681 -9.43 13.10 -24.63
N SER A 682 -9.81 14.24 -24.04
CA SER A 682 -10.74 15.16 -24.68
C SER A 682 -10.25 15.69 -26.00
N LEU A 683 -8.93 15.84 -26.15
CA LEU A 683 -8.35 16.25 -27.44
C LEU A 683 -7.93 15.04 -28.27
N ARG A 684 -7.61 13.93 -27.59
CA ARG A 684 -7.29 12.71 -28.32
C ARG A 684 -7.79 11.41 -27.69
N PRO A 685 -9.05 11.02 -28.00
CA PRO A 685 -9.76 9.81 -27.54
C PRO A 685 -9.22 8.54 -28.15
N ASP A 686 -8.34 8.64 -29.14
CA ASP A 686 -7.70 7.43 -29.66
C ASP A 686 -6.56 6.98 -28.73
N LEU A 687 -6.22 7.81 -27.74
CA LEU A 687 -5.03 7.56 -26.95
C LEU A 687 -5.33 7.08 -25.55
N MET A 688 -4.54 6.10 -25.10
CA MET A 688 -4.71 5.46 -23.79
C MET A 688 -4.05 6.29 -22.68
N ILE A 689 -4.85 7.15 -22.04
CA ILE A 689 -4.33 8.13 -21.09
C ILE A 689 -5.18 8.12 -19.82
N GLU A 690 -4.54 8.13 -18.65
CA GLU A 690 -5.26 8.04 -17.36
C GLU A 690 -4.55 8.87 -16.29
N GLY A 691 -5.24 9.10 -15.18
CA GLY A 691 -4.72 9.87 -14.06
C GLY A 691 -5.84 10.31 -13.13
N ASP A 692 -5.51 10.73 -11.92
CA ASP A 692 -4.15 10.83 -11.41
C ASP A 692 -3.61 9.51 -10.88
N MET A 693 -2.29 9.35 -10.77
CA MET A 693 -1.74 8.13 -10.18
C MET A 693 -0.36 8.35 -9.55
N GLN A 694 0.07 7.42 -8.70
CA GLN A 694 1.45 7.39 -8.18
C GLN A 694 2.37 6.90 -9.31
N ALA A 695 3.67 6.85 -9.03
CA ALA A 695 4.63 6.46 -10.08
C ALA A 695 4.62 4.96 -10.45
N ASP A 696 4.70 4.12 -9.42
CA ASP A 696 4.75 2.69 -9.62
C ASP A 696 3.43 2.19 -10.15
N THR A 697 2.36 2.76 -9.63
CA THR A 697 1.06 2.44 -10.16
C THR A 697 1.00 2.77 -11.64
N ALA A 698 1.82 3.75 -12.03
CA ALA A 698 1.86 4.26 -13.39
C ALA A 698 2.60 3.37 -14.34
N VAL A 699 3.88 3.16 -14.06
CA VAL A 699 4.81 2.50 -15.01
C VAL A 699 4.68 0.97 -15.13
N ASN A 700 4.10 0.40 -14.07
CA ASN A 700 3.89 -1.03 -13.82
C ASN A 700 2.40 -1.32 -14.01
N PRO A 701 2.06 -2.16 -14.98
CA PRO A 701 0.72 -2.62 -15.39
C PRO A 701 0.13 -3.69 -14.44
N GLU A 702 1.02 -4.38 -13.73
CA GLU A 702 0.58 -5.38 -12.80
C GLU A 702 -0.14 -4.68 -11.65
N ILE A 703 0.51 -3.66 -11.10
CA ILE A 703 -0.09 -2.92 -9.99
C ILE A 703 -1.43 -2.31 -10.44
N MET A 704 -1.49 -1.78 -11.67
CA MET A 704 -2.71 -1.23 -12.27
C MET A 704 -3.85 -2.24 -12.47
N GLU A 705 -3.59 -3.43 -13.01
CA GLU A 705 -4.69 -4.40 -13.24
C GLU A 705 -5.16 -4.97 -11.94
N ARG A 706 -4.22 -5.17 -11.02
CA ARG A 706 -4.57 -5.72 -9.74
C ARG A 706 -5.33 -4.74 -8.88
N LEU A 707 -4.91 -3.49 -8.82
CA LEU A 707 -5.52 -2.59 -7.84
C LEU A 707 -6.59 -1.70 -8.44
N PHE A 708 -6.39 -1.23 -9.65
CA PHE A 708 -7.35 -0.30 -10.21
C PHE A 708 -7.71 -0.65 -11.63
N PRO A 709 -8.35 -1.82 -11.84
CA PRO A 709 -8.62 -2.32 -13.19
C PRO A 709 -9.60 -1.44 -14.00
N PHE A 710 -10.23 -0.46 -13.37
CA PHE A 710 -11.15 0.46 -14.05
C PHE A 710 -10.43 1.51 -14.92
N SER A 711 -9.16 1.68 -14.62
CA SER A 711 -8.26 2.60 -15.32
C SER A 711 -8.17 2.27 -16.82
N GLY A 712 -8.25 3.30 -17.66
CA GLY A 712 -8.18 3.10 -19.09
C GLY A 712 -6.77 2.75 -19.51
N LEU A 713 -5.82 2.90 -18.59
CA LEU A 713 -4.40 2.65 -18.86
C LEU A 713 -4.02 1.22 -18.58
N LYS A 714 -3.74 0.48 -19.66
CA LYS A 714 -3.33 -0.90 -19.52
C LYS A 714 -2.09 -1.15 -20.31
N GLY A 715 -1.15 -1.88 -19.73
CA GLY A 715 0.09 -2.19 -20.42
C GLY A 715 1.26 -1.33 -19.98
N GLY A 716 1.09 -0.65 -18.84
CA GLY A 716 2.13 0.19 -18.29
C GLY A 716 2.31 1.45 -19.10
N ALA A 717 2.39 2.58 -18.40
CA ALA A 717 2.51 3.85 -19.08
C ALA A 717 3.92 3.94 -19.60
N ASN A 718 4.07 4.51 -20.78
CA ASN A 718 5.39 4.72 -21.38
C ASN A 718 5.68 6.21 -21.54
N VAL A 719 4.71 7.02 -21.11
CA VAL A 719 4.82 8.48 -21.09
C VAL A 719 4.51 8.98 -19.69
N LEU A 720 5.52 9.55 -19.03
CA LEU A 720 5.33 10.09 -17.69
C LEU A 720 5.40 11.66 -17.69
N VAL A 721 4.21 12.23 -17.43
CA VAL A 721 4.01 13.68 -17.32
C VAL A 721 4.03 14.06 -15.86
N PHE A 722 4.72 15.12 -15.51
CA PHE A 722 4.86 15.49 -14.10
C PHE A 722 3.86 16.54 -13.48
N PRO A 723 3.72 16.53 -12.16
CA PRO A 723 2.86 17.55 -11.59
C PRO A 723 3.56 18.88 -11.45
N ASN A 724 4.90 18.90 -11.37
CA ASN A 724 5.69 20.15 -11.37
C ASN A 724 7.18 19.96 -11.69
N LEU A 725 7.91 21.07 -11.79
CA LEU A 725 9.33 21.08 -12.21
C LEU A 725 10.26 20.38 -11.22
N GLU A 726 9.99 20.52 -9.92
CA GLU A 726 10.76 19.85 -8.87
C GLU A 726 10.73 18.32 -9.05
N SER A 727 9.53 17.81 -9.22
CA SER A 727 9.36 16.38 -9.41
C SER A 727 10.13 15.90 -10.62
N SER A 728 9.91 16.55 -11.75
CA SER A 728 10.53 16.10 -12.97
C SER A 728 12.05 16.17 -12.93
N ASN A 729 12.60 17.35 -12.68
CA ASN A 729 14.06 17.52 -12.65
C ASN A 729 14.72 16.70 -11.54
N ILE A 730 14.05 16.47 -10.42
CA ILE A 730 14.69 15.58 -9.45
C ILE A 730 14.60 14.12 -9.93
N ALA A 731 13.48 13.78 -10.55
CA ALA A 731 13.26 12.43 -11.02
C ALA A 731 14.30 12.03 -12.04
N TYR A 732 14.36 12.76 -13.15
CA TYR A 732 15.21 12.38 -14.25
C TYR A 732 16.66 12.33 -13.80
N LYS A 733 17.11 13.34 -13.05
CA LYS A 733 18.49 13.32 -12.65
C LYS A 733 18.79 12.19 -11.61
N LEU A 734 17.79 11.77 -10.82
CA LEU A 734 18.01 10.59 -9.94
C LEU A 734 17.93 9.21 -10.62
N ILE A 735 17.05 9.07 -11.59
CA ILE A 735 17.04 7.87 -12.41
C ILE A 735 18.40 7.77 -13.05
N GLN A 736 18.90 8.92 -13.52
CA GLN A 736 20.20 8.96 -14.23
C GLN A 736 21.33 8.53 -13.29
N GLN A 737 21.40 9.11 -12.09
CA GLN A 737 22.55 8.80 -11.26
C GLN A 737 22.48 7.48 -10.51
N ILE A 738 21.28 7.06 -10.13
CA ILE A 738 21.16 5.90 -9.26
C ILE A 738 20.60 4.72 -10.00
N GLY A 739 19.62 5.00 -10.85
CA GLY A 739 18.92 3.94 -11.54
C GLY A 739 19.89 3.16 -12.38
N LYS A 740 21.01 3.81 -12.69
CA LYS A 740 22.07 3.23 -13.50
C LYS A 740 21.51 2.77 -14.86
N ALA A 741 20.28 3.16 -15.20
CA ALA A 741 19.74 3.07 -16.58
C ALA A 741 20.06 4.38 -17.28
N GLU A 742 20.13 4.34 -18.60
CA GLU A 742 20.61 5.50 -19.33
C GLU A 742 19.55 6.55 -19.64
N VAL A 743 19.91 7.82 -19.42
CA VAL A 743 19.02 8.91 -19.74
C VAL A 743 19.61 10.00 -20.62
N ILE A 744 18.94 10.22 -21.76
CA ILE A 744 19.34 11.25 -22.72
C ILE A 744 18.33 12.40 -22.66
N GLY A 745 18.73 13.57 -23.14
CA GLY A 745 17.89 14.76 -23.04
C GLY A 745 18.53 15.72 -22.07
N PRO A 746 17.88 16.86 -21.78
CA PRO A 746 16.57 17.33 -22.23
C PRO A 746 16.47 18.11 -23.56
N PHE A 747 15.35 17.88 -24.23
CA PHE A 747 15.05 18.47 -25.53
C PHE A 747 13.82 19.38 -25.50
N LEU A 748 13.71 20.28 -26.44
CA LEU A 748 12.60 21.20 -26.48
C LEU A 748 11.46 20.69 -27.38
N THR A 749 10.23 20.83 -26.92
CA THR A 749 9.06 20.31 -27.64
C THR A 749 8.02 21.43 -27.76
N GLY A 750 7.32 21.46 -28.91
CA GLY A 750 6.17 22.33 -29.09
C GLY A 750 6.40 23.62 -29.87
N VAL A 751 7.66 23.85 -30.27
CA VAL A 751 8.07 25.08 -30.96
C VAL A 751 7.66 25.03 -32.42
N ARG A 752 7.44 26.19 -33.05
CA ARG A 752 6.92 26.18 -34.42
C ARG A 752 7.90 25.54 -35.38
N ARG A 753 9.18 25.80 -35.14
CA ARG A 753 10.24 25.32 -36.00
C ARG A 753 11.29 24.59 -35.16
N SER A 754 12.10 23.76 -35.79
CA SER A 754 13.01 22.89 -35.08
C SER A 754 14.04 23.64 -34.25
N ALA A 755 13.90 23.59 -32.94
CA ALA A 755 14.82 24.27 -32.03
C ALA A 755 15.01 23.47 -30.78
N ASN A 756 16.22 23.51 -30.24
CA ASN A 756 16.59 22.78 -29.03
C ASN A 756 17.66 23.43 -28.17
N VAL A 757 17.51 23.45 -26.87
CA VAL A 757 18.51 24.07 -26.01
C VAL A 757 19.32 23.05 -25.18
N LEU A 758 20.63 23.26 -25.08
CA LEU A 758 21.49 22.45 -24.23
C LEU A 758 21.64 23.02 -22.83
N GLN A 759 22.18 22.20 -21.91
CA GLN A 759 22.62 22.72 -20.62
C GLN A 759 24.10 23.06 -20.78
N ARG A 760 24.66 23.87 -19.88
CA ARG A 760 26.08 24.24 -19.94
C ARG A 760 26.92 22.99 -19.69
N THR A 761 26.34 22.11 -18.87
CA THR A 761 26.91 20.84 -18.44
C THR A 761 26.80 19.69 -19.45
N THR A 762 26.40 20.01 -20.66
CA THR A 762 26.17 19.03 -21.69
C THR A 762 27.48 18.38 -22.06
N THR A 763 27.47 17.07 -22.24
CA THR A 763 28.64 16.36 -22.76
C THR A 763 28.64 16.48 -24.27
N VAL A 764 29.75 16.07 -24.89
CA VAL A 764 29.88 16.20 -26.34
C VAL A 764 28.84 15.29 -26.99
N ASP A 765 28.72 14.11 -26.40
CA ASP A 765 27.71 13.14 -26.81
C ASP A 765 26.34 13.85 -26.79
N GLY A 766 26.10 14.61 -25.72
CA GLY A 766 24.81 15.26 -25.52
C GLY A 766 24.50 16.26 -26.60
N ILE A 767 25.54 16.99 -26.97
CA ILE A 767 25.38 18.04 -27.96
C ILE A 767 25.03 17.34 -29.28
N VAL A 768 25.75 16.25 -29.60
CA VAL A 768 25.49 15.59 -30.89
C VAL A 768 24.10 14.91 -31.00
N ASN A 769 23.69 14.12 -30.02
CA ASN A 769 22.34 13.57 -30.19
C ASN A 769 21.25 14.67 -30.15
N SER A 770 21.49 15.70 -29.36
CA SER A 770 20.58 16.83 -29.35
C SER A 770 20.42 17.38 -30.79
N VAL A 771 21.55 17.53 -31.47
CA VAL A 771 21.53 17.99 -32.86
C VAL A 771 20.71 17.06 -33.75
N VAL A 772 20.89 15.74 -33.55
CA VAL A 772 20.17 14.71 -34.35
C VAL A 772 18.65 14.87 -34.29
N PHE A 773 18.17 14.99 -33.05
CA PHE A 773 16.75 15.28 -32.91
C PHE A 773 16.34 16.60 -33.58
N THR A 774 17.16 17.64 -33.45
CA THR A 774 16.78 18.91 -34.09
C THR A 774 16.58 18.67 -35.61
N ALA A 775 17.51 17.93 -36.19
CA ALA A 775 17.46 17.62 -37.61
C ALA A 775 16.19 16.87 -38.00
N LEU A 776 15.97 15.76 -37.31
CA LEU A 776 14.78 14.94 -37.54
C LEU A 776 13.49 15.75 -37.46
N GLU A 777 13.45 16.61 -36.44
CA GLU A 777 12.30 17.46 -36.22
C GLU A 777 12.10 18.30 -37.46
N ALA A 778 13.21 18.80 -38.00
CA ALA A 778 13.14 19.61 -39.21
C ALA A 778 12.57 18.83 -40.39
N GLN A 779 13.05 17.61 -40.59
CA GLN A 779 12.50 16.81 -41.67
C GLN A 779 11.01 16.57 -41.48
N TYR A 780 10.54 16.33 -40.23
CA TYR A 780 9.10 16.13 -40.00
C TYR A 780 8.34 17.43 -40.31
N ILE A 781 8.96 18.56 -40.01
CA ILE A 781 8.31 19.84 -40.26
C ILE A 781 8.05 19.96 -41.75
N LYS A 782 9.05 19.58 -42.55
CA LYS A 782 8.90 19.67 -44.00
C LYS A 782 7.73 18.89 -44.56
N GLU A 783 7.54 17.70 -44.03
CA GLU A 783 6.45 16.87 -44.48
C GLU A 783 5.13 17.47 -44.03
N VAL A 784 5.10 18.03 -42.82
CA VAL A 784 3.86 18.67 -42.38
C VAL A 784 3.53 19.89 -43.26
N LEU A 785 4.53 20.65 -43.70
CA LEU A 785 4.31 21.75 -44.65
C LEU A 785 3.77 21.27 -45.99
N LYS A 786 4.43 20.25 -46.54
CA LYS A 786 4.05 19.71 -47.85
C LYS A 786 2.58 19.24 -47.92
N SER A 787 2.12 18.50 -46.90
CA SER A 787 0.76 17.98 -46.85
C SER A 787 -0.33 19.07 -46.89
N THR B 27 5.31 -28.68 -32.04
CA THR B 27 4.58 -28.09 -30.91
C THR B 27 4.87 -26.59 -30.84
N ASN B 28 3.89 -25.82 -30.33
CA ASN B 28 4.11 -24.41 -30.00
C ASN B 28 5.17 -24.23 -28.90
N PHE B 29 5.19 -25.15 -27.95
CA PHE B 29 6.14 -25.10 -26.83
C PHE B 29 7.56 -25.32 -27.37
N ASP B 30 7.71 -26.23 -28.34
CA ASP B 30 9.01 -26.44 -29.00
C ASP B 30 9.48 -25.11 -29.65
N GLN B 31 8.60 -24.46 -30.42
CA GLN B 31 8.96 -23.19 -31.05
C GLN B 31 9.34 -22.10 -30.03
N GLU B 32 8.57 -22.04 -28.93
CA GLU B 32 8.79 -21.06 -27.86
C GLU B 32 10.17 -21.28 -27.23
N ALA B 33 10.58 -22.54 -27.15
CA ALA B 33 11.92 -22.85 -26.67
C ALA B 33 13.02 -22.41 -27.67
N LEU B 34 12.85 -22.72 -28.96
CA LEU B 34 13.86 -22.30 -29.92
C LEU B 34 14.04 -20.78 -29.90
N LEU B 35 12.92 -20.07 -29.95
CA LEU B 35 12.94 -18.61 -29.91
C LEU B 35 13.53 -18.09 -28.59
N TYR B 36 13.30 -18.82 -27.50
CA TYR B 36 13.93 -18.47 -26.22
C TYR B 36 15.44 -18.49 -26.32
N HIS B 37 15.94 -19.56 -26.91
CA HIS B 37 17.38 -19.78 -26.97
C HIS B 37 18.10 -18.92 -28.01
N GLN B 38 17.42 -18.57 -29.10
CA GLN B 38 18.05 -17.89 -30.26
C GLN B 38 18.17 -16.34 -30.17
N GLN B 39 17.14 -15.70 -29.60
CA GLN B 39 16.95 -14.24 -29.56
C GLN B 39 18.01 -13.47 -28.79
N GLY B 40 18.07 -12.17 -29.04
CA GLY B 40 18.97 -11.28 -28.31
C GLY B 40 20.42 -11.71 -28.34
N LYS B 41 21.01 -11.87 -27.17
CA LYS B 41 22.31 -12.51 -27.08
C LYS B 41 22.10 -14.03 -27.15
N PRO B 42 22.54 -14.66 -28.25
CA PRO B 42 22.41 -16.12 -28.35
C PRO B 42 23.14 -16.80 -27.23
N GLY B 43 22.65 -17.99 -26.88
CA GLY B 43 23.08 -18.74 -25.71
C GLY B 43 22.21 -18.48 -24.49
N LYS B 44 22.70 -18.90 -23.34
CA LYS B 44 21.96 -18.67 -22.13
C LYS B 44 22.89 -18.10 -21.05
N ILE B 45 24.17 -17.93 -21.36
CA ILE B 45 25.16 -17.47 -20.37
C ILE B 45 26.05 -16.33 -20.87
N GLU B 46 26.64 -15.62 -19.91
CA GLU B 46 27.46 -14.42 -20.17
C GLU B 46 28.44 -14.37 -18.98
N VAL B 47 29.59 -13.70 -19.09
CA VAL B 47 30.43 -13.51 -17.90
C VAL B 47 30.65 -12.02 -17.63
N ILE B 48 30.59 -11.62 -16.36
CA ILE B 48 30.84 -10.25 -15.94
C ILE B 48 31.98 -10.20 -14.95
N SER B 49 32.42 -8.99 -14.66
CA SER B 49 33.45 -8.76 -13.66
C SER B 49 32.87 -8.68 -12.28
N SER B 50 33.61 -9.10 -11.28
CA SER B 50 33.14 -8.95 -9.92
C SER B 50 33.82 -7.75 -9.27
N LYS B 51 34.67 -7.08 -10.05
CA LYS B 51 35.42 -5.94 -9.55
C LYS B 51 35.46 -4.77 -10.57
N PRO B 52 35.62 -3.53 -10.07
CA PRO B 52 35.73 -2.36 -10.97
C PRO B 52 36.74 -2.57 -12.07
N CYS B 53 36.47 -2.04 -13.25
CA CYS B 53 37.39 -2.22 -14.37
C CYS B 53 37.29 -1.13 -15.44
N ALA B 54 37.06 0.10 -15.01
CA ALA B 54 36.82 1.17 -15.95
C ALA B 54 38.07 1.92 -16.36
N THR B 55 39.04 1.98 -15.45
CA THR B 55 40.17 2.88 -15.64
C THR B 55 41.50 2.18 -15.89
N GLU B 56 42.49 3.00 -16.21
CA GLU B 56 43.88 2.60 -16.27
C GLU B 56 44.25 1.95 -14.92
N LYS B 57 43.82 2.56 -13.81
CA LYS B 57 44.13 2.07 -12.45
C LYS B 57 43.52 0.69 -12.19
N ASP B 58 42.22 0.57 -12.50
CA ASP B 58 41.48 -0.67 -12.32
C ASP B 58 42.19 -1.86 -12.94
N LEU B 59 42.64 -1.67 -14.17
CA LEU B 59 43.31 -2.73 -14.89
C LEU B 59 44.79 -2.86 -14.54
N SER B 60 45.38 -1.81 -13.93
CA SER B 60 46.75 -1.95 -13.45
C SER B 60 46.69 -2.79 -12.18
N LEU B 61 45.48 -2.95 -11.64
CA LEU B 61 45.25 -3.93 -10.56
C LEU B 61 44.82 -5.31 -11.08
N ALA B 62 43.83 -5.36 -11.97
CA ALA B 62 43.34 -6.63 -12.47
C ALA B 62 44.38 -7.38 -13.35
N TYR B 63 45.28 -6.63 -14.01
CA TYR B 63 46.32 -7.24 -14.87
C TYR B 63 47.69 -6.67 -14.48
N SER B 64 48.57 -6.47 -15.45
CA SER B 64 49.91 -5.97 -15.16
CA SER B 64 49.91 -5.97 -15.17
C SER B 64 49.86 -4.52 -14.70
N PRO B 65 50.74 -4.15 -13.74
CA PRO B 65 51.71 -5.07 -13.13
C PRO B 65 51.21 -5.71 -11.83
N GLY B 66 50.07 -5.24 -11.35
CA GLY B 66 49.57 -5.61 -10.03
C GLY B 66 49.19 -7.07 -9.81
N VAL B 67 48.62 -7.70 -10.82
CA VAL B 67 48.10 -9.06 -10.69
C VAL B 67 49.20 -10.05 -10.35
N ALA B 68 50.43 -9.59 -10.42
CA ALA B 68 51.57 -10.42 -10.06
C ALA B 68 51.58 -10.73 -8.56
N ALA B 69 51.11 -9.75 -7.78
CA ALA B 69 51.13 -9.83 -6.33
C ALA B 69 50.28 -11.01 -5.80
N PRO B 70 49.07 -11.23 -6.35
CA PRO B 70 48.36 -12.42 -5.87
C PRO B 70 49.00 -13.75 -6.33
N CYS B 71 49.47 -13.80 -7.57
CA CYS B 71 50.05 -15.02 -8.11
C CYS B 71 51.21 -15.48 -7.25
N LYS B 72 52.10 -14.53 -6.97
CA LYS B 72 53.28 -14.80 -6.19
C LYS B 72 52.85 -15.42 -4.89
N ALA B 73 51.76 -14.93 -4.30
CA ALA B 73 51.32 -15.44 -3.00
C ALA B 73 50.81 -16.88 -3.14
N ILE B 74 50.11 -17.13 -4.24
CA ILE B 74 49.57 -18.45 -4.50
C ILE B 74 50.76 -19.32 -4.87
N ALA B 75 51.80 -18.69 -5.40
CA ALA B 75 53.00 -19.47 -5.64
C ALA B 75 53.59 -19.98 -4.30
N LYS B 76 53.61 -19.13 -3.27
CA LYS B 76 54.24 -19.53 -2.00
C LYS B 76 53.37 -20.51 -1.25
N ASP B 77 52.08 -20.19 -1.20
CA ASP B 77 51.10 -21.01 -0.53
CA ASP B 77 51.10 -21.03 -0.54
C ASP B 77 49.95 -21.31 -1.51
N PRO B 78 50.03 -22.44 -2.24
CA PRO B 78 48.98 -22.81 -3.20
C PRO B 78 47.61 -22.80 -2.55
N ALA B 79 47.58 -22.99 -1.23
CA ALA B 79 46.35 -22.99 -0.46
C ALA B 79 45.58 -21.70 -0.75
N LYS B 80 46.30 -20.60 -0.97
CA LYS B 80 45.69 -19.28 -1.20
C LYS B 80 44.98 -19.17 -2.56
N VAL B 81 45.03 -20.22 -3.38
CA VAL B 81 44.33 -20.22 -4.67
C VAL B 81 42.82 -20.06 -4.51
N TYR B 82 42.27 -20.45 -3.36
CA TYR B 82 40.84 -20.26 -3.10
C TYR B 82 40.49 -18.82 -2.70
N ASP B 83 41.47 -18.05 -2.23
CA ASP B 83 41.25 -16.69 -1.74
C ASP B 83 41.32 -15.60 -2.80
N TYR B 84 42.14 -15.80 -3.83
CA TYR B 84 42.39 -14.74 -4.81
C TYR B 84 41.82 -15.08 -6.18
N THR B 85 41.23 -16.25 -6.28
CA THR B 85 40.62 -16.68 -7.53
C THR B 85 39.18 -17.13 -7.32
N ALA B 86 38.52 -17.50 -8.42
CA ALA B 86 37.11 -17.85 -8.35
C ALA B 86 36.90 -19.28 -7.89
N LYS B 87 37.98 -19.96 -7.54
CA LYS B 87 37.91 -21.39 -7.24
C LYS B 87 36.90 -21.69 -6.16
N GLY B 88 36.84 -20.85 -5.12
CA GLY B 88 35.95 -21.10 -3.98
C GLY B 88 34.46 -21.16 -4.33
N ASN B 89 34.12 -20.80 -5.58
CA ASN B 89 32.74 -20.81 -6.06
C ASN B 89 32.54 -21.24 -7.53
N LEU B 90 33.51 -21.92 -8.12
CA LEU B 90 33.42 -22.25 -9.54
C LEU B 90 33.31 -23.76 -9.72
N VAL B 91 32.20 -24.20 -10.33
CA VAL B 91 31.96 -25.63 -10.62
C VAL B 91 31.73 -25.92 -12.10
N ALA B 92 32.37 -27.01 -12.52
CA ALA B 92 32.27 -27.48 -13.88
C ALA B 92 31.13 -28.46 -14.02
N VAL B 93 30.26 -28.17 -14.99
CA VAL B 93 29.32 -29.16 -15.48
C VAL B 93 29.86 -29.80 -16.77
N ILE B 94 30.20 -31.08 -16.73
CA ILE B 94 30.90 -31.72 -17.85
C ILE B 94 30.11 -32.93 -18.43
N SER B 95 30.03 -33.05 -19.76
CA SER B 95 29.37 -34.26 -20.31
C SER B 95 29.76 -34.61 -21.77
N ASN B 96 29.64 -35.88 -22.17
CA ASN B 96 30.00 -36.25 -23.53
C ASN B 96 28.79 -36.35 -24.45
N GLY B 97 27.63 -35.96 -23.93
CA GLY B 97 26.41 -35.93 -24.71
C GLY B 97 25.89 -37.28 -25.10
N THR B 98 26.18 -38.29 -24.27
CA THR B 98 25.78 -39.69 -24.50
C THR B 98 24.50 -40.06 -23.76
N ALA B 99 24.02 -39.18 -22.90
CA ALA B 99 22.80 -39.48 -22.20
C ALA B 99 22.20 -38.15 -21.76
N VAL B 100 21.64 -37.41 -22.70
CA VAL B 100 21.13 -36.06 -22.44
C VAL B 100 19.64 -36.20 -22.14
N LEU B 101 19.28 -35.92 -20.87
CA LEU B 101 17.92 -36.09 -20.37
C LEU B 101 17.38 -37.42 -20.82
N GLY B 102 16.32 -37.38 -21.62
CA GLY B 102 15.73 -38.57 -22.20
C GLY B 102 15.98 -38.73 -23.69
N LEU B 103 16.97 -38.04 -24.22
CA LEU B 103 17.18 -38.07 -25.67
C LEU B 103 18.32 -38.99 -26.14
N GLY B 104 19.02 -39.60 -25.20
CA GLY B 104 20.04 -40.63 -25.51
C GLY B 104 21.45 -40.22 -25.90
N ASN B 105 22.06 -40.90 -26.86
CA ASN B 105 23.42 -40.50 -27.28
C ASN B 105 23.37 -39.48 -28.46
N ILE B 106 23.21 -38.18 -28.16
CA ILE B 106 23.04 -37.18 -29.22
C ILE B 106 24.23 -36.28 -29.48
N GLY B 107 25.34 -36.55 -28.78
CA GLY B 107 26.61 -35.85 -29.01
C GLY B 107 26.97 -34.78 -27.99
N PRO B 108 28.25 -34.43 -27.92
CA PRO B 108 28.63 -33.44 -26.91
C PRO B 108 28.02 -32.14 -27.33
N ALA B 109 27.95 -31.97 -28.65
CA ALA B 109 27.43 -30.74 -29.28
C ALA B 109 25.93 -30.48 -29.00
N ALA B 110 25.06 -31.43 -29.34
CA ALA B 110 23.64 -31.19 -29.20
C ALA B 110 23.30 -31.08 -27.71
N GLY B 111 24.20 -31.57 -26.86
CA GLY B 111 23.98 -31.55 -25.43
C GLY B 111 24.34 -30.25 -24.73
N LYS B 112 25.03 -29.34 -25.43
CA LYS B 112 25.47 -28.09 -24.78
C LYS B 112 24.38 -27.23 -24.10
N PRO B 113 23.22 -26.99 -24.77
CA PRO B 113 22.27 -26.11 -24.09
C PRO B 113 21.83 -26.63 -22.70
N VAL B 114 21.66 -27.95 -22.57
CA VAL B 114 21.24 -28.56 -21.31
C VAL B 114 22.31 -28.33 -20.25
N MET B 115 23.56 -28.36 -20.66
CA MET B 115 24.59 -28.06 -19.68
C MET B 115 24.49 -26.59 -19.29
N GLU B 116 24.40 -25.67 -20.27
CA GLU B 116 24.25 -24.24 -19.97
C GLU B 116 23.15 -24.03 -18.91
N GLY B 117 22.03 -24.71 -19.12
CA GLY B 117 20.94 -24.66 -18.18
C GLY B 117 21.36 -25.19 -16.82
N LYS B 118 22.15 -26.25 -16.79
CA LYS B 118 22.58 -26.79 -15.50
C LYS B 118 23.37 -25.74 -14.74
N GLY B 119 24.14 -24.95 -15.48
CA GLY B 119 24.84 -23.84 -14.86
C GLY B 119 23.90 -22.76 -14.32
N ILE B 120 22.87 -22.44 -15.10
CA ILE B 120 21.88 -21.45 -14.63
C ILE B 120 21.31 -21.94 -13.30
N LEU B 121 20.93 -23.22 -13.25
CA LEU B 121 20.36 -23.84 -12.04
C LEU B 121 21.34 -23.74 -10.87
N PHE B 122 22.63 -23.98 -11.11
CA PHE B 122 23.61 -23.83 -10.03
C PHE B 122 23.61 -22.41 -9.45
N LYS B 123 23.68 -21.41 -10.33
CA LYS B 123 23.74 -20.02 -9.83
C LYS B 123 22.44 -19.65 -9.10
N GLN B 124 21.31 -20.07 -9.67
CA GLN B 124 20.00 -19.75 -9.12
C GLN B 124 19.61 -20.47 -7.83
N PHE B 125 20.09 -21.67 -7.59
CA PHE B 125 19.68 -22.35 -6.36
C PHE B 125 20.75 -22.30 -5.28
N ALA B 126 22.00 -22.05 -5.67
CA ALA B 126 23.06 -21.97 -4.67
C ALA B 126 24.11 -20.89 -4.91
N GLY B 127 23.83 -19.98 -5.84
CA GLY B 127 24.71 -18.83 -6.01
C GLY B 127 26.08 -19.27 -6.45
N ILE B 128 26.07 -20.40 -7.16
CA ILE B 128 27.25 -21.06 -7.67
C ILE B 128 27.55 -20.68 -9.12
N ASP B 129 28.79 -20.21 -9.38
CA ASP B 129 29.22 -19.91 -10.75
C ASP B 129 29.67 -21.18 -11.49
N VAL B 130 29.20 -21.38 -12.73
CA VAL B 130 29.45 -22.64 -13.42
C VAL B 130 29.87 -22.59 -14.89
N PHE B 131 30.99 -23.24 -15.20
CA PHE B 131 31.44 -23.42 -16.60
C PHE B 131 30.92 -24.76 -17.18
N ASP B 132 30.21 -24.69 -18.31
CA ASP B 132 29.77 -25.90 -19.00
C ASP B 132 30.83 -26.40 -19.99
N ILE B 133 31.24 -27.66 -19.87
CA ILE B 133 32.30 -28.24 -20.70
C ILE B 133 31.81 -29.51 -21.44
N GLU B 134 31.70 -29.38 -22.76
CA GLU B 134 31.25 -30.46 -23.64
C GLU B 134 32.44 -31.15 -24.33
N VAL B 135 32.54 -32.46 -24.13
CA VAL B 135 33.73 -33.19 -24.54
C VAL B 135 33.51 -34.14 -25.73
N ALA B 136 34.35 -34.04 -26.74
CA ALA B 136 34.21 -34.92 -27.89
C ALA B 136 35.03 -36.17 -27.61
N ALA B 137 34.61 -36.94 -26.60
CA ALA B 137 35.29 -38.19 -26.30
C ALA B 137 34.35 -39.20 -25.66
N THR B 138 34.22 -40.36 -26.31
CA THR B 138 33.39 -41.47 -25.81
C THR B 138 34.21 -42.63 -25.20
N ASP B 139 35.52 -42.65 -25.44
CA ASP B 139 36.40 -43.60 -24.75
C ASP B 139 36.63 -43.18 -23.32
N VAL B 140 36.45 -44.13 -22.41
CA VAL B 140 36.60 -43.89 -20.98
C VAL B 140 37.92 -43.23 -20.58
N ASP B 141 38.99 -43.78 -21.13
CA ASP B 141 40.33 -43.38 -20.73
C ASP B 141 40.66 -41.99 -21.22
N VAL B 142 40.26 -41.71 -22.47
CA VAL B 142 40.48 -40.39 -23.05
C VAL B 142 39.84 -39.38 -22.15
N PHE B 143 38.58 -39.65 -21.82
CA PHE B 143 37.79 -38.72 -21.02
C PHE B 143 38.45 -38.46 -19.66
N CYS B 144 38.85 -39.53 -18.95
CA CYS B 144 39.46 -39.32 -17.63
C CYS B 144 40.77 -38.53 -17.66
N ASN B 145 41.66 -38.93 -18.58
CA ASN B 145 42.97 -38.31 -18.70
C ASN B 145 42.88 -36.86 -19.12
N ALA B 146 41.76 -36.52 -19.80
CA ALA B 146 41.52 -35.14 -20.23
C ALA B 146 40.95 -34.30 -19.08
N VAL B 147 40.08 -34.92 -18.27
CA VAL B 147 39.38 -34.19 -17.20
C VAL B 147 40.26 -33.91 -15.98
N ARG B 148 41.00 -34.91 -15.50
CA ARG B 148 41.66 -34.77 -14.22
C ARG B 148 42.65 -33.62 -14.18
N VAL B 149 43.19 -33.27 -15.36
CA VAL B 149 44.21 -32.23 -15.51
C VAL B 149 43.63 -30.84 -15.48
N LEU B 150 42.30 -30.72 -15.47
CA LEU B 150 41.66 -29.41 -15.40
C LEU B 150 41.50 -28.93 -13.98
N GLU B 151 41.83 -29.82 -13.05
CA GLU B 151 41.60 -29.60 -11.63
C GLU B 151 41.96 -28.21 -11.06
N PRO B 152 43.12 -27.63 -11.43
CA PRO B 152 43.42 -26.33 -10.80
C PRO B 152 42.36 -25.25 -11.06
N THR B 153 41.61 -25.44 -12.14
CA THR B 153 40.64 -24.45 -12.58
C THR B 153 39.50 -24.30 -11.62
N PHE B 154 38.99 -25.44 -11.13
CA PHE B 154 37.72 -25.51 -10.40
C PHE B 154 37.87 -25.90 -8.94
N GLY B 155 36.85 -25.55 -8.12
CA GLY B 155 36.78 -26.02 -6.75
C GLY B 155 36.04 -27.35 -6.58
N GLY B 156 35.20 -27.70 -7.55
CA GLY B 156 34.43 -28.94 -7.54
C GLY B 156 33.83 -29.28 -8.91
N ILE B 157 33.55 -30.56 -9.18
CA ILE B 157 33.11 -31.00 -10.51
C ILE B 157 31.83 -31.86 -10.64
N ASN B 158 30.84 -31.38 -11.40
CA ASN B 158 29.55 -32.10 -11.60
C ASN B 158 29.32 -32.70 -12.98
N LEU B 159 29.46 -34.02 -13.12
CA LEU B 159 29.11 -34.70 -14.37
C LEU B 159 27.59 -34.80 -14.48
N GLU B 160 27.04 -34.69 -15.70
CA GLU B 160 25.59 -34.83 -15.93
C GLU B 160 25.34 -35.41 -17.33
N ASP B 161 24.35 -36.28 -17.43
CA ASP B 161 23.87 -36.85 -18.70
C ASP B 161 24.96 -37.60 -19.55
N ILE B 162 25.63 -38.57 -18.88
CA ILE B 162 26.61 -39.51 -19.47
C ILE B 162 26.18 -41.00 -19.30
N LYS B 163 26.15 -41.77 -20.39
CA LYS B 163 25.55 -43.11 -20.37
C LYS B 163 26.22 -44.13 -19.46
N ALA B 164 25.42 -45.12 -19.05
CA ALA B 164 25.91 -46.31 -18.37
C ALA B 164 26.28 -47.40 -19.39
N PRO B 165 27.25 -48.27 -19.06
CA PRO B 165 28.07 -48.35 -17.85
C PRO B 165 29.35 -47.52 -17.88
N GLU B 166 29.52 -46.70 -18.91
CA GLU B 166 30.67 -45.81 -19.00
C GLU B 166 30.78 -44.87 -17.81
N CYS B 167 29.63 -44.30 -17.45
CA CYS B 167 29.60 -43.25 -16.45
C CYS B 167 30.11 -43.70 -15.09
N PHE B 168 29.72 -44.90 -14.69
CA PHE B 168 30.12 -45.44 -13.41
C PHE B 168 31.66 -45.52 -13.36
N GLU B 169 32.26 -46.16 -14.38
CA GLU B 169 33.72 -46.33 -14.45
C GLU B 169 34.37 -44.93 -14.34
N ILE B 170 33.81 -43.97 -15.10
CA ILE B 170 34.44 -42.65 -15.19
C ILE B 170 34.45 -41.93 -13.83
N GLU B 171 33.29 -41.91 -13.17
CA GLU B 171 33.14 -41.20 -11.87
C GLU B 171 33.99 -41.85 -10.80
N GLU B 172 33.95 -43.18 -10.79
CA GLU B 172 34.68 -43.93 -9.78
C GLU B 172 36.15 -43.56 -9.91
N ARG B 173 36.67 -43.46 -11.13
CA ARG B 173 38.06 -43.03 -11.29
C ARG B 173 38.25 -41.60 -10.80
N LEU B 174 37.41 -40.71 -11.35
CA LEU B 174 37.61 -39.26 -11.23
C LEU B 174 37.60 -38.78 -9.79
N LYS B 175 36.81 -39.43 -8.94
CA LYS B 175 36.77 -39.05 -7.55
C LYS B 175 38.10 -39.32 -6.86
N LYS B 176 38.75 -40.41 -7.29
CA LYS B 176 40.03 -40.85 -6.73
C LYS B 176 41.16 -40.00 -7.24
N GLU B 177 41.07 -39.65 -8.51
CA GLU B 177 42.13 -38.96 -9.22
C GLU B 177 42.29 -37.53 -8.68
N MET B 178 41.16 -36.88 -8.41
CA MET B 178 41.16 -35.45 -8.15
C MET B 178 40.99 -35.01 -6.69
N ASN B 179 41.77 -33.98 -6.35
CA ASN B 179 41.79 -33.34 -5.04
C ASN B 179 40.80 -32.17 -5.01
N ILE B 180 39.73 -32.31 -5.78
CA ILE B 180 38.52 -31.52 -5.61
C ILE B 180 37.35 -32.52 -5.70
N PRO B 181 36.18 -32.15 -5.18
CA PRO B 181 35.04 -33.07 -5.30
C PRO B 181 34.56 -33.42 -6.73
N VAL B 182 34.17 -34.67 -6.95
CA VAL B 182 33.48 -35.09 -8.18
C VAL B 182 32.18 -35.89 -7.96
N PHE B 183 31.12 -35.52 -8.70
CA PHE B 183 29.75 -35.92 -8.42
C PHE B 183 28.89 -36.04 -9.71
N HIS B 184 28.37 -37.23 -10.03
CA HIS B 184 27.42 -37.42 -11.15
C HIS B 184 25.94 -37.42 -10.68
N ASP B 185 25.23 -36.31 -10.98
CA ASP B 185 23.89 -36.00 -10.46
C ASP B 185 22.77 -36.93 -10.91
N ASP B 186 22.82 -37.39 -12.16
CA ASP B 186 21.77 -38.28 -12.66
C ASP B 186 21.81 -39.59 -11.90
N GLN B 187 23.00 -39.99 -11.43
CA GLN B 187 23.17 -41.18 -10.58
C GLN B 187 22.62 -41.05 -9.15
N HIS B 188 23.11 -40.04 -8.43
CA HIS B 188 22.91 -39.94 -6.99
C HIS B 188 21.87 -38.93 -6.53
N GLY B 189 21.50 -38.01 -7.41
CA GLY B 189 20.52 -37.00 -7.08
C GLY B 189 19.18 -37.67 -6.83
N THR B 190 18.73 -38.40 -7.85
CA THR B 190 17.43 -39.07 -7.82
C THR B 190 17.38 -39.88 -6.53
N ALA B 191 18.51 -40.51 -6.24
CA ALA B 191 18.72 -41.30 -5.01
C ALA B 191 18.61 -40.50 -3.68
N ILE B 192 19.16 -39.29 -3.63
CA ILE B 192 19.16 -38.48 -2.40
C ILE B 192 17.79 -37.91 -2.09
N VAL B 193 17.17 -37.30 -3.11
CA VAL B 193 15.84 -36.73 -2.90
C VAL B 193 14.89 -37.87 -2.55
N SER B 194 14.94 -38.95 -3.34
CA SER B 194 14.07 -40.08 -3.04
C SER B 194 14.39 -40.71 -1.68
N GLY B 195 15.64 -40.55 -1.23
CA GLY B 195 16.08 -41.04 0.07
C GLY B 195 15.42 -40.32 1.24
N ALA B 196 15.45 -38.99 1.19
CA ALA B 196 14.74 -38.27 2.22
C ALA B 196 13.25 -38.65 2.17
N ALA B 197 12.69 -38.73 0.95
CA ALA B 197 11.29 -39.11 0.80
C ALA B 197 10.99 -40.43 1.51
N LEU B 198 11.91 -41.40 1.39
CA LEU B 198 11.69 -42.67 2.05
C LEU B 198 11.79 -42.59 3.56
N LEU B 199 12.79 -41.88 4.10
CA LEU B 199 12.82 -41.76 5.57
C LEU B 199 11.51 -41.18 6.10
N ASN B 200 11.02 -40.12 5.47
CA ASN B 200 9.74 -39.54 5.90
C ASN B 200 8.57 -40.53 5.80
N ALA B 201 8.46 -41.22 4.66
CA ALA B 201 7.36 -42.16 4.42
C ALA B 201 7.34 -43.32 5.43
N CYS B 202 8.53 -43.81 5.78
CA CYS B 202 8.65 -44.85 6.79
C CYS B 202 8.26 -44.33 8.15
N SER B 203 8.66 -43.10 8.43
CA SER B 203 8.32 -42.54 9.72
C SER B 203 6.80 -42.35 9.85
N ILE B 204 6.12 -42.04 8.73
CA ILE B 204 4.65 -41.90 8.72
C ILE B 204 3.87 -43.20 9.02
N THR B 205 4.21 -44.28 8.31
CA THR B 205 3.49 -45.55 8.45
C THR B 205 4.14 -46.45 9.51
N ASN B 206 5.03 -45.86 10.32
CA ASN B 206 5.72 -46.52 11.43
C ASN B 206 6.61 -47.68 10.98
N ARG B 207 7.21 -47.59 9.79
CA ARG B 207 8.07 -48.68 9.32
C ARG B 207 9.49 -48.55 9.84
N LYS B 208 10.22 -49.67 9.77
CA LYS B 208 11.62 -49.68 10.07
C LYS B 208 12.37 -50.03 8.82
N MET B 209 13.47 -49.30 8.59
CA MET B 209 14.27 -49.44 7.38
C MET B 209 14.76 -50.87 7.17
N GLU B 210 15.13 -51.52 8.27
CA GLU B 210 15.77 -52.82 8.20
C GLU B 210 14.79 -53.92 7.77
N THR B 211 13.51 -53.58 7.66
CA THR B 211 12.51 -54.57 7.28
C THR B 211 11.84 -54.18 5.96
N VAL B 212 12.23 -53.05 5.42
CA VAL B 212 11.64 -52.57 4.18
C VAL B 212 12.13 -53.43 3.02
N ARG B 213 11.20 -53.88 2.18
CA ARG B 213 11.55 -54.55 0.91
C ARG B 213 11.38 -53.63 -0.32
N ILE B 214 12.43 -53.50 -1.14
CA ILE B 214 12.43 -52.55 -2.26
C ILE B 214 12.74 -53.19 -3.62
N VAL B 215 11.86 -52.97 -4.58
CA VAL B 215 12.06 -53.50 -5.90
C VAL B 215 12.34 -52.34 -6.85
N VAL B 216 13.53 -52.32 -7.42
CA VAL B 216 13.89 -51.27 -8.37
C VAL B 216 13.82 -51.73 -9.83
N ASN B 217 12.85 -51.22 -10.58
CA ASN B 217 12.73 -51.56 -12.01
C ASN B 217 13.29 -50.46 -12.91
N GLY B 218 14.27 -50.83 -13.74
CA GLY B 218 15.01 -49.91 -14.58
C GLY B 218 16.48 -50.02 -14.23
N ALA B 219 17.34 -49.91 -15.24
CA ALA B 219 18.76 -50.12 -15.02
C ALA B 219 19.55 -48.96 -15.59
N GLY B 220 18.99 -47.76 -15.45
CA GLY B 220 19.68 -46.55 -15.85
C GLY B 220 20.71 -46.15 -14.81
N ALA B 221 21.20 -44.92 -14.90
CA ALA B 221 22.32 -44.49 -14.06
C ALA B 221 21.98 -44.45 -12.57
N SER B 222 20.76 -44.02 -12.26
CA SER B 222 20.38 -43.75 -10.88
C SER B 222 20.06 -45.04 -10.13
N ALA B 223 19.60 -46.05 -10.85
CA ALA B 223 19.07 -47.30 -10.27
C ALA B 223 20.09 -47.95 -9.37
N ASN B 224 21.31 -48.02 -9.86
CA ASN B 224 22.37 -48.64 -9.12
C ASN B 224 22.55 -47.91 -7.78
N SER B 225 22.43 -46.58 -7.81
CA SER B 225 22.74 -45.71 -6.66
C SER B 225 21.60 -45.51 -5.62
N CYS B 226 20.35 -45.67 -6.03
CA CYS B 226 19.22 -45.60 -5.09
C CYS B 226 19.42 -46.58 -3.92
N ALA B 227 19.62 -47.85 -4.25
CA ALA B 227 19.83 -48.91 -3.26
C ALA B 227 21.05 -48.58 -2.42
N LYS B 228 22.05 -47.98 -3.07
CA LYS B 228 23.27 -47.59 -2.39
C LYS B 228 22.89 -46.66 -1.25
N ILE B 229 21.96 -45.73 -1.54
CA ILE B 229 21.51 -44.77 -0.53
C ILE B 229 20.64 -45.38 0.60
N PHE B 230 19.68 -46.22 0.22
CA PHE B 230 18.79 -46.85 1.18
C PHE B 230 19.59 -47.69 2.17
N ILE B 231 20.65 -48.31 1.67
CA ILE B 231 21.54 -49.13 2.48
C ILE B 231 22.16 -48.41 3.69
N ALA B 232 22.71 -47.22 3.46
CA ALA B 232 23.31 -46.39 4.52
C ALA B 232 22.26 -45.82 5.49
N LEU B 233 21.00 -45.92 5.09
CA LEU B 233 19.91 -45.52 5.95
C LEU B 233 19.47 -46.66 6.87
N GLY B 234 20.06 -47.83 6.67
CA GLY B 234 19.81 -48.94 7.57
C GLY B 234 19.11 -50.11 6.90
N ALA B 235 18.74 -49.93 5.63
CA ALA B 235 18.07 -51.00 4.91
C ALA B 235 19.04 -52.15 4.74
N ARG B 236 18.52 -53.38 4.79
CA ARG B 236 19.34 -54.57 4.57
C ARG B 236 19.39 -54.94 3.09
N ARG B 237 20.60 -55.25 2.59
CA ARG B 237 20.77 -55.50 1.16
C ARG B 237 20.03 -56.76 0.69
N GLU B 238 19.70 -57.65 1.63
CA GLU B 238 18.95 -58.87 1.32
C GLU B 238 17.47 -58.65 0.91
N ASN B 239 16.92 -57.48 1.22
CA ASN B 239 15.53 -57.19 0.90
C ASN B 239 15.31 -56.49 -0.45
N ILE B 240 16.40 -56.29 -1.20
CA ILE B 240 16.35 -55.53 -2.45
C ILE B 240 16.58 -56.34 -3.75
N ILE B 241 15.58 -56.33 -4.63
CA ILE B 241 15.64 -56.99 -5.94
C ILE B 241 15.75 -55.93 -6.98
N MET B 242 16.65 -56.09 -7.91
CA MET B 242 16.75 -55.05 -8.88
C MET B 242 16.51 -55.58 -10.27
N CYS B 243 15.65 -54.90 -11.01
CA CYS B 243 15.20 -55.40 -12.30
C CYS B 243 15.77 -54.56 -13.42
N ASP B 244 15.85 -55.13 -14.62
CA ASP B 244 16.10 -54.36 -15.84
C ASP B 244 15.25 -54.87 -17.01
N SER B 245 15.63 -54.49 -18.23
CA SER B 245 14.79 -54.76 -19.41
C SER B 245 14.55 -56.27 -19.74
N GLN B 246 15.28 -57.16 -19.05
CA GLN B 246 15.08 -58.60 -19.20
C GLN B 246 14.67 -59.26 -17.89
N GLY B 247 14.10 -58.49 -16.97
CA GLY B 247 13.60 -59.03 -15.72
C GLY B 247 14.50 -58.81 -14.52
N VAL B 248 14.30 -59.64 -13.50
CA VAL B 248 15.07 -59.54 -12.27
C VAL B 248 16.53 -59.71 -12.57
N ILE B 249 17.37 -58.97 -11.87
CA ILE B 249 18.79 -59.23 -11.92
C ILE B 249 19.17 -60.16 -10.77
N TYR B 250 19.36 -61.45 -11.10
CA TYR B 250 19.73 -62.51 -10.13
C TYR B 250 21.20 -62.90 -10.27
N LYS B 251 21.80 -63.31 -9.16
CA LYS B 251 23.21 -63.63 -9.10
C LYS B 251 23.53 -64.69 -10.11
N GLY B 252 24.55 -64.48 -10.95
CA GLY B 252 24.91 -65.51 -11.89
C GLY B 252 24.25 -65.40 -13.24
N ARG B 253 23.19 -64.60 -13.34
CA ARG B 253 22.53 -64.32 -14.61
C ARG B 253 23.57 -63.80 -15.60
N THR B 254 23.49 -64.24 -16.85
CA THR B 254 24.50 -63.89 -17.84
C THR B 254 23.92 -63.02 -18.95
N ALA B 255 22.59 -63.03 -19.10
CA ALA B 255 21.91 -62.22 -20.12
C ALA B 255 22.05 -60.68 -19.90
N GLY B 256 22.85 -60.03 -20.75
CA GLY B 256 22.97 -58.58 -20.69
C GLY B 256 23.49 -58.06 -19.36
N MET B 257 24.63 -58.55 -18.90
CA MET B 257 25.20 -58.05 -17.64
C MET B 257 26.49 -57.26 -17.81
N ASN B 258 26.83 -56.46 -16.79
CA ASN B 258 28.15 -55.81 -16.68
C ASN B 258 28.60 -55.83 -15.20
N LYS B 259 29.74 -55.20 -14.89
CA LYS B 259 30.38 -55.29 -13.56
C LYS B 259 29.52 -54.77 -12.40
N TYR B 260 28.79 -53.66 -12.63
CA TYR B 260 28.07 -52.92 -11.57
C TYR B 260 26.69 -53.46 -11.22
N LYS B 261 25.96 -53.95 -12.22
CA LYS B 261 24.69 -54.58 -11.96
C LYS B 261 24.84 -55.72 -10.95
N GLU B 262 25.93 -56.48 -11.08
CA GLU B 262 26.19 -57.66 -10.23
C GLU B 262 26.27 -57.30 -8.72
N TYR B 263 26.45 -56.01 -8.41
CA TYR B 263 26.54 -55.55 -7.02
C TYR B 263 25.23 -55.81 -6.29
N PHE B 264 24.12 -55.63 -7.02
CA PHE B 264 22.78 -55.73 -6.41
C PHE B 264 21.95 -56.86 -7.03
N ALA B 265 22.64 -57.89 -7.50
CA ALA B 265 21.95 -59.10 -7.91
C ALA B 265 21.30 -59.72 -6.66
N SER B 266 20.09 -60.23 -6.81
CA SER B 266 19.40 -60.71 -5.63
C SER B 266 19.45 -62.22 -5.60
N GLU B 267 19.38 -62.79 -4.41
CA GLU B 267 19.26 -64.25 -4.28
C GLU B 267 17.87 -64.76 -4.61
N THR B 268 16.94 -63.84 -4.83
CA THR B 268 15.54 -64.22 -4.94
C THR B 268 15.23 -65.16 -6.08
N GLU B 269 14.14 -65.90 -5.90
CA GLU B 269 13.67 -66.86 -6.89
C GLU B 269 12.75 -66.15 -7.89
N ALA B 270 12.37 -64.91 -7.56
CA ALA B 270 11.58 -64.08 -8.47
C ALA B 270 12.40 -63.73 -9.72
N ARG B 271 11.75 -63.78 -10.87
CA ARG B 271 12.46 -63.56 -12.14
C ARG B 271 11.85 -62.42 -12.98
N THR B 272 10.55 -62.15 -12.77
CA THR B 272 9.82 -61.07 -13.49
C THR B 272 9.59 -59.81 -12.62
N LEU B 273 9.27 -58.69 -13.28
CA LEU B 273 8.89 -57.46 -12.57
C LEU B 273 7.69 -57.70 -11.66
N THR B 274 6.73 -58.46 -12.17
CA THR B 274 5.51 -58.80 -11.43
C THR B 274 5.82 -59.63 -10.19
N GLU B 275 6.66 -60.66 -10.34
CA GLU B 275 6.96 -61.56 -9.25
C GLU B 275 7.70 -60.95 -8.07
N ALA B 276 8.62 -60.04 -8.34
CA ALA B 276 9.35 -59.44 -7.25
C ALA B 276 8.46 -58.55 -6.37
N LEU B 277 7.40 -57.98 -6.98
CA LEU B 277 6.53 -56.97 -6.36
C LEU B 277 5.50 -57.56 -5.41
N ARG B 278 5.52 -58.88 -5.31
CA ARG B 278 4.70 -59.60 -4.37
C ARG B 278 5.15 -59.27 -2.95
N GLY B 279 4.27 -58.71 -2.14
CA GLY B 279 4.57 -58.48 -0.74
C GLY B 279 5.59 -57.39 -0.54
N ALA B 280 5.83 -56.65 -1.62
CA ALA B 280 6.79 -55.55 -1.61
C ALA B 280 6.26 -54.36 -0.82
N ASP B 281 7.17 -53.67 -0.16
CA ASP B 281 6.82 -52.48 0.57
C ASP B 281 6.89 -51.27 -0.37
N VAL B 282 7.97 -51.19 -1.15
CA VAL B 282 8.23 -50.01 -2.00
C VAL B 282 8.60 -50.37 -3.44
N PHE B 283 7.93 -49.74 -4.40
CA PHE B 283 8.25 -49.93 -5.81
C PHE B 283 9.01 -48.71 -6.33
N VAL B 284 10.26 -48.90 -6.70
CA VAL B 284 11.06 -47.82 -7.25
C VAL B 284 11.08 -47.97 -8.77
N GLY B 285 10.24 -47.17 -9.44
CA GLY B 285 10.09 -47.25 -10.89
C GLY B 285 10.97 -46.22 -11.61
N LEU B 286 12.01 -46.72 -12.28
CA LEU B 286 12.96 -45.90 -13.01
C LEU B 286 13.05 -46.37 -14.44
N SER B 287 11.90 -46.68 -15.01
CA SER B 287 11.87 -47.36 -16.29
C SER B 287 10.99 -46.64 -17.28
N VAL B 288 9.81 -47.22 -17.53
CA VAL B 288 8.92 -46.71 -18.56
C VAL B 288 7.51 -46.54 -18.00
N ALA B 289 6.69 -45.74 -18.69
CA ALA B 289 5.32 -45.46 -18.22
C ALA B 289 4.37 -46.65 -18.34
N GLY B 290 3.46 -46.80 -17.39
CA GLY B 290 2.51 -47.91 -17.50
C GLY B 290 3.13 -49.24 -17.14
N ALA B 291 4.40 -49.25 -16.75
CA ALA B 291 5.09 -50.50 -16.43
C ALA B 291 4.53 -51.13 -15.18
N LEU B 292 3.82 -50.33 -14.39
CA LEU B 292 3.22 -50.78 -13.16
C LEU B 292 1.72 -50.98 -13.27
N THR B 293 1.28 -52.23 -13.31
CA THR B 293 -0.14 -52.50 -13.47
C THR B 293 -0.80 -52.57 -12.08
N PRO B 294 -2.12 -52.26 -11.99
CA PRO B 294 -2.81 -52.39 -10.69
C PRO B 294 -2.75 -53.81 -10.20
N GLU B 295 -2.45 -54.74 -11.11
CA GLU B 295 -2.29 -56.13 -10.72
C GLU B 295 -1.16 -56.28 -9.74
N MET B 296 -0.09 -55.53 -9.96
CA MET B 296 1.07 -55.50 -9.09
C MET B 296 0.79 -54.73 -7.79
N LEU B 297 -0.04 -53.72 -7.91
CA LEU B 297 -0.41 -52.86 -6.79
C LEU B 297 -1.24 -53.60 -5.75
N LYS B 298 -2.14 -54.45 -6.25
CA LYS B 298 -3.02 -55.24 -5.40
C LYS B 298 -2.17 -56.10 -4.48
N ASP B 299 -1.08 -56.62 -5.02
CA ASP B 299 -0.25 -57.57 -4.29
C ASP B 299 0.96 -56.94 -3.62
N MET B 300 0.99 -55.62 -3.55
CA MET B 300 2.00 -55.00 -2.71
C MET B 300 1.50 -54.94 -1.27
N ALA B 301 2.43 -54.85 -0.31
CA ALA B 301 2.05 -54.87 1.10
C ALA B 301 1.18 -53.66 1.43
N LYS B 302 0.63 -53.69 2.64
CA LYS B 302 -0.22 -52.60 3.15
C LYS B 302 0.54 -51.27 3.21
N ASP B 303 -0.16 -50.20 2.84
CA ASP B 303 0.43 -48.86 2.73
C ASP B 303 1.69 -48.90 1.83
N PRO B 304 1.52 -49.27 0.54
CA PRO B 304 2.63 -49.39 -0.39
C PRO B 304 3.16 -48.02 -0.84
N ILE B 305 4.49 -47.90 -0.90
CA ILE B 305 5.14 -46.68 -1.33
C ILE B 305 5.63 -46.80 -2.78
N ILE B 306 5.12 -45.94 -3.65
CA ILE B 306 5.36 -46.07 -5.08
C ILE B 306 6.05 -44.82 -5.63
N PHE B 307 7.30 -44.96 -6.05
CA PHE B 307 7.99 -43.89 -6.76
C PHE B 307 8.04 -44.14 -8.28
N ALA B 308 7.07 -43.58 -9.01
CA ALA B 308 7.02 -43.73 -10.46
C ALA B 308 7.60 -42.49 -11.13
N MET B 309 8.88 -42.57 -11.51
CA MET B 309 9.59 -41.37 -11.95
C MET B 309 10.06 -41.38 -13.40
N ALA B 310 9.53 -42.29 -14.20
CA ALA B 310 9.86 -42.33 -15.61
C ALA B 310 9.42 -41.04 -16.26
N ASN B 311 10.19 -40.57 -17.23
CA ASN B 311 9.88 -39.33 -17.89
C ASN B 311 9.66 -39.52 -19.39
N PRO B 312 8.71 -38.76 -19.98
CA PRO B 312 7.96 -37.67 -19.35
C PRO B 312 6.75 -38.13 -18.52
N GLU B 313 6.36 -39.40 -18.70
CA GLU B 313 5.20 -40.06 -18.04
C GLU B 313 5.60 -41.12 -17.01
N PRO B 314 4.96 -41.11 -15.81
CA PRO B 314 5.21 -42.08 -14.73
C PRO B 314 4.75 -43.52 -15.01
N GLU B 315 5.30 -44.49 -14.25
CA GLU B 315 4.90 -45.89 -14.38
C GLU B 315 3.40 -46.06 -14.15
N ILE B 316 2.83 -45.20 -13.30
CA ILE B 316 1.39 -45.19 -13.09
C ILE B 316 1.05 -43.81 -12.53
N THR B 317 -0.10 -43.27 -12.91
CA THR B 317 -0.50 -41.95 -12.43
C THR B 317 -1.00 -42.11 -10.97
N PRO B 318 -0.89 -41.04 -10.15
CA PRO B 318 -1.31 -41.11 -8.74
C PRO B 318 -2.77 -41.44 -8.52
N ASP B 319 -3.64 -40.96 -9.41
CA ASP B 319 -5.06 -41.23 -9.23
C ASP B 319 -5.42 -42.69 -9.62
N LYS B 320 -4.81 -43.25 -10.67
CA LYS B 320 -4.99 -44.68 -11.05
C LYS B 320 -4.46 -45.63 -9.98
N ALA B 321 -3.42 -45.15 -9.33
CA ALA B 321 -2.74 -45.87 -8.26
C ALA B 321 -3.56 -45.83 -6.98
N ARG B 322 -4.13 -44.66 -6.67
CA ARG B 322 -5.03 -44.51 -5.52
C ARG B 322 -6.41 -45.16 -5.75
N ALA B 323 -6.77 -45.34 -7.02
CA ALA B 323 -7.97 -46.10 -7.38
C ALA B 323 -7.69 -47.58 -7.19
N ALA B 324 -6.49 -48.02 -7.56
CA ALA B 324 -6.15 -49.43 -7.37
C ALA B 324 -5.90 -49.71 -5.87
N ARG B 325 -5.12 -48.83 -5.23
CA ARG B 325 -4.83 -48.92 -3.80
C ARG B 325 -4.97 -47.54 -3.15
N PRO B 326 -6.11 -47.27 -2.46
CA PRO B 326 -6.38 -45.99 -1.79
C PRO B 326 -5.41 -45.72 -0.64
N ASP B 327 -4.77 -46.76 -0.16
CA ASP B 327 -3.81 -46.62 0.93
C ASP B 327 -2.41 -46.26 0.44
N ALA B 328 -2.28 -46.01 -0.86
CA ALA B 328 -0.98 -45.83 -1.52
C ALA B 328 -0.36 -44.43 -1.38
N ILE B 329 0.94 -44.42 -1.08
CA ILE B 329 1.75 -43.21 -1.06
C ILE B 329 2.48 -43.10 -2.39
N ILE B 330 2.29 -42.00 -3.08
CA ILE B 330 2.82 -41.94 -4.43
C ILE B 330 3.61 -40.64 -4.62
N ALA B 331 4.76 -40.79 -5.29
CA ALA B 331 5.68 -39.70 -5.66
C ALA B 331 6.22 -39.86 -7.09
N THR B 332 6.35 -38.77 -7.84
CA THR B 332 6.92 -38.81 -9.20
C THR B 332 8.00 -37.75 -9.39
N GLY B 333 8.54 -37.68 -10.59
CA GLY B 333 9.50 -36.65 -10.93
C GLY B 333 8.78 -35.49 -11.60
N ARG B 334 7.46 -35.59 -11.68
CA ARG B 334 6.67 -34.54 -12.32
C ARG B 334 6.21 -33.52 -11.29
N SER B 335 6.21 -32.26 -11.73
CA SER B 335 5.96 -31.13 -10.85
C SER B 335 4.48 -30.88 -10.54
N ASP B 336 3.58 -31.42 -11.37
CA ASP B 336 2.16 -31.18 -11.17
C ASP B 336 1.50 -32.26 -10.32
N TYR B 337 2.29 -33.20 -9.78
CA TYR B 337 1.79 -34.15 -8.76
C TYR B 337 2.56 -33.91 -7.46
N PRO B 338 1.93 -34.24 -6.31
CA PRO B 338 2.62 -33.99 -5.04
C PRO B 338 3.90 -34.74 -4.99
N ASN B 339 4.80 -34.29 -4.14
CA ASN B 339 6.08 -34.96 -3.97
C ASN B 339 6.81 -35.01 -5.29
N GLN B 340 7.03 -33.84 -5.86
CA GLN B 340 7.88 -33.79 -7.03
C GLN B 340 9.27 -34.22 -6.56
N VAL B 341 9.82 -35.30 -7.10
CA VAL B 341 11.23 -35.62 -6.84
C VAL B 341 12.08 -34.90 -7.86
N ASN B 342 12.58 -33.73 -7.51
CA ASN B 342 13.39 -32.92 -8.41
C ASN B 342 14.83 -32.81 -7.90
N ASN B 343 15.81 -33.08 -8.77
CA ASN B 343 17.21 -33.14 -8.32
C ASN B 343 17.73 -31.91 -7.66
N VAL B 344 17.05 -30.79 -7.92
CA VAL B 344 17.53 -29.49 -7.53
C VAL B 344 17.52 -29.26 -6.02
N LEU B 345 16.87 -30.18 -5.33
CA LEU B 345 16.83 -30.16 -3.87
C LEU B 345 18.19 -30.50 -3.35
N GLY B 346 18.97 -31.12 -4.23
CA GLY B 346 20.22 -31.78 -3.91
C GLY B 346 21.56 -31.14 -4.28
N PHE B 347 21.95 -31.18 -5.54
CA PHE B 347 23.28 -30.69 -5.84
C PHE B 347 23.63 -29.23 -5.41
N PRO B 348 22.69 -28.26 -5.51
CA PRO B 348 23.16 -26.90 -5.19
C PRO B 348 23.66 -26.75 -3.74
N SER B 349 22.81 -27.19 -2.81
CA SER B 349 23.06 -27.08 -1.37
C SER B 349 24.39 -27.82 -1.00
N ILE B 350 24.57 -29.00 -1.62
CA ILE B 350 25.72 -29.89 -1.40
C ILE B 350 27.05 -29.30 -1.88
N PHE B 351 27.07 -28.86 -3.13
CA PHE B 351 28.29 -28.27 -3.67
C PHE B 351 28.61 -27.04 -2.89
N ARG B 352 27.56 -26.34 -2.45
CA ARG B 352 27.73 -25.15 -1.64
C ARG B 352 28.57 -25.48 -0.42
N GLY B 353 28.01 -26.39 0.37
CA GLY B 353 28.65 -26.79 1.62
C GLY B 353 30.06 -27.30 1.39
N ALA B 354 30.28 -27.96 0.26
CA ALA B 354 31.61 -28.44 -0.01
C ALA B 354 32.53 -27.24 -0.22
N LEU B 355 32.13 -26.38 -1.14
CA LEU B 355 32.92 -25.26 -1.65
C LEU B 355 33.32 -24.27 -0.59
N ASP B 356 32.44 -24.06 0.37
CA ASP B 356 32.72 -23.08 1.39
C ASP B 356 33.74 -23.66 2.39
N THR B 357 33.80 -24.98 2.44
CA THR B 357 34.73 -25.67 3.31
C THR B 357 36.02 -26.07 2.62
N ARG B 358 36.12 -25.80 1.32
CA ARG B 358 37.29 -26.19 0.55
C ARG B 358 37.59 -27.68 0.78
N SER B 359 36.59 -28.52 0.55
CA SER B 359 36.74 -29.96 0.74
C SER B 359 37.44 -30.61 -0.45
N THR B 360 38.00 -31.81 -0.22
CA THR B 360 38.77 -32.47 -1.26
C THR B 360 37.87 -33.40 -2.06
N GLN B 361 36.70 -33.70 -1.48
CA GLN B 361 35.72 -34.60 -2.07
C GLN B 361 34.28 -34.32 -1.65
N ILE B 362 33.37 -34.97 -2.36
CA ILE B 362 32.01 -35.20 -1.89
C ILE B 362 31.85 -36.71 -1.67
N ASN B 363 31.78 -37.11 -0.39
CA ASN B 363 31.67 -38.52 0.03
C ASN B 363 30.26 -38.91 0.52
N GLU B 364 30.12 -40.15 0.98
CA GLU B 364 28.84 -40.66 1.43
C GLU B 364 28.31 -39.95 2.67
N GLU B 365 29.22 -39.64 3.61
CA GLU B 365 28.84 -38.96 4.87
C GLU B 365 28.06 -37.64 4.61
N MET B 366 28.55 -36.91 3.62
CA MET B 366 27.96 -35.65 3.22
C MET B 366 26.56 -35.87 2.64
N LYS B 367 26.42 -36.87 1.77
CA LYS B 367 25.12 -37.18 1.18
C LYS B 367 24.10 -37.60 2.26
N LEU B 368 24.54 -38.34 3.28
CA LEU B 368 23.65 -38.75 4.38
C LEU B 368 23.22 -37.52 5.16
N ALA B 369 24.19 -36.65 5.46
CA ALA B 369 23.85 -35.40 6.14
C ALA B 369 22.81 -34.63 5.30
N ALA B 370 22.94 -34.69 3.98
CA ALA B 370 22.03 -34.03 3.05
C ALA B 370 20.60 -34.60 3.04
N VAL B 371 20.47 -35.92 2.92
CA VAL B 371 19.19 -36.61 3.03
C VAL B 371 18.50 -36.38 4.40
N HIS B 372 19.26 -36.53 5.49
CA HIS B 372 18.71 -36.29 6.84
C HIS B 372 18.27 -34.80 7.04
N ALA B 373 19.05 -33.86 6.52
CA ALA B 373 18.69 -32.46 6.68
C ALA B 373 17.43 -32.18 5.87
N LEU B 374 17.39 -32.69 4.64
CA LEU B 374 16.18 -32.54 3.81
C LEU B 374 14.91 -33.09 4.46
N ALA B 375 15.01 -34.34 4.91
CA ALA B 375 13.84 -34.97 5.53
C ALA B 375 13.41 -34.22 6.79
N LYS B 376 14.37 -33.73 7.59
CA LYS B 376 14.03 -32.94 8.78
C LYS B 376 13.33 -31.60 8.41
N LEU B 377 13.78 -30.95 7.33
CA LEU B 377 13.17 -29.70 6.84
C LEU B 377 11.75 -29.93 6.35
N ALA B 378 11.49 -31.11 5.80
CA ALA B 378 10.15 -31.39 5.28
C ALA B 378 9.07 -31.29 6.37
N ARG B 379 9.45 -31.62 7.61
CA ARG B 379 8.52 -31.68 8.72
C ARG B 379 8.22 -30.32 9.34
N GLU B 380 9.00 -29.30 9.00
CA GLU B 380 8.69 -27.94 9.46
C GLU B 380 7.41 -27.38 8.83
N ASP B 381 6.70 -26.56 9.59
CA ASP B 381 5.51 -25.90 9.09
C ASP B 381 5.91 -25.17 7.82
N VAL B 382 5.10 -25.26 6.78
CA VAL B 382 5.47 -24.61 5.52
C VAL B 382 5.09 -23.11 5.59
N PRO B 383 6.09 -22.18 5.52
CA PRO B 383 5.77 -20.75 5.59
C PRO B 383 4.87 -20.34 4.45
N ASP B 384 4.12 -19.27 4.62
CA ASP B 384 3.09 -18.90 3.64
C ASP B 384 3.71 -18.36 2.34
N LYS B 385 5.04 -18.21 2.36
CA LYS B 385 5.89 -17.87 1.20
C LYS B 385 5.94 -18.91 0.05
N VAL B 386 6.15 -20.17 0.46
CA VAL B 386 6.20 -21.33 -0.43
C VAL B 386 4.77 -21.60 -0.93
N SER B 387 3.81 -21.45 -0.01
CA SER B 387 2.39 -21.58 -0.33
C SER B 387 2.01 -20.60 -1.41
N ALA B 388 2.53 -19.38 -1.30
CA ALA B 388 2.31 -18.39 -2.34
C ALA B 388 3.04 -18.71 -3.67
N THR B 389 4.31 -19.13 -3.63
CA THR B 389 5.00 -19.47 -4.89
C THR B 389 4.30 -20.61 -5.64
N TYR B 390 3.68 -21.53 -4.88
CA TYR B 390 2.93 -22.67 -5.45
C TYR B 390 1.41 -22.48 -5.34
N GLY B 391 0.95 -21.24 -5.53
CA GLY B 391 -0.46 -20.93 -5.58
C GLY B 391 -1.28 -21.22 -4.34
N GLY B 392 -0.89 -20.65 -3.21
CA GLY B 392 -1.73 -20.66 -2.02
C GLY B 392 -2.10 -22.00 -1.42
N LYS B 393 -1.75 -23.10 -2.10
CA LYS B 393 -2.06 -24.44 -1.58
C LYS B 393 -1.31 -24.59 -0.26
N SER B 394 -2.00 -24.95 0.80
CA SER B 394 -1.31 -25.10 2.08
C SER B 394 -0.63 -26.48 2.09
N PHE B 395 0.53 -26.55 2.74
CA PHE B 395 1.25 -27.80 2.84
C PHE B 395 1.51 -28.13 4.29
N LYS B 396 1.28 -29.39 4.61
CA LYS B 396 1.61 -29.93 5.91
C LYS B 396 2.32 -31.25 5.64
N PHE B 397 3.29 -31.58 6.48
CA PHE B 397 3.98 -32.86 6.43
C PHE B 397 2.98 -34.05 6.48
N GLY B 398 3.01 -34.91 5.46
CA GLY B 398 2.11 -36.07 5.41
C GLY B 398 2.26 -36.94 4.17
N ARG B 399 1.23 -37.73 3.84
CA ARG B 399 1.28 -38.60 2.65
C ARG B 399 1.32 -37.84 1.31
N ASP B 400 0.95 -36.56 1.32
CA ASP B 400 0.96 -35.76 0.10
C ASP B 400 2.06 -34.66 0.06
N TYR B 401 2.90 -34.63 1.09
CA TYR B 401 4.04 -33.71 1.20
C TYR B 401 5.16 -34.43 1.97
N LEU B 402 6.09 -35.04 1.22
CA LEU B 402 7.19 -35.83 1.79
C LEU B 402 8.56 -35.16 1.76
N ILE B 403 8.79 -34.30 0.75
CA ILE B 403 10.08 -33.64 0.53
C ILE B 403 9.83 -32.17 0.27
N PRO B 404 10.68 -31.29 0.84
CA PRO B 404 10.39 -29.86 0.70
C PRO B 404 10.22 -29.48 -0.75
N LYS B 405 9.38 -28.49 -1.03
CA LYS B 405 9.11 -28.14 -2.41
C LYS B 405 10.40 -27.70 -3.12
N PRO B 406 10.51 -28.02 -4.43
CA PRO B 406 11.73 -27.63 -5.14
C PRO B 406 12.05 -26.13 -5.03
N PHE B 407 11.04 -25.26 -5.00
CA PHE B 407 11.32 -23.83 -4.95
C PHE B 407 11.37 -23.23 -3.52
N ASP B 408 11.59 -24.06 -2.49
CA ASP B 408 11.61 -23.62 -1.07
C ASP B 408 12.94 -22.90 -0.74
N THR B 409 12.87 -21.66 -0.25
CA THR B 409 14.10 -20.88 0.00
C THR B 409 14.86 -21.39 1.22
N ARG B 410 14.16 -22.12 2.08
CA ARG B 410 14.73 -22.70 3.29
C ARG B 410 15.71 -23.84 2.98
N VAL B 411 15.52 -24.45 1.79
CA VAL B 411 16.24 -25.66 1.40
C VAL B 411 17.73 -25.45 1.56
N LEU B 412 18.25 -24.38 0.94
CA LEU B 412 19.70 -24.07 0.96
C LEU B 412 20.29 -23.96 2.37
N LEU B 413 19.56 -23.16 3.16
CA LEU B 413 19.89 -22.86 4.54
C LEU B 413 19.90 -24.10 5.41
N TRP B 414 19.08 -25.09 5.04
CA TRP B 414 18.95 -26.28 5.88
C TRP B 414 19.92 -27.40 5.45
N VAL B 415 20.06 -27.63 4.16
CA VAL B 415 20.89 -28.73 3.66
C VAL B 415 22.36 -28.34 3.62
N ALA B 416 22.68 -27.18 3.04
CA ALA B 416 24.08 -26.82 2.83
C ALA B 416 24.98 -26.82 4.10
N PRO B 417 24.51 -26.26 5.22
CA PRO B 417 25.35 -26.27 6.43
C PRO B 417 25.58 -27.69 6.97
N GLU B 418 24.63 -28.60 6.76
CA GLU B 418 24.78 -29.98 7.20
C GLU B 418 25.76 -30.73 6.30
N VAL B 419 25.80 -30.38 5.01
CA VAL B 419 26.84 -30.88 4.07
C VAL B 419 28.25 -30.40 4.45
N ALA B 420 28.39 -29.12 4.78
CA ALA B 420 29.67 -28.64 5.31
C ALA B 420 30.01 -29.33 6.66
N LYS B 421 29.00 -29.50 7.52
CA LYS B 421 29.13 -30.15 8.85
C LYS B 421 29.65 -31.58 8.71
N ALA B 422 29.14 -32.29 7.71
CA ALA B 422 29.58 -33.67 7.41
C ALA B 422 30.99 -33.70 6.78
N ALA B 423 31.25 -32.77 5.87
CA ALA B 423 32.57 -32.70 5.25
C ALA B 423 33.65 -32.38 6.30
N MET B 424 33.27 -31.68 7.37
CA MET B 424 34.19 -31.41 8.46
C MET B 424 34.31 -32.57 9.47
N LYS B 425 33.19 -33.18 9.86
CA LYS B 425 33.21 -34.28 10.87
C LYS B 425 33.93 -35.51 10.36
N SER B 426 33.82 -35.76 9.06
CA SER B 426 34.48 -36.88 8.43
C SER B 426 35.91 -36.47 8.00
N GLY B 427 36.20 -35.17 8.15
CA GLY B 427 37.52 -34.61 8.02
C GLY B 427 38.08 -34.39 6.64
N VAL B 428 37.24 -34.44 5.62
CA VAL B 428 37.70 -34.19 4.25
C VAL B 428 37.72 -32.70 3.92
N ALA B 429 37.28 -31.88 4.88
CA ALA B 429 37.28 -30.44 4.72
C ALA B 429 38.68 -29.88 5.04
N THR B 430 39.02 -28.80 4.34
CA THR B 430 40.32 -28.13 4.53
C THR B 430 40.20 -26.70 5.06
N ARG B 431 38.98 -26.29 5.46
CA ARG B 431 38.72 -24.95 6.03
C ARG B 431 37.50 -24.96 6.92
N ALA B 432 37.62 -24.47 8.15
CA ALA B 432 36.56 -24.73 9.14
C ALA B 432 35.57 -23.58 9.41
N ILE B 433 34.29 -23.89 9.33
CA ILE B 433 33.27 -22.90 9.60
C ILE B 433 32.91 -23.04 11.04
N GLU B 434 33.00 -21.96 11.81
CA GLU B 434 32.71 -22.03 13.24
C GLU B 434 31.36 -21.40 13.62
N ASP B 435 31.13 -20.16 13.24
CA ASP B 435 29.87 -19.50 13.55
C ASP B 435 28.81 -19.93 12.54
N TRP B 436 28.02 -20.95 12.91
CA TRP B 436 26.96 -21.48 12.05
C TRP B 436 25.90 -20.42 11.71
N ASP B 437 25.60 -19.58 12.69
CA ASP B 437 24.73 -18.45 12.39
C ASP B 437 25.34 -17.58 11.29
N GLN B 438 26.61 -17.25 11.36
CA GLN B 438 27.20 -16.40 10.34
C GLN B 438 27.15 -17.03 8.95
N TYR B 439 27.39 -18.34 8.89
CA TYR B 439 27.32 -19.06 7.62
C TYR B 439 25.92 -18.96 7.04
N ARG B 440 24.92 -19.26 7.84
CA ARG B 440 23.56 -19.17 7.34
C ARG B 440 23.21 -17.74 6.92
N GLU B 441 23.59 -16.76 7.74
CA GLU B 441 23.32 -15.33 7.50
C GLU B 441 23.82 -14.91 6.13
N SER B 442 25.09 -15.24 5.86
CA SER B 442 25.73 -14.93 4.58
C SER B 442 25.07 -15.73 3.47
N LEU B 443 24.63 -16.95 3.77
CA LEU B 443 23.83 -17.70 2.80
C LEU B 443 22.54 -16.97 2.40
N GLU B 444 21.86 -16.38 3.38
CA GLU B 444 20.65 -15.61 3.10
C GLU B 444 21.02 -14.40 2.28
N ALA B 445 21.97 -13.63 2.83
CA ALA B 445 22.39 -12.37 2.27
C ALA B 445 22.75 -12.60 0.84
N LEU B 446 23.31 -13.80 0.57
CA LEU B 446 23.78 -14.22 -0.75
C LEU B 446 22.75 -13.93 -1.83
N GLN B 447 21.50 -13.72 -1.44
CA GLN B 447 20.53 -13.24 -2.40
C GLN B 447 19.69 -12.08 -1.86
N GLY B 448 20.20 -10.86 -2.07
CA GLY B 448 19.48 -9.63 -1.83
C GLY B 448 20.19 -8.65 -0.92
N PRO B 449 20.57 -7.47 -1.45
CA PRO B 449 21.27 -6.38 -0.73
C PRO B 449 20.46 -5.82 0.40
N SER B 450 19.16 -6.02 0.32
CA SER B 450 18.32 -5.55 1.37
C SER B 450 18.34 -6.56 2.50
N LYS B 451 18.30 -7.83 2.15
CA LYS B 451 18.27 -8.85 3.16
C LYS B 451 19.44 -8.75 4.13
N VAL B 452 20.60 -8.40 3.62
CA VAL B 452 21.77 -8.36 4.49
C VAL B 452 21.63 -7.23 5.47
N PHE B 453 21.00 -6.15 4.97
CA PHE B 453 20.77 -4.94 5.76
C PHE B 453 19.82 -5.24 6.91
N ILE B 454 18.71 -5.88 6.56
CA ILE B 454 17.64 -6.22 7.49
C ILE B 454 18.18 -7.23 8.53
N ARG B 455 19.07 -8.14 8.08
CA ARG B 455 19.73 -9.16 8.91
C ARG B 455 20.71 -8.52 9.92
N SER B 456 21.42 -7.49 9.45
CA SER B 456 22.23 -6.64 10.33
C SER B 456 21.36 -5.98 11.39
N ALA B 457 20.19 -5.53 10.95
CA ALA B 457 19.25 -4.84 11.81
C ALA B 457 18.74 -5.71 12.93
N ILE B 458 18.27 -6.88 12.56
CA ILE B 458 17.74 -7.86 13.51
C ILE B 458 18.85 -8.21 14.47
N ASN B 459 20.06 -8.39 13.92
CA ASN B 459 21.18 -8.61 14.82
C ASN B 459 21.28 -7.44 15.82
N ARG B 460 21.02 -6.21 15.41
CA ARG B 460 21.15 -5.14 16.39
C ARG B 460 19.99 -5.14 17.42
N VAL B 461 18.79 -5.59 16.99
CA VAL B 461 17.66 -5.78 17.92
C VAL B 461 18.00 -6.79 18.98
N HIS B 462 18.50 -7.95 18.56
CA HIS B 462 18.92 -8.97 19.51
C HIS B 462 20.02 -8.44 20.43
N GLN B 463 20.97 -7.68 19.84
CA GLN B 463 22.14 -7.18 20.58
C GLN B 463 21.72 -6.29 21.74
N ASN B 464 20.88 -5.28 21.49
CA ASN B 464 20.51 -4.42 22.63
C ASN B 464 19.33 -5.00 23.45
N SER B 465 18.59 -5.95 22.88
CA SER B 465 17.60 -6.74 23.63
C SER B 465 18.29 -7.57 24.71
N ALA B 466 19.29 -8.36 24.30
CA ALA B 466 20.01 -9.23 25.23
C ALA B 466 20.95 -8.47 26.18
N ALA B 467 21.07 -7.15 25.98
CA ALA B 467 21.92 -6.31 26.84
C ALA B 467 21.07 -5.59 27.88
N ASN B 468 19.77 -5.66 27.69
CA ASN B 468 18.81 -5.07 28.62
C ASN B 468 17.89 -6.10 29.25
N GLY B 469 18.42 -7.30 29.47
CA GLY B 469 17.73 -8.35 30.19
C GLY B 469 16.99 -9.39 29.39
N GLY B 470 17.25 -9.45 28.09
CA GLY B 470 16.66 -10.46 27.23
C GLY B 470 15.21 -10.19 26.91
N GLU B 471 14.77 -8.99 27.29
CA GLU B 471 13.41 -8.49 27.09
C GLU B 471 13.11 -8.11 25.63
N LEU B 472 11.92 -8.48 25.16
CA LEU B 472 11.48 -8.07 23.82
C LEU B 472 10.45 -6.95 23.92
N PRO B 473 10.63 -5.94 23.08
CA PRO B 473 9.77 -4.77 22.99
C PRO B 473 8.33 -5.16 22.65
N ARG B 474 7.36 -4.65 23.40
CA ARG B 474 5.95 -4.95 23.11
C ARG B 474 5.41 -4.10 21.95
N ILE B 475 4.80 -4.77 20.98
CA ILE B 475 4.26 -4.09 19.81
C ILE B 475 2.80 -4.39 19.50
N VAL B 476 2.01 -3.33 19.37
CA VAL B 476 0.58 -3.45 19.21
C VAL B 476 0.18 -3.53 17.78
N PHE B 477 -0.63 -4.50 17.45
CA PHE B 477 -1.10 -4.65 16.10
C PHE B 477 -2.63 -4.53 16.12
N PRO B 478 -3.14 -3.34 15.87
CA PRO B 478 -4.57 -3.06 15.91
C PRO B 478 -5.33 -3.93 14.97
N GLU B 479 -4.71 -4.29 13.85
CA GLU B 479 -5.36 -5.15 12.90
C GLU B 479 -5.11 -6.65 13.14
N GLY B 480 -5.65 -7.21 14.23
CA GLY B 480 -5.34 -8.56 14.65
C GLY B 480 -5.92 -9.61 13.73
N THR B 481 -6.92 -9.22 12.92
CA THR B 481 -7.56 -10.14 11.98
C THR B 481 -7.09 -9.92 10.56
N SER B 482 -6.10 -9.03 10.40
CA SER B 482 -5.46 -8.76 9.12
C SER B 482 -4.63 -9.94 8.65
N THR B 483 -4.96 -10.44 7.48
CA THR B 483 -4.29 -11.61 6.98
C THR B 483 -2.79 -11.34 6.96
N LYS B 484 -2.41 -10.26 6.28
CA LYS B 484 -1.02 -9.94 6.04
C LYS B 484 -0.22 -9.82 7.31
N VAL B 485 -0.84 -9.18 8.29
CA VAL B 485 -0.19 -9.02 9.58
C VAL B 485 0.04 -10.36 10.28
N LEU B 486 -0.96 -11.25 10.27
CA LEU B 486 -0.78 -12.58 10.87
C LEU B 486 0.41 -13.29 10.18
N LYS B 487 0.41 -13.29 8.83
CA LYS B 487 1.45 -14.02 8.07
C LYS B 487 2.81 -13.44 8.37
N ALA B 488 2.89 -12.13 8.54
CA ALA B 488 4.17 -11.54 8.91
C ALA B 488 4.60 -11.96 10.31
N LEU B 489 3.64 -11.96 11.24
CA LEU B 489 3.91 -12.31 12.63
C LEU B 489 4.55 -13.67 12.69
N ALA B 490 4.07 -14.53 11.79
CA ALA B 490 4.58 -15.90 11.68
C ALA B 490 6.10 -16.00 11.49
N THR B 491 6.60 -15.35 10.45
CA THR B 491 8.01 -15.39 10.20
C THR B 491 8.73 -14.59 11.28
N LEU B 492 8.06 -13.59 11.81
CA LEU B 492 8.65 -12.73 12.82
C LEU B 492 9.01 -13.38 14.12
N VAL B 493 8.10 -14.23 14.61
CA VAL B 493 8.21 -14.75 15.97
C VAL B 493 9.39 -15.69 16.13
N GLU B 494 9.69 -16.49 15.11
CA GLU B 494 10.82 -17.41 15.22
C GLU B 494 12.13 -16.64 15.24
N GLU B 495 12.01 -15.35 14.96
CA GLU B 495 13.12 -14.41 14.96
C GLU B 495 13.32 -13.70 16.29
N LYS B 496 12.43 -14.01 17.24
CA LYS B 496 12.39 -13.38 18.57
C LYS B 496 12.81 -11.91 18.50
N ILE B 497 11.94 -11.16 17.84
CA ILE B 497 12.02 -9.72 17.75
C ILE B 497 11.23 -8.91 18.83
N CYS B 498 9.97 -9.28 19.04
CA CYS B 498 9.05 -8.47 19.84
C CYS B 498 7.92 -9.28 20.43
N GLN B 499 7.24 -8.77 21.43
CA GLN B 499 6.08 -9.50 21.91
C GLN B 499 4.86 -8.89 21.21
N PRO B 500 4.23 -9.66 20.28
CA PRO B 500 3.09 -9.19 19.51
C PRO B 500 1.79 -9.16 20.33
N ILE B 501 1.06 -8.05 20.26
CA ILE B 501 -0.24 -7.95 20.93
C ILE B 501 -1.27 -7.59 19.90
N LEU B 502 -2.19 -8.49 19.59
CA LEU B 502 -3.14 -8.20 18.52
C LEU B 502 -4.46 -7.68 19.09
N LEU B 503 -5.22 -6.95 18.27
CA LEU B 503 -6.48 -6.37 18.73
C LEU B 503 -7.72 -6.78 17.88
N GLY B 504 -8.81 -7.11 18.53
CA GLY B 504 -10.01 -7.55 17.84
C GLY B 504 -10.73 -8.50 18.79
N TYR B 505 -11.71 -9.25 18.28
CA TYR B 505 -12.39 -10.25 19.13
C TYR B 505 -11.47 -11.43 19.36
N PRO B 506 -11.16 -11.70 20.64
CA PRO B 506 -10.25 -12.78 21.03
C PRO B 506 -10.50 -14.06 20.21
N GLU B 507 -11.76 -14.36 19.88
CA GLU B 507 -11.98 -15.56 19.10
C GLU B 507 -12.03 -15.35 17.57
N ARG B 508 -12.40 -14.18 17.06
CA ARG B 508 -12.47 -14.00 15.61
C ARG B 508 -11.04 -13.95 15.00
N VAL B 509 -10.07 -13.62 15.84
CA VAL B 509 -8.69 -13.62 15.45
C VAL B 509 -8.07 -14.99 15.54
N LYS B 510 -8.45 -15.82 16.51
CA LYS B 510 -7.93 -17.18 16.54
C LYS B 510 -8.66 -18.05 15.50
N GLU B 511 -9.87 -17.61 15.18
CA GLU B 511 -10.64 -18.05 14.03
C GLU B 511 -9.87 -17.75 12.73
N LYS B 512 -9.35 -16.54 12.61
CA LYS B 512 -8.59 -16.23 11.40
C LYS B 512 -7.15 -16.83 11.46
N ILE B 513 -6.62 -17.08 12.66
CA ILE B 513 -5.31 -17.73 12.86
C ILE B 513 -5.37 -19.22 12.50
N LYS B 514 -6.45 -19.86 12.90
CA LYS B 514 -6.62 -21.27 12.57
C LYS B 514 -7.06 -21.41 11.11
N ALA B 515 -7.71 -20.37 10.57
CA ALA B 515 -8.13 -20.36 9.17
C ALA B 515 -6.97 -20.29 8.18
N LEU B 516 -5.85 -19.70 8.60
CA LEU B 516 -4.65 -19.52 7.76
C LEU B 516 -3.62 -20.59 8.08
N ASP B 517 -4.03 -21.54 8.93
CA ASP B 517 -3.24 -22.66 9.43
C ASP B 517 -1.83 -22.20 9.79
N ILE B 518 -1.75 -21.12 10.54
CA ILE B 518 -0.45 -20.57 10.89
C ILE B 518 -0.38 -20.51 12.42
N PRO B 519 -0.06 -21.66 13.01
CA PRO B 519 -0.05 -21.91 14.45
C PRO B 519 1.19 -21.38 15.17
N LEU B 520 2.06 -20.70 14.44
CA LEU B 520 3.30 -20.16 15.01
C LEU B 520 3.03 -19.29 16.26
N LEU B 521 1.85 -18.68 16.32
CA LEU B 521 1.53 -17.67 17.31
C LEU B 521 0.15 -17.92 17.95
N ASN B 522 -0.02 -19.14 18.45
CA ASN B 522 -1.29 -19.50 19.08
C ASN B 522 -1.40 -18.86 20.43
N ASP B 523 -0.25 -18.43 20.93
CA ASP B 523 -0.08 -18.00 22.30
C ASP B 523 0.34 -16.53 22.48
N VAL B 524 0.35 -15.76 21.40
CA VAL B 524 0.71 -14.37 21.52
C VAL B 524 -0.53 -13.66 22.04
N SER B 525 -0.36 -12.71 22.97
CA SER B 525 -1.51 -12.03 23.61
C SER B 525 -2.43 -11.31 22.61
N ILE B 526 -3.73 -11.56 22.73
CA ILE B 526 -4.73 -10.88 21.91
C ILE B 526 -5.79 -10.21 22.79
N VAL B 527 -5.95 -8.90 22.60
CA VAL B 527 -6.75 -8.02 23.45
C VAL B 527 -7.82 -7.29 22.63
N HIS B 528 -9.05 -7.34 23.13
CA HIS B 528 -10.18 -6.56 22.64
C HIS B 528 -10.24 -5.24 23.45
N PRO B 529 -10.41 -4.08 22.79
CA PRO B 529 -10.31 -2.81 23.52
C PRO B 529 -11.34 -2.74 24.66
N SER B 530 -12.60 -2.87 24.28
CA SER B 530 -13.73 -2.66 25.18
C SER B 530 -13.64 -3.53 26.44
N SER B 531 -12.80 -4.56 26.37
CA SER B 531 -12.65 -5.51 27.45
C SER B 531 -11.46 -5.17 28.36
N HIS B 532 -10.45 -4.41 27.88
CA HIS B 532 -9.21 -4.21 28.66
C HIS B 532 -9.54 -3.44 29.92
N PRO B 533 -8.89 -3.85 31.04
CA PRO B 533 -9.18 -3.29 32.37
C PRO B 533 -8.90 -1.82 32.44
N LYS B 534 -7.86 -1.37 31.74
CA LYS B 534 -7.48 0.01 31.84
C LYS B 534 -8.32 0.89 30.92
N TYR B 535 -9.35 0.32 30.30
CA TYR B 535 -10.12 1.04 29.27
C TYR B 535 -10.62 2.44 29.70
N PHE B 536 -11.30 2.60 30.85
CA PHE B 536 -11.77 3.95 31.22
C PHE B 536 -10.58 4.86 31.55
N SER B 537 -9.53 4.25 32.14
CA SER B 537 -8.27 4.97 32.41
C SER B 537 -7.77 5.59 31.12
N PHE B 538 -8.05 4.87 30.05
CA PHE B 538 -7.65 5.31 28.76
C PHE B 538 -8.62 6.42 28.29
N VAL B 539 -9.93 6.22 28.36
CA VAL B 539 -10.79 7.19 27.67
C VAL B 539 -10.63 8.58 28.22
N GLU B 540 -10.24 8.68 29.49
CA GLU B 540 -10.04 9.98 30.09
C GLU B 540 -8.70 10.60 29.76
N LYS B 541 -7.65 9.79 29.68
CA LYS B 541 -6.39 10.36 29.26
C LYS B 541 -6.53 10.89 27.79
N LEU B 542 -7.31 10.23 26.93
CA LEU B 542 -7.61 10.83 25.63
C LEU B 542 -8.44 12.11 25.80
N TYR B 543 -9.38 12.10 26.74
CA TYR B 543 -10.35 13.19 26.92
C TYR B 543 -9.60 14.49 27.19
N SER B 544 -8.77 14.48 28.21
CA SER B 544 -8.02 15.67 28.55
C SER B 544 -7.21 16.13 27.36
N LEU B 545 -6.81 15.19 26.50
CA LEU B 545 -5.96 15.53 25.34
C LEU B 545 -6.78 16.16 24.21
N ARG B 546 -8.09 15.87 24.17
CA ARG B 546 -8.90 16.32 23.04
C ARG B 546 -10.28 16.86 23.39
N GLN B 547 -10.50 17.14 24.68
CA GLN B 547 -11.78 17.71 25.09
C GLN B 547 -11.89 19.13 24.52
N ARG B 548 -10.75 19.78 24.28
CA ARG B 548 -10.76 21.11 23.71
C ARG B 548 -10.46 21.10 22.23
N LYS B 549 -10.49 19.90 21.65
CA LYS B 549 -10.30 19.78 20.22
C LYS B 549 -11.51 19.10 19.57
N GLY B 550 -12.69 19.34 20.14
CA GLY B 550 -13.90 18.92 19.48
C GLY B 550 -14.38 17.58 19.94
N ILE B 551 -13.89 17.17 21.10
CA ILE B 551 -14.29 15.90 21.64
C ILE B 551 -14.94 16.05 23.02
N ASN B 552 -16.19 15.58 23.16
CA ASN B 552 -16.79 15.47 24.49
C ASN B 552 -16.51 14.07 25.06
N LEU B 553 -17.16 13.72 26.16
CA LEU B 553 -16.88 12.43 26.80
C LEU B 553 -17.31 11.18 25.98
N GLY B 554 -18.42 11.31 25.27
CA GLY B 554 -18.94 10.20 24.48
C GLY B 554 -18.09 9.84 23.27
N GLU B 555 -17.74 10.85 22.49
CA GLU B 555 -16.92 10.60 21.32
C GLU B 555 -15.54 10.06 21.74
N ALA B 556 -14.97 10.52 22.85
CA ALA B 556 -13.71 9.97 23.34
C ALA B 556 -13.92 8.51 23.76
N GLU B 557 -15.07 8.20 24.34
CA GLU B 557 -15.33 6.78 24.62
C GLU B 557 -15.30 5.95 23.31
N ARG B 558 -16.06 6.31 22.27
CA ARG B 558 -15.98 5.46 21.07
C ARG B 558 -14.66 5.48 20.37
N LEU B 559 -13.97 6.61 20.44
CA LEU B 559 -12.66 6.75 19.82
C LEU B 559 -11.66 5.83 20.50
N MET B 560 -11.76 5.66 21.82
CA MET B 560 -10.87 4.69 22.46
C MET B 560 -11.38 3.29 22.16
N ALA B 561 -12.62 3.19 21.68
CA ALA B 561 -13.08 1.86 21.25
C ALA B 561 -12.40 1.33 19.96
N ASP B 562 -11.90 2.25 19.13
CA ASP B 562 -11.08 1.96 17.92
C ASP B 562 -9.70 1.39 18.26
N PRO B 563 -9.36 0.23 17.68
CA PRO B 563 -8.06 -0.37 17.97
C PRO B 563 -6.91 0.60 17.74
N ASN B 564 -7.00 1.47 16.75
CA ASN B 564 -5.89 2.36 16.45
C ASN B 564 -5.57 3.26 17.61
N TYR B 565 -6.55 4.07 17.98
CA TYR B 565 -6.38 5.01 19.07
C TYR B 565 -5.96 4.23 20.29
N PHE B 566 -6.42 2.97 20.36
CA PHE B 566 -6.13 2.13 21.52
C PHE B 566 -4.65 1.77 21.57
N ALA B 567 -4.10 1.51 20.40
CA ALA B 567 -2.71 1.15 20.27
C ALA B 567 -1.92 2.33 20.70
N ALA B 568 -2.25 3.46 20.10
CA ALA B 568 -1.50 4.66 20.35
C ALA B 568 -1.47 5.02 21.83
N MET B 569 -2.65 5.03 22.44
CA MET B 569 -2.73 5.32 23.87
C MET B 569 -1.90 4.32 24.67
N MET B 570 -1.98 3.03 24.30
CA MET B 570 -1.20 1.99 24.97
C MET B 570 0.27 2.41 24.97
N VAL B 571 0.74 2.88 23.80
CA VAL B 571 2.15 3.27 23.61
C VAL B 571 2.54 4.45 24.47
N ASN B 572 1.61 5.39 24.49
CA ASN B 572 1.74 6.68 25.15
C ASN B 572 1.89 6.49 26.65
N GLN B 573 1.24 5.44 27.14
CA GLN B 573 1.19 5.16 28.58
C GLN B 573 2.27 4.17 29.03
N GLY B 574 3.02 3.63 28.07
CA GLY B 574 4.03 2.64 28.41
C GLY B 574 3.47 1.25 28.65
N GLU B 575 2.18 1.06 28.35
CA GLU B 575 1.53 -0.26 28.43
C GLU B 575 1.83 -1.10 27.17
N ALA B 576 2.57 -0.46 26.26
CA ALA B 576 3.15 -1.08 25.06
C ALA B 576 4.39 -0.27 24.63
N ASP B 577 5.32 -0.93 23.96
CA ASP B 577 6.56 -0.25 23.67
C ASP B 577 6.54 0.35 22.28
N GLY B 578 5.62 -0.13 21.47
CA GLY B 578 5.52 0.40 20.13
C GLY B 578 4.25 -0.07 19.47
N MET B 579 3.96 0.50 18.30
CA MET B 579 2.80 0.08 17.54
C MET B 579 3.09 0.24 16.11
N VAL B 580 2.36 -0.54 15.34
CA VAL B 580 2.43 -0.52 13.90
C VAL B 580 1.05 -0.74 13.40
N SER B 581 0.56 0.08 12.49
CA SER B 581 -0.76 -0.26 11.97
C SER B 581 -0.99 0.10 10.52
N GLY B 582 -2.23 0.00 10.09
CA GLY B 582 -2.62 0.54 8.81
C GLY B 582 -2.44 -0.36 7.62
N SER B 583 -2.51 -1.66 7.82
CA SER B 583 -2.40 -2.56 6.68
C SER B 583 -3.78 -2.69 6.04
N SER B 584 -4.75 -2.01 6.65
CA SER B 584 -6.14 -2.10 6.22
C SER B 584 -6.67 -0.71 5.86
N ILE B 585 -6.12 0.33 6.47
CA ILE B 585 -6.64 1.68 6.30
C ILE B 585 -5.65 2.63 5.53
N ASN B 586 -6.18 3.73 5.01
CA ASN B 586 -5.38 4.71 4.26
C ASN B 586 -4.29 5.37 5.11
N TYR B 587 -3.16 5.74 4.52
CA TYR B 587 -2.02 6.24 5.31
C TYR B 587 -2.53 7.39 6.22
N ALA B 588 -3.30 8.32 5.64
CA ALA B 588 -3.78 9.48 6.40
C ALA B 588 -4.70 9.07 7.55
N ASP B 589 -5.70 8.28 7.17
CA ASP B 589 -6.73 7.84 8.10
C ASP B 589 -6.12 7.09 9.26
N ALA B 590 -5.05 6.37 8.98
CA ALA B 590 -4.40 5.57 10.01
C ALA B 590 -3.37 6.34 10.81
N VAL B 591 -2.84 7.42 10.23
CA VAL B 591 -1.80 8.15 10.92
C VAL B 591 -2.44 9.12 11.91
N ARG B 592 -3.66 9.58 11.59
CA ARG B 592 -4.31 10.63 12.39
C ARG B 592 -4.43 10.25 13.86
N PRO B 593 -4.88 9.02 14.14
CA PRO B 593 -4.96 8.74 15.58
C PRO B 593 -3.62 8.79 16.31
N ILE B 594 -2.55 8.35 15.63
CA ILE B 594 -1.23 8.25 16.23
C ILE B 594 -0.80 9.61 16.70
N LEU B 595 -0.97 10.54 15.76
CA LEU B 595 -0.57 11.91 15.92
C LEU B 595 -1.38 12.54 17.02
N GLN B 596 -2.69 12.26 17.01
CA GLN B 596 -3.60 12.87 17.98
C GLN B 596 -3.35 12.37 19.39
N THR B 597 -2.79 11.18 19.52
CA THR B 597 -2.56 10.60 20.83
C THR B 597 -1.09 10.70 21.27
N ILE B 598 -0.20 10.15 20.44
CA ILE B 598 1.21 10.09 20.83
C ILE B 598 1.82 11.46 20.80
N GLY B 599 1.59 12.15 19.67
CA GLY B 599 2.11 13.49 19.44
C GLY B 599 3.55 13.42 19.01
N VAL B 600 4.16 14.58 18.83
CA VAL B 600 5.57 14.64 18.45
C VAL B 600 6.39 15.22 19.57
N TYR B 601 7.70 14.97 19.55
CA TYR B 601 8.56 15.58 20.56
C TYR B 601 8.87 17.03 20.17
N LYS B 602 9.53 17.77 21.07
CA LYS B 602 9.79 19.19 20.84
C LYS B 602 10.50 19.41 19.51
N GLU B 603 9.91 20.30 18.72
CA GLU B 603 10.36 20.72 17.38
C GLU B 603 10.17 19.63 16.36
N GLY B 604 9.51 18.56 16.76
CA GLY B 604 9.35 17.41 15.89
C GLY B 604 8.41 17.70 14.73
N ILE B 605 8.55 16.91 13.69
CA ILE B 605 7.66 16.95 12.54
C ILE B 605 7.37 15.53 12.14
N PRO B 606 6.10 15.22 11.85
CA PRO B 606 5.79 13.87 11.38
C PRO B 606 6.47 13.65 10.02
N ALA B 607 7.32 12.63 9.82
CA ALA B 607 8.02 12.53 8.50
C ALA B 607 8.21 11.10 7.99
N GLY B 608 7.74 10.87 6.77
CA GLY B 608 7.86 9.57 6.13
C GLY B 608 9.08 9.36 5.27
N LEU B 609 9.84 8.29 5.57
CA LEU B 609 11.20 8.07 5.06
C LEU B 609 11.40 6.75 4.34
N ASN B 610 12.26 6.78 3.33
CA ASN B 610 12.66 5.57 2.61
C ASN B 610 14.20 5.30 2.58
N PHE B 611 14.55 4.03 2.43
CA PHE B 611 15.92 3.63 2.18
C PHE B 611 16.16 3.13 0.77
N VAL B 612 17.25 3.65 0.21
CA VAL B 612 17.80 3.19 -1.05
C VAL B 612 19.03 2.33 -0.79
N LEU B 613 18.96 1.08 -1.23
CA LEU B 613 19.97 0.12 -0.93
C LEU B 613 20.79 -0.14 -2.18
N LEU B 614 22.07 0.19 -2.06
CA LEU B 614 23.09 -0.09 -3.08
C LEU B 614 23.97 -1.27 -2.61
N GLU B 615 25.09 -1.49 -3.30
CA GLU B 615 25.93 -2.57 -2.85
C GLU B 615 26.71 -2.15 -1.61
N ASP B 616 27.03 -0.86 -1.54
CA ASP B 616 27.87 -0.38 -0.45
C ASP B 616 27.16 0.56 0.51
N LYS B 617 26.89 1.77 0.03
CA LYS B 617 26.26 2.80 0.83
C LYS B 617 24.76 2.72 0.62
N PHE B 618 24.04 3.46 1.43
CA PHE B 618 22.59 3.51 1.35
C PHE B 618 22.21 4.96 1.32
N LEU B 619 21.04 5.27 0.77
CA LEU B 619 20.54 6.63 0.75
C LEU B 619 19.22 6.77 1.44
N VAL B 620 18.98 7.99 1.92
CA VAL B 620 17.82 8.33 2.74
C VAL B 620 16.93 9.33 2.02
N LEU B 621 15.66 8.98 1.85
CA LEU B 621 14.73 9.88 1.17
C LEU B 621 13.58 10.39 2.11
N ALA B 622 13.30 11.71 2.12
CA ALA B 622 12.26 12.23 3.03
C ALA B 622 11.80 13.63 2.64
N ASP B 623 10.57 14.07 2.90
CA ASP B 623 9.46 13.31 3.45
C ASP B 623 8.56 12.85 2.31
N THR B 624 8.25 11.56 2.33
CA THR B 624 7.64 10.87 1.21
C THR B 624 6.13 10.55 1.27
N THR B 625 5.46 10.83 2.42
CA THR B 625 4.01 10.53 2.67
C THR B 625 3.14 11.59 3.32
N VAL B 626 3.75 12.40 4.19
CA VAL B 626 3.05 13.25 5.17
C VAL B 626 2.69 14.64 4.67
N ASN B 627 3.75 15.48 4.55
CA ASN B 627 3.72 16.93 4.22
C ASN B 627 3.73 17.30 2.74
N LEU B 628 2.72 18.05 2.29
CA LEU B 628 2.62 18.45 0.89
C LEU B 628 3.63 19.47 0.43
N ASN B 629 3.79 20.57 1.14
CA ASN B 629 4.74 21.53 0.66
C ASN B 629 5.39 22.30 1.81
N PRO B 630 6.35 21.67 2.50
CA PRO B 630 7.00 22.23 3.68
C PRO B 630 7.80 23.48 3.44
N THR B 631 7.71 24.45 4.35
CA THR B 631 8.65 25.56 4.26
C THR B 631 9.97 25.08 4.80
N ALA B 632 10.96 25.95 4.62
CA ALA B 632 12.37 25.72 4.93
C ALA B 632 12.62 25.20 6.35
N GLU B 633 11.96 25.81 7.33
CA GLU B 633 12.13 25.41 8.74
C GLU B 633 11.75 23.91 8.90
N GLN B 634 10.61 23.58 8.30
CA GLN B 634 10.11 22.21 8.30
C GLN B 634 11.09 21.25 7.62
N CYS B 635 11.60 21.69 6.47
CA CYS B 635 12.54 20.88 5.70
C CYS B 635 13.79 20.59 6.51
N ALA B 636 14.33 21.62 7.13
CA ALA B 636 15.48 21.46 8.00
C ALA B 636 15.21 20.42 9.12
N GLN B 637 14.03 20.49 9.75
CA GLN B 637 13.75 19.53 10.86
C GLN B 637 13.70 18.07 10.32
N ILE B 638 13.08 17.91 9.14
CA ILE B 638 13.09 16.61 8.47
C ILE B 638 14.53 16.13 8.32
N ALA B 639 15.36 17.05 7.88
CA ALA B 639 16.74 16.72 7.66
C ALA B 639 17.41 16.24 8.94
N LEU B 640 17.38 17.05 10.00
CA LEU B 640 18.05 16.66 11.23
C LEU B 640 17.67 15.27 11.65
N GLN B 641 16.36 14.99 11.55
CA GLN B 641 15.87 13.65 11.94
C GLN B 641 16.51 12.55 11.04
N ALA B 642 16.46 12.74 9.72
CA ALA B 642 16.99 11.73 8.80
C ALA B 642 18.47 11.50 9.07
N ALA B 643 19.17 12.57 9.42
CA ALA B 643 20.58 12.51 9.75
C ALA B 643 20.88 11.76 11.06
N LYS B 644 20.05 11.92 12.11
CA LYS B 644 20.25 11.03 13.25
C LYS B 644 19.98 9.56 12.85
N ILE B 645 18.96 9.35 12.00
CA ILE B 645 18.67 7.98 11.54
C ILE B 645 19.97 7.40 10.94
N VAL B 646 20.67 8.23 10.15
CA VAL B 646 21.95 7.82 9.53
C VAL B 646 23.14 7.69 10.49
N GLU B 647 23.21 8.56 11.50
CA GLU B 647 24.23 8.46 12.55
C GLU B 647 24.08 7.17 13.40
N TYR B 648 22.85 6.66 13.51
CA TYR B 648 22.59 5.44 14.27
C TYR B 648 23.42 4.30 13.78
N PHE B 649 23.63 4.30 12.48
CA PHE B 649 24.39 3.25 11.82
C PHE B 649 25.84 3.65 11.66
N GLY B 650 26.25 4.64 12.45
CA GLY B 650 27.65 5.03 12.56
C GLY B 650 28.24 5.60 11.29
N ILE B 651 27.35 6.02 10.40
CA ILE B 651 27.73 6.59 9.12
C ILE B 651 27.58 8.08 9.19
N GLU B 652 28.56 8.77 8.64
CA GLU B 652 28.55 10.21 8.55
C GLU B 652 27.40 10.58 7.65
N PRO B 653 26.46 11.39 8.15
CA PRO B 653 25.35 11.87 7.32
C PRO B 653 25.78 13.06 6.42
N ARG B 654 25.42 12.99 5.13
CA ARG B 654 25.65 14.09 4.18
C ARG B 654 24.32 14.53 3.53
N VAL B 655 23.92 15.79 3.76
CA VAL B 655 22.58 16.22 3.38
C VAL B 655 22.46 17.20 2.22
N ALA B 656 21.58 16.86 1.28
CA ALA B 656 21.29 17.78 0.19
C ALA B 656 19.79 18.14 0.14
N MET B 657 19.53 19.44 0.19
CA MET B 657 18.20 20.02 0.01
C MET B 657 17.92 20.15 -1.47
N LEU B 658 17.03 19.32 -1.97
CA LEU B 658 16.87 19.19 -3.42
C LEU B 658 16.06 20.30 -4.13
N SER B 659 16.43 20.59 -5.39
CA SER B 659 15.87 21.67 -6.21
C SER B 659 15.92 21.38 -7.74
N TYR B 660 15.28 22.22 -8.53
CA TYR B 660 15.48 22.12 -9.97
C TYR B 660 16.68 22.99 -10.32
N SER B 661 17.22 23.70 -9.32
CA SER B 661 18.29 24.70 -9.52
C SER B 661 19.61 24.41 -8.75
N ASN B 662 20.72 24.96 -9.26
CA ASN B 662 22.00 24.92 -8.57
C ASN B 662 22.33 26.27 -7.94
N PHE B 663 22.07 26.37 -6.64
CA PHE B 663 22.39 27.54 -5.82
C PHE B 663 21.79 28.82 -6.36
N SER B 664 20.54 28.79 -6.82
CA SER B 664 20.04 29.98 -7.50
C SER B 664 19.53 31.00 -6.48
N GLY B 665 18.99 30.55 -5.36
CA GLY B 665 18.42 31.43 -4.35
C GLY B 665 17.27 32.23 -4.90
N ALA B 666 16.87 31.84 -6.11
CA ALA B 666 15.83 32.54 -6.84
C ALA B 666 14.59 32.45 -6.06
N GLU B 667 13.74 33.44 -6.22
CA GLU B 667 12.46 33.40 -5.55
C GLU B 667 11.76 32.11 -5.96
N GLY B 668 11.03 31.56 -4.99
CA GLY B 668 10.32 30.31 -5.13
C GLY B 668 11.05 29.19 -4.40
N THR B 669 10.99 28.00 -5.00
CA THR B 669 11.53 26.79 -4.39
C THR B 669 12.99 26.92 -3.95
N PRO B 670 13.84 27.43 -4.85
CA PRO B 670 15.26 27.40 -4.54
C PRO B 670 15.62 28.16 -3.30
N ARG B 671 15.11 29.38 -3.16
CA ARG B 671 15.48 30.22 -2.01
C ARG B 671 15.01 29.49 -0.79
N LYS B 672 13.83 28.88 -0.91
CA LYS B 672 13.26 28.14 0.22
C LYS B 672 14.28 27.09 0.66
N MET B 673 14.84 26.37 -0.30
CA MET B 673 15.75 25.28 0.00
C MET B 673 17.12 25.73 0.50
N LYS B 674 17.63 26.83 -0.04
CA LYS B 674 18.92 27.42 0.37
C LYS B 674 18.79 27.87 1.82
N LYS B 675 17.65 28.50 2.13
CA LYS B 675 17.37 28.93 3.49
C LYS B 675 17.28 27.66 4.34
N ALA B 676 16.78 26.59 3.74
CA ALA B 676 16.65 25.31 4.45
C ALA B 676 17.97 24.80 4.91
N ALA B 677 18.89 24.71 3.95
CA ALA B 677 20.22 24.26 4.26
C ALA B 677 20.83 25.15 5.33
N GLU B 678 20.60 26.47 5.20
CA GLU B 678 21.20 27.40 6.16
C GLU B 678 20.68 27.12 7.60
N ILE B 679 19.37 26.83 7.76
CA ILE B 679 18.80 26.48 9.09
C ILE B 679 19.41 25.17 9.63
N ALA B 680 19.52 24.21 8.72
CA ALA B 680 20.07 22.90 9.07
C ALA B 680 21.52 22.98 9.59
N ARG B 681 22.35 23.74 8.87
CA ARG B 681 23.73 23.96 9.32
C ARG B 681 23.65 24.72 10.65
N SER B 682 22.63 25.58 10.78
CA SER B 682 22.46 26.41 11.99
C SER B 682 22.21 25.60 13.24
N LEU B 683 21.55 24.45 13.12
CA LEU B 683 21.34 23.67 14.33
C LEU B 683 22.41 22.60 14.58
N ARG B 684 23.03 22.11 13.51
CA ARG B 684 24.09 21.13 13.69
C ARG B 684 25.25 21.46 12.75
N PRO B 685 26.18 22.27 13.26
CA PRO B 685 27.37 22.72 12.55
C PRO B 685 28.37 21.59 12.38
N ASP B 686 28.18 20.47 13.09
CA ASP B 686 29.07 19.31 12.93
C ASP B 686 28.68 18.51 11.69
N LEU B 687 27.54 18.87 11.09
CA LEU B 687 27.03 18.09 9.99
C LEU B 687 27.13 18.79 8.65
N MET B 688 27.44 17.95 7.65
CA MET B 688 27.68 18.32 6.27
C MET B 688 26.37 18.54 5.50
N ILE B 689 25.96 19.81 5.38
CA ILE B 689 24.69 20.13 4.74
C ILE B 689 24.78 21.32 3.79
N GLU B 690 24.19 21.15 2.61
CA GLU B 690 24.21 22.15 1.56
C GLU B 690 22.91 22.16 0.75
N GLY B 691 22.73 23.28 0.05
CA GLY B 691 21.57 23.53 -0.79
C GLY B 691 21.55 25.01 -1.13
N ASP B 692 20.83 25.39 -2.18
CA ASP B 692 20.08 24.45 -2.98
C ASP B 692 20.95 23.79 -4.03
N MET B 693 20.49 22.64 -4.52
CA MET B 693 21.18 21.95 -5.62
C MET B 693 20.23 21.05 -6.40
N GLN B 694 20.61 20.68 -7.62
CA GLN B 694 19.84 19.74 -8.43
C GLN B 694 20.01 18.34 -7.89
N ALA B 695 19.35 17.39 -8.55
CA ALA B 695 19.37 16.03 -8.06
C ALA B 695 20.73 15.36 -8.18
N ASP B 696 21.29 15.41 -9.40
CA ASP B 696 22.56 14.74 -9.69
C ASP B 696 23.75 15.42 -9.02
N THR B 697 23.69 16.75 -8.96
CA THR B 697 24.70 17.55 -8.26
C THR B 697 24.82 17.12 -6.80
N ALA B 698 23.76 16.53 -6.28
CA ALA B 698 23.78 16.13 -4.90
C ALA B 698 24.57 14.87 -4.67
N VAL B 699 24.07 13.79 -5.27
CA VAL B 699 24.45 12.44 -4.89
C VAL B 699 25.84 12.00 -5.33
N ASN B 700 26.37 12.70 -6.34
CA ASN B 700 27.67 12.42 -7.03
C ASN B 700 28.78 13.44 -6.72
N PRO B 701 29.86 12.99 -6.04
CA PRO B 701 30.84 13.97 -5.57
C PRO B 701 31.60 14.56 -6.73
N GLU B 702 31.63 13.82 -7.83
CA GLU B 702 32.40 14.28 -8.96
C GLU B 702 31.75 15.51 -9.55
N ILE B 703 30.44 15.46 -9.73
CA ILE B 703 29.76 16.62 -10.29
C ILE B 703 29.89 17.82 -9.33
N MET B 704 29.78 17.60 -8.03
CA MET B 704 29.94 18.66 -7.03
C MET B 704 31.31 19.31 -7.11
N GLU B 705 32.35 18.47 -7.26
CA GLU B 705 33.75 18.95 -7.32
C GLU B 705 34.15 19.68 -8.59
N ARG B 706 33.62 19.21 -9.71
CA ARG B 706 33.92 19.85 -10.96
C ARG B 706 33.16 21.18 -11.00
N LEU B 707 31.88 21.21 -10.61
CA LEU B 707 31.11 22.44 -10.86
C LEU B 707 31.02 23.42 -9.69
N PHE B 708 30.82 22.93 -8.47
CA PHE B 708 30.58 23.84 -7.36
C PHE B 708 31.40 23.51 -6.15
N PRO B 709 32.71 23.70 -6.27
CA PRO B 709 33.67 23.32 -5.23
C PRO B 709 33.51 24.11 -3.92
N PHE B 710 32.76 25.19 -3.95
CA PHE B 710 32.53 26.02 -2.76
C PHE B 710 31.56 25.40 -1.76
N SER B 711 30.75 24.47 -2.29
CA SER B 711 29.70 23.74 -1.56
C SER B 711 30.24 22.93 -0.36
N GLY B 712 29.57 22.99 0.79
CA GLY B 712 30.05 22.32 2.00
C GLY B 712 29.93 20.82 1.94
N LEU B 713 29.20 20.34 0.94
CA LEU B 713 28.96 18.91 0.75
C LEU B 713 30.00 18.24 -0.15
N LYS B 714 30.80 17.35 0.40
CA LYS B 714 31.75 16.63 -0.43
C LYS B 714 31.62 15.13 -0.20
N GLY B 715 31.68 14.39 -1.29
CA GLY B 715 31.63 12.95 -1.19
C GLY B 715 30.25 12.46 -1.52
N GLY B 716 29.45 13.34 -2.10
CA GLY B 716 28.12 12.93 -2.50
C GLY B 716 27.21 12.69 -1.29
N ALA B 717 25.99 13.20 -1.40
CA ALA B 717 25.04 13.14 -0.30
C ALA B 717 24.55 11.71 -0.08
N ASN B 718 24.24 11.37 1.18
CA ASN B 718 23.61 10.09 1.49
C ASN B 718 22.23 10.33 2.10
N VAL B 719 21.85 11.61 2.23
CA VAL B 719 20.53 12.11 2.73
C VAL B 719 19.84 13.15 1.82
N LEU B 720 18.68 12.79 1.25
CA LEU B 720 17.95 13.65 0.32
C LEU B 720 16.66 14.19 0.85
N VAL B 721 16.65 15.50 1.10
CA VAL B 721 15.46 16.22 1.61
C VAL B 721 14.68 16.86 0.48
N PHE B 722 13.38 16.65 0.39
CA PHE B 722 12.67 17.13 -0.81
C PHE B 722 11.94 18.47 -0.68
N PRO B 723 11.78 19.17 -1.80
CA PRO B 723 11.16 20.51 -1.74
C PRO B 723 9.67 20.41 -1.65
N ASN B 724 9.13 19.28 -2.12
CA ASN B 724 7.73 18.95 -1.99
C ASN B 724 7.44 17.47 -2.18
N LEU B 725 6.21 17.12 -1.88
CA LEU B 725 5.81 15.73 -1.77
C LEU B 725 5.80 15.04 -3.12
N GLU B 726 5.35 15.74 -4.16
CA GLU B 726 5.25 15.14 -5.50
C GLU B 726 6.63 14.61 -5.93
N SER B 727 7.63 15.46 -5.67
CA SER B 727 8.99 15.14 -6.01
C SER B 727 9.38 13.84 -5.30
N SER B 728 9.23 13.79 -3.97
CA SER B 728 9.70 12.63 -3.21
C SER B 728 8.94 11.36 -3.57
N ASN B 729 7.62 11.38 -3.53
CA ASN B 729 6.91 10.16 -3.83
C ASN B 729 7.14 9.68 -5.27
N ILE B 730 7.14 10.59 -6.26
CA ILE B 730 7.38 10.12 -7.63
C ILE B 730 8.80 9.59 -7.81
N ALA B 731 9.74 10.25 -7.13
CA ALA B 731 11.15 9.85 -7.17
C ALA B 731 11.31 8.43 -6.63
N TYR B 732 10.92 8.25 -5.37
CA TYR B 732 11.15 6.99 -4.71
C TYR B 732 10.45 5.89 -5.46
N LYS B 733 9.20 6.12 -5.87
CA LYS B 733 8.55 5.01 -6.53
C LYS B 733 9.17 4.74 -7.94
N LEU B 734 9.72 5.78 -8.59
CA LEU B 734 10.41 5.58 -9.90
C LEU B 734 11.83 4.91 -9.77
N ILE B 735 12.59 5.22 -8.72
CA ILE B 735 13.78 4.43 -8.40
C ILE B 735 13.42 3.01 -8.13
N GLN B 736 12.39 2.78 -7.32
CA GLN B 736 12.07 1.42 -6.96
C GLN B 736 11.69 0.58 -8.16
N GLN B 737 10.86 1.16 -9.02
CA GLN B 737 10.36 0.36 -10.12
C GLN B 737 11.33 0.24 -11.31
N ILE B 738 12.14 1.29 -11.54
CA ILE B 738 12.96 1.37 -12.74
C ILE B 738 14.46 1.28 -12.45
N GLY B 739 14.90 1.93 -11.38
CA GLY B 739 16.31 1.99 -11.04
C GLY B 739 16.92 0.64 -10.77
N LYS B 740 16.02 -0.30 -10.50
CA LYS B 740 16.34 -1.71 -10.21
C LYS B 740 17.30 -1.82 -8.99
N ALA B 741 17.50 -0.72 -8.25
CA ALA B 741 18.10 -0.79 -6.92
C ALA B 741 16.98 -1.04 -5.90
N GLU B 742 17.31 -1.67 -4.79
CA GLU B 742 16.28 -2.04 -3.82
C GLU B 742 15.92 -0.85 -2.97
N VAL B 743 14.61 -0.66 -2.74
CA VAL B 743 14.06 0.42 -1.87
C VAL B 743 13.05 -0.07 -0.80
N ILE B 744 13.32 0.21 0.49
CA ILE B 744 12.40 -0.15 1.58
C ILE B 744 11.75 1.10 2.20
N GLY B 745 10.59 0.92 2.83
CA GLY B 745 9.78 2.03 3.35
C GLY B 745 8.41 2.15 2.68
N PRO B 746 7.68 3.18 3.04
CA PRO B 746 8.02 4.26 3.96
C PRO B 746 7.81 3.99 5.45
N PHE B 747 8.65 4.59 6.27
CA PHE B 747 8.60 4.45 7.73
C PHE B 747 8.33 5.78 8.37
N LEU B 748 7.73 5.75 9.55
CA LEU B 748 7.41 7.00 10.23
C LEU B 748 8.53 7.45 11.18
N THR B 749 8.79 8.76 11.18
CA THR B 749 9.81 9.31 12.03
C THR B 749 9.31 10.55 12.75
N GLY B 750 9.85 10.77 13.95
CA GLY B 750 9.67 12.03 14.67
C GLY B 750 8.64 12.05 15.77
N VAL B 751 7.95 10.92 15.91
CA VAL B 751 6.88 10.81 16.85
C VAL B 751 7.49 10.58 18.25
N ARG B 752 6.80 11.01 19.33
CA ARG B 752 7.38 10.87 20.67
C ARG B 752 7.61 9.43 21.07
N ARG B 753 6.73 8.52 20.67
CA ARG B 753 6.93 7.12 21.02
C ARG B 753 6.88 6.25 19.78
N SER B 754 7.48 5.06 19.88
CA SER B 754 7.70 4.23 18.72
C SER B 754 6.42 3.80 18.01
N ALA B 755 6.15 4.44 16.88
CA ALA B 755 4.96 4.17 16.13
C ALA B 755 5.25 4.27 14.66
N ASN B 756 4.63 3.39 13.89
CA ASN B 756 4.88 3.33 12.44
C ASN B 756 3.63 2.94 11.63
N VAL B 757 3.40 3.58 10.49
CA VAL B 757 2.24 3.24 9.66
C VAL B 757 2.60 2.54 8.35
N LEU B 758 1.82 1.53 8.00
CA LEU B 758 1.95 0.86 6.72
C LEU B 758 1.07 1.48 5.64
N GLN B 759 1.30 1.06 4.40
CA GLN B 759 0.37 1.33 3.34
C GLN B 759 -0.49 0.10 3.20
N ARG B 760 -1.64 0.23 2.56
CA ARG B 760 -2.47 -0.96 2.39
C ARG B 760 -1.73 -1.93 1.48
N THR B 761 -0.91 -1.38 0.58
CA THR B 761 -0.16 -2.15 -0.42
C THR B 761 1.11 -2.89 0.04
N THR B 762 1.41 -2.79 1.32
CA THR B 762 2.62 -3.36 1.88
C THR B 762 2.50 -4.84 1.77
N THR B 763 3.53 -5.49 1.24
CA THR B 763 3.58 -6.96 1.26
C THR B 763 4.20 -7.43 2.57
N VAL B 764 4.23 -8.73 2.79
CA VAL B 764 4.57 -9.26 4.11
C VAL B 764 5.93 -8.76 4.60
N ASP B 765 6.89 -8.73 3.69
CA ASP B 765 8.23 -8.23 4.03
C ASP B 765 8.15 -6.83 4.59
N GLY B 766 7.36 -5.99 3.94
CA GLY B 766 7.28 -4.60 4.37
C GLY B 766 6.77 -4.56 5.79
N ILE B 767 5.83 -5.44 6.08
CA ILE B 767 5.26 -5.45 7.40
C ILE B 767 6.33 -5.88 8.41
N VAL B 768 7.08 -6.96 8.11
CA VAL B 768 8.06 -7.47 9.08
C VAL B 768 9.28 -6.53 9.30
N ASN B 769 9.90 -6.03 8.24
CA ASN B 769 10.99 -5.11 8.51
C ASN B 769 10.49 -3.81 9.15
N SER B 770 9.32 -3.32 8.74
CA SER B 770 8.78 -2.11 9.36
C SER B 770 8.64 -2.40 10.88
N VAL B 771 8.23 -3.62 11.20
CA VAL B 771 8.18 -4.02 12.61
C VAL B 771 9.56 -3.87 13.26
N VAL B 772 10.59 -4.36 12.57
CA VAL B 772 11.93 -4.28 13.14
C VAL B 772 12.37 -2.85 13.46
N PHE B 773 12.14 -1.97 12.48
CA PHE B 773 12.46 -0.56 12.70
C PHE B 773 11.71 -0.07 13.92
N THR B 774 10.45 -0.49 14.07
CA THR B 774 9.65 -0.07 15.23
C THR B 774 10.33 -0.47 16.54
N ALA B 775 10.82 -1.72 16.57
CA ALA B 775 11.49 -2.25 17.76
C ALA B 775 12.72 -1.43 18.14
N LEU B 776 13.58 -1.27 17.13
CA LEU B 776 14.81 -0.51 17.31
C LEU B 776 14.53 0.91 17.82
N GLU B 777 13.59 1.62 17.19
CA GLU B 777 13.27 2.99 17.59
C GLU B 777 12.77 2.96 19.02
N ALA B 778 12.05 1.89 19.42
CA ALA B 778 11.58 1.74 20.82
C ALA B 778 12.74 1.69 21.85
N GLN B 779 13.75 0.88 21.51
CA GLN B 779 14.96 0.82 22.33
C GLN B 779 15.74 2.17 22.37
N TYR B 780 15.83 2.81 21.20
CA TYR B 780 16.49 4.10 20.97
C TYR B 780 15.83 5.18 21.81
N ILE B 781 14.51 5.03 21.99
CA ILE B 781 13.70 5.85 22.87
C ILE B 781 14.03 5.54 24.33
N LYS B 782 14.17 4.26 24.65
CA LYS B 782 14.48 3.88 26.02
C LYS B 782 15.80 4.54 26.50
N GLU B 783 16.79 4.56 25.62
CA GLU B 783 18.05 5.18 25.99
C GLU B 783 17.97 6.72 26.13
N VAL B 784 17.15 7.38 25.31
CA VAL B 784 16.93 8.82 25.48
C VAL B 784 16.31 9.00 26.86
N LEU B 785 15.49 8.04 27.30
CA LEU B 785 14.95 8.05 28.67
C LEU B 785 16.03 8.03 29.73
N LYS B 786 16.98 7.09 29.62
CA LYS B 786 17.96 6.95 30.71
C LYS B 786 18.79 8.18 31.14
N SER B 787 19.39 8.87 30.17
CA SER B 787 20.24 10.04 30.45
C SER B 787 19.54 11.24 31.14
N THR C 27 -37.17 19.74 61.28
CA THR C 27 -36.43 19.13 60.18
C THR C 27 -36.06 20.21 59.17
N ASN C 28 -34.92 20.03 58.47
CA ASN C 28 -34.51 20.91 57.35
C ASN C 28 -35.57 20.93 56.25
N PHE C 29 -36.24 19.80 56.05
CA PHE C 29 -37.30 19.67 55.06
C PHE C 29 -38.51 20.58 55.42
N ASP C 30 -38.83 20.63 56.70
CA ASP C 30 -39.91 21.51 57.19
C ASP C 30 -39.64 23.00 56.87
N GLN C 31 -38.44 23.44 57.23
CA GLN C 31 -38.01 24.80 56.97
C GLN C 31 -37.96 25.09 55.42
N GLU C 32 -37.51 24.12 54.61
CA GLU C 32 -37.47 24.24 53.13
C GLU C 32 -38.89 24.47 52.55
N ALA C 33 -39.88 23.81 53.18
CA ALA C 33 -41.30 24.00 52.82
C ALA C 33 -41.76 25.41 53.19
N LEU C 34 -41.35 25.82 54.38
CA LEU C 34 -41.67 27.16 54.78
C LEU C 34 -41.14 28.22 53.78
N LEU C 35 -39.87 28.17 53.44
CA LEU C 35 -39.40 29.17 52.48
C LEU C 35 -40.03 28.96 51.09
N TYR C 36 -40.38 27.73 50.70
CA TYR C 36 -41.06 27.53 49.40
C TYR C 36 -42.29 28.35 49.35
N HIS C 37 -43.05 28.32 50.43
CA HIS C 37 -44.26 29.09 50.37
C HIS C 37 -44.03 30.57 50.57
N GLN C 38 -43.03 30.94 51.37
CA GLN C 38 -42.91 32.34 51.85
C GLN C 38 -42.22 33.32 50.92
N GLN C 39 -41.18 32.81 50.24
CA GLN C 39 -40.28 33.57 49.37
C GLN C 39 -41.01 34.18 48.18
N GLY C 40 -40.38 35.19 47.59
CA GLY C 40 -40.92 35.84 46.41
C GLY C 40 -42.33 36.31 46.65
N LYS C 41 -43.23 35.95 45.74
CA LYS C 41 -44.64 36.25 45.95
C LYS C 41 -45.20 35.26 46.98
N PRO C 42 -45.64 35.76 48.17
CA PRO C 42 -46.25 34.83 49.12
C PRO C 42 -47.47 34.18 48.48
N GLY C 43 -47.71 32.96 48.95
CA GLY C 43 -48.72 32.10 48.38
C GLY C 43 -48.20 31.16 47.31
N LYS C 44 -49.15 30.50 46.67
CA LYS C 44 -48.85 29.51 45.65
C LYS C 44 -49.69 29.69 44.42
N ILE C 45 -50.53 30.71 44.40
CA ILE C 45 -51.40 30.97 43.24
C ILE C 45 -51.42 32.45 42.84
N GLU C 46 -51.86 32.69 41.60
CA GLU C 46 -51.91 34.02 40.98
C GLU C 46 -53.03 33.92 39.94
N VAL C 47 -53.66 35.03 39.58
CA VAL C 47 -54.62 35.02 38.47
C VAL C 47 -54.19 36.01 37.41
N ILE C 48 -54.26 35.57 36.16
CA ILE C 48 -53.91 36.37 34.97
C ILE C 48 -55.08 36.45 33.99
N SER C 49 -54.97 37.31 32.99
CA SER C 49 -55.97 37.36 31.91
C SER C 49 -55.71 36.36 30.78
N SER C 50 -56.78 35.86 30.20
CA SER C 50 -56.67 34.91 29.10
C SER C 50 -56.85 35.59 27.77
N LYS C 51 -57.04 36.92 27.79
CA LYS C 51 -57.13 37.67 26.54
C LYS C 51 -56.30 38.96 26.68
N PRO C 52 -55.83 39.51 25.54
CA PRO C 52 -55.12 40.79 25.64
C PRO C 52 -55.88 41.84 26.46
N CYS C 53 -55.09 42.66 27.14
CA CYS C 53 -55.55 43.62 28.14
C CYS C 53 -54.57 44.81 28.28
N ALA C 54 -54.17 45.36 27.15
CA ALA C 54 -53.15 46.40 27.16
C ALA C 54 -53.70 47.78 26.88
N THR C 55 -54.71 47.87 26.03
CA THR C 55 -55.10 49.17 25.45
C THR C 55 -56.47 49.72 25.85
N GLU C 56 -56.73 50.95 25.43
CA GLU C 56 -58.08 51.52 25.50
C GLU C 56 -59.02 50.49 24.84
N LYS C 57 -58.65 49.96 23.67
CA LYS C 57 -59.46 48.99 22.92
C LYS C 57 -59.64 47.66 23.66
N ASP C 58 -58.53 47.06 24.13
CA ASP C 58 -58.58 45.78 24.85
C ASP C 58 -59.59 45.81 26.02
N LEU C 59 -59.52 46.87 26.81
CA LEU C 59 -60.41 46.98 27.94
C LEU C 59 -61.77 47.46 27.54
N SER C 60 -61.89 48.10 26.38
CA SER C 60 -63.22 48.49 25.92
C SER C 60 -63.93 47.25 25.39
N LEU C 61 -63.18 46.16 25.19
CA LEU C 61 -63.82 44.86 24.90
C LEU C 61 -64.13 44.07 26.18
N ALA C 62 -63.13 43.86 27.03
CA ALA C 62 -63.31 43.01 28.22
C ALA C 62 -64.30 43.58 29.24
N TYR C 63 -64.53 44.88 29.21
CA TYR C 63 -65.40 45.54 30.18
C TYR C 63 -66.42 46.45 29.46
N SER C 64 -66.80 47.57 30.09
CA SER C 64 -67.75 48.49 29.45
CA SER C 64 -67.73 48.51 29.48
C SER C 64 -67.03 49.25 28.35
N PRO C 65 -67.70 49.45 27.21
CA PRO C 65 -69.11 49.12 26.99
C PRO C 65 -69.31 47.72 26.46
N GLY C 66 -68.20 47.04 26.19
CA GLY C 66 -68.26 45.76 25.50
C GLY C 66 -68.87 44.58 26.21
N VAL C 67 -68.56 44.40 27.49
CA VAL C 67 -68.98 43.19 28.20
C VAL C 67 -70.50 43.05 28.22
N ALA C 68 -71.21 44.08 27.76
CA ALA C 68 -72.66 44.01 27.74
C ALA C 68 -73.13 42.94 26.80
N ALA C 69 -72.40 42.76 25.72
CA ALA C 69 -72.83 41.83 24.68
C ALA C 69 -72.92 40.37 25.13
N PRO C 70 -71.95 39.89 25.93
CA PRO C 70 -72.15 38.53 26.47
C PRO C 70 -73.26 38.44 27.53
N CYS C 71 -73.33 39.43 28.41
CA CYS C 71 -74.33 39.42 29.48
C CYS C 71 -75.73 39.34 28.91
N LYS C 72 -76.04 40.21 27.97
CA LYS C 72 -77.34 40.20 27.34
C LYS C 72 -77.61 38.79 26.76
N ALA C 73 -76.58 38.20 26.15
CA ALA C 73 -76.70 36.88 25.49
C ALA C 73 -76.92 35.76 26.51
N ILE C 74 -76.35 35.93 27.71
CA ILE C 74 -76.56 34.94 28.77
C ILE C 74 -77.97 35.12 29.34
N ALA C 75 -78.47 36.37 29.29
CA ALA C 75 -79.81 36.63 29.81
C ALA C 75 -80.88 35.90 29.02
N LYS C 76 -80.75 35.92 27.70
CA LYS C 76 -81.73 35.32 26.80
C LYS C 76 -81.60 33.78 26.85
N ASP C 77 -80.37 33.26 26.89
CA ASP C 77 -80.12 31.83 27.02
CA ASP C 77 -80.13 31.82 27.05
C ASP C 77 -79.06 31.59 28.10
N PRO C 78 -79.46 31.09 29.28
CA PRO C 78 -78.51 30.90 30.40
C PRO C 78 -77.32 30.01 30.03
N ALA C 79 -77.56 29.07 29.12
CA ALA C 79 -76.55 28.08 28.72
C ALA C 79 -75.24 28.72 28.31
N LYS C 80 -75.39 29.84 27.58
CA LYS C 80 -74.27 30.54 26.96
C LYS C 80 -73.30 31.09 28.01
N VAL C 81 -73.61 30.87 29.28
CA VAL C 81 -72.68 31.23 30.36
C VAL C 81 -71.40 30.44 30.23
N TYR C 82 -71.49 29.26 29.63
CA TYR C 82 -70.29 28.45 29.37
C TYR C 82 -69.49 28.92 28.16
N ASP C 83 -70.12 29.66 27.27
CA ASP C 83 -69.42 29.99 26.04
C ASP C 83 -68.58 31.28 26.19
N TYR C 84 -69.03 32.24 27.00
CA TYR C 84 -68.38 33.55 27.07
C TYR C 84 -67.66 33.74 28.40
N THR C 85 -67.74 32.76 29.30
CA THR C 85 -67.14 32.88 30.64
C THR C 85 -66.21 31.73 31.00
N ALA C 86 -65.60 31.82 32.18
CA ALA C 86 -64.66 30.81 32.64
C ALA C 86 -65.34 29.60 33.34
N LYS C 87 -66.67 29.56 33.33
CA LYS C 87 -67.32 28.51 34.10
C LYS C 87 -66.79 27.18 33.67
N GLY C 88 -66.72 27.01 32.36
CA GLY C 88 -66.40 25.73 31.75
C GLY C 88 -65.12 25.11 32.20
N ASN C 89 -64.33 25.85 32.97
CA ASN C 89 -63.11 25.22 33.44
C ASN C 89 -62.81 25.59 34.87
N LEU C 90 -63.85 26.06 35.56
CA LEU C 90 -63.60 26.54 36.88
C LEU C 90 -64.21 25.60 37.94
N VAL C 91 -63.32 25.02 38.77
CA VAL C 91 -63.74 24.14 39.85
C VAL C 91 -63.33 24.68 41.19
N ALA C 92 -64.28 24.74 42.13
CA ALA C 92 -63.99 25.23 43.46
C ALA C 92 -63.57 24.09 44.39
N VAL C 93 -62.41 24.25 45.01
CA VAL C 93 -62.04 23.37 46.10
C VAL C 93 -62.46 24.04 47.39
N ILE C 94 -63.39 23.42 48.13
CA ILE C 94 -64.01 23.99 49.33
C ILE C 94 -63.75 23.16 50.59
N SER C 95 -63.47 23.83 51.69
CA SER C 95 -63.34 23.10 52.93
C SER C 95 -63.56 23.98 54.14
N ASN C 96 -63.89 23.37 55.28
CA ASN C 96 -63.92 24.15 56.50
C ASN C 96 -62.69 23.84 57.37
N GLY C 97 -61.82 22.98 56.89
CA GLY C 97 -60.59 22.65 57.58
C GLY C 97 -60.74 21.83 58.83
N THR C 98 -61.79 21.01 58.84
CA THR C 98 -62.18 20.15 59.97
C THR C 98 -61.55 18.76 59.79
N ALA C 99 -60.82 18.57 58.68
CA ALA C 99 -60.10 17.33 58.45
C ALA C 99 -58.86 17.46 57.55
N VAL C 100 -58.00 18.42 57.82
CA VAL C 100 -56.86 18.64 56.91
C VAL C 100 -55.79 17.56 57.02
N LEU C 101 -55.64 16.86 55.89
CA LEU C 101 -54.71 15.76 55.78
C LEU C 101 -54.88 14.86 56.97
N GLY C 102 -53.80 14.71 57.73
CA GLY C 102 -53.85 13.94 58.95
C GLY C 102 -53.74 14.80 60.19
N LEU C 103 -53.91 16.11 60.02
CA LEU C 103 -53.78 16.98 61.19
C LEU C 103 -55.14 17.31 61.77
N GLY C 104 -56.20 16.93 61.06
CA GLY C 104 -57.55 17.07 61.59
C GLY C 104 -58.21 18.45 61.55
N ASN C 105 -58.98 18.78 62.59
CA ASN C 105 -59.69 20.06 62.58
C ASN C 105 -58.82 21.18 63.12
N ILE C 106 -58.04 21.72 62.21
CA ILE C 106 -57.03 22.71 62.49
C ILE C 106 -57.45 24.10 62.02
N GLY C 107 -58.68 24.18 61.51
CA GLY C 107 -59.29 25.45 61.11
C GLY C 107 -59.30 25.72 59.62
N PRO C 108 -60.16 26.66 59.17
CA PRO C 108 -60.24 27.03 57.75
C PRO C 108 -58.97 27.79 57.34
N ALA C 109 -58.43 28.56 58.28
CA ALA C 109 -57.25 29.36 58.00
C ALA C 109 -56.03 28.48 57.68
N ALA C 110 -55.70 27.60 58.62
CA ALA C 110 -54.52 26.77 58.48
C ALA C 110 -54.70 25.78 57.34
N GLY C 111 -55.94 25.52 56.95
CA GLY C 111 -56.19 24.52 55.93
C GLY C 111 -56.01 25.05 54.52
N LYS C 112 -55.91 26.38 54.40
CA LYS C 112 -55.80 27.06 53.08
C LYS C 112 -54.64 26.61 52.16
N PRO C 113 -53.39 26.54 52.69
CA PRO C 113 -52.29 26.18 51.80
C PRO C 113 -52.51 24.83 51.15
N VAL C 114 -53.08 23.89 51.90
CA VAL C 114 -53.29 22.56 51.39
C VAL C 114 -54.26 22.66 50.21
N MET C 115 -55.23 23.58 50.33
CA MET C 115 -56.19 23.80 49.25
C MET C 115 -55.57 24.45 47.99
N GLU C 116 -54.79 25.51 48.19
CA GLU C 116 -54.09 26.17 47.10
C GLU C 116 -53.36 25.06 46.36
N GLY C 117 -52.67 24.21 47.11
CA GLY C 117 -51.95 23.12 46.51
C GLY C 117 -52.84 22.15 45.74
N LYS C 118 -54.01 21.83 46.30
CA LYS C 118 -54.93 20.92 45.62
C LYS C 118 -55.35 21.51 44.25
N GLY C 119 -55.57 22.81 44.22
CA GLY C 119 -55.82 23.51 42.97
C GLY C 119 -54.66 23.47 42.00
N ILE C 120 -53.45 23.61 42.55
CA ILE C 120 -52.31 23.54 41.69
C ILE C 120 -52.40 22.18 41.01
N LEU C 121 -52.66 21.13 41.79
CA LEU C 121 -52.71 19.77 41.22
C LEU C 121 -53.73 19.66 40.11
N PHE C 122 -54.89 20.27 40.35
CA PHE C 122 -55.95 20.29 39.35
C PHE C 122 -55.43 20.84 38.04
N LYS C 123 -54.78 22.00 38.12
CA LYS C 123 -54.31 22.68 36.94
C LYS C 123 -53.19 21.88 36.26
N GLN C 124 -52.23 21.38 37.03
CA GLN C 124 -51.08 20.72 36.42
C GLN C 124 -51.40 19.34 35.84
N PHE C 125 -52.38 18.64 36.42
CA PHE C 125 -52.72 17.26 36.00
C PHE C 125 -53.91 17.18 35.03
N ALA C 126 -54.75 18.20 34.98
CA ALA C 126 -55.85 18.16 34.01
C ALA C 126 -56.15 19.53 33.40
N GLY C 127 -55.29 20.51 33.68
CA GLY C 127 -55.43 21.83 33.09
C GLY C 127 -56.66 22.57 33.56
N ILE C 128 -57.09 22.26 34.78
CA ILE C 128 -58.29 22.82 35.37
C ILE C 128 -58.02 23.99 36.32
N ASP C 129 -58.69 25.13 36.08
CA ASP C 129 -58.54 26.29 36.95
C ASP C 129 -59.35 26.12 38.23
N VAL C 130 -58.72 26.51 39.34
CA VAL C 130 -59.28 26.26 40.65
C VAL C 130 -59.14 27.41 41.66
N PHE C 131 -60.29 27.78 42.27
CA PHE C 131 -60.43 28.70 43.42
C PHE C 131 -60.44 27.93 44.77
N ASP C 132 -59.57 28.32 45.71
CA ASP C 132 -59.55 27.75 47.07
C ASP C 132 -60.52 28.48 48.01
N ILE C 133 -61.47 27.78 48.60
CA ILE C 133 -62.47 28.45 49.41
C ILE C 133 -62.51 27.85 50.80
N GLU C 134 -62.05 28.64 51.76
CA GLU C 134 -61.94 28.21 53.15
C GLU C 134 -63.12 28.73 53.98
N VAL C 135 -63.98 27.83 54.49
CA VAL C 135 -65.27 28.29 55.01
C VAL C 135 -65.38 28.17 56.56
N ALA C 136 -65.79 29.22 57.25
CA ALA C 136 -65.87 29.11 58.69
C ALA C 136 -67.27 28.70 59.23
N ALA C 137 -67.68 27.46 58.94
CA ALA C 137 -68.93 26.91 59.48
C ALA C 137 -68.80 25.41 59.67
N THR C 138 -69.05 24.94 60.90
CA THR C 138 -68.99 23.52 61.24
C THR C 138 -70.40 22.89 61.32
N ASP C 139 -71.42 23.74 61.32
CA ASP C 139 -72.77 23.24 61.19
C ASP C 139 -73.03 22.83 59.81
N VAL C 140 -73.52 21.62 59.64
CA VAL C 140 -73.85 21.11 58.34
C VAL C 140 -74.71 22.15 57.59
N ASP C 141 -75.70 22.72 58.28
CA ASP C 141 -76.64 23.61 57.58
C ASP C 141 -76.10 25.00 57.21
N VAL C 142 -75.29 25.62 58.07
CA VAL C 142 -74.72 26.94 57.70
C VAL C 142 -73.95 26.88 56.40
N PHE C 143 -73.06 25.88 56.40
CA PHE C 143 -72.12 25.50 55.38
C PHE C 143 -72.84 25.16 54.10
N CYS C 144 -73.83 24.29 54.14
CA CYS C 144 -74.50 24.04 52.89
C CYS C 144 -75.25 25.25 52.37
N ASN C 145 -75.92 25.96 53.26
CA ASN C 145 -76.68 27.14 52.86
C ASN C 145 -75.80 28.20 52.27
N ALA C 146 -74.53 28.18 52.66
CA ALA C 146 -73.56 29.11 52.13
C ALA C 146 -73.02 28.62 50.80
N VAL C 147 -72.78 27.32 50.67
CA VAL C 147 -72.14 26.79 49.46
C VAL C 147 -73.07 26.75 48.28
N ARG C 148 -74.30 26.31 48.50
CA ARG C 148 -75.15 25.99 47.36
C ARG C 148 -75.41 27.18 46.47
N VAL C 149 -75.36 28.37 47.08
CA VAL C 149 -75.66 29.65 46.40
C VAL C 149 -74.48 30.18 45.58
N LEU C 150 -73.35 29.44 45.58
CA LEU C 150 -72.19 29.75 44.75
C LEU C 150 -72.32 29.14 43.38
N GLU C 151 -73.34 28.31 43.22
CA GLU C 151 -73.53 27.50 42.02
C GLU C 151 -73.36 28.22 40.68
N PRO C 152 -73.83 29.48 40.55
CA PRO C 152 -73.56 30.06 39.24
C PRO C 152 -72.07 30.24 39.00
N THR C 153 -71.25 30.39 40.05
CA THR C 153 -69.83 30.64 39.81
C THR C 153 -69.07 29.48 39.18
N PHE C 154 -69.30 28.26 39.65
CA PHE C 154 -68.43 27.15 39.29
C PHE C 154 -69.11 26.14 38.41
N GLY C 155 -68.30 25.44 37.62
CA GLY C 155 -68.80 24.41 36.76
C GLY C 155 -68.84 23.11 37.50
N GLY C 156 -68.09 23.03 38.60
CA GLY C 156 -68.06 21.82 39.40
C GLY C 156 -67.49 22.14 40.76
N ILE C 157 -67.85 21.33 41.79
CA ILE C 157 -67.43 21.59 43.18
C ILE C 157 -66.64 20.49 43.84
N ASN C 158 -65.41 20.76 44.25
CA ASN C 158 -64.64 19.72 44.93
C ASN C 158 -64.50 20.00 46.41
N LEU C 159 -65.21 19.25 47.23
CA LEU C 159 -65.02 19.32 48.68
C LEU C 159 -63.71 18.61 49.03
N GLU C 160 -62.97 19.07 50.03
CA GLU C 160 -61.77 18.34 50.47
C GLU C 160 -61.53 18.51 51.95
N ASP C 161 -61.13 17.43 52.58
CA ASP C 161 -60.67 17.43 53.98
C ASP C 161 -61.72 17.97 54.99
N ILE C 162 -62.95 17.41 54.95
CA ILE C 162 -64.04 17.71 55.92
C ILE C 162 -64.46 16.48 56.75
N LYS C 163 -64.54 16.64 58.08
CA LYS C 163 -64.66 15.49 59.01
C LYS C 163 -65.87 14.60 58.78
N ALA C 164 -65.74 13.36 59.21
CA ALA C 164 -66.88 12.48 59.28
C ALA C 164 -67.56 12.73 60.64
N PRO C 165 -68.87 12.48 60.76
CA PRO C 165 -69.73 12.11 59.65
C PRO C 165 -70.38 13.34 59.00
N GLU C 166 -70.00 14.55 59.42
CA GLU C 166 -70.58 15.76 58.86
C GLU C 166 -70.53 15.74 57.36
N CYS C 167 -69.42 15.24 56.86
CA CYS C 167 -69.12 15.32 55.43
C CYS C 167 -70.14 14.58 54.62
N PHE C 168 -70.52 13.42 55.10
CA PHE C 168 -71.48 12.60 54.39
C PHE C 168 -72.78 13.38 54.23
N GLU C 169 -73.26 13.97 55.33
CA GLU C 169 -74.49 14.78 55.32
C GLU C 169 -74.30 15.91 54.30
N ILE C 170 -73.13 16.56 54.32
CA ILE C 170 -72.93 17.72 53.46
C ILE C 170 -72.98 17.35 51.96
N GLU C 171 -72.19 16.36 51.52
CA GLU C 171 -72.17 15.97 50.09
C GLU C 171 -73.49 15.33 49.64
N GLU C 172 -74.01 14.45 50.48
CA GLU C 172 -75.26 13.72 50.19
C GLU C 172 -76.36 14.72 49.91
N ARG C 173 -76.36 15.78 50.74
CA ARG C 173 -77.25 16.93 50.55
C ARG C 173 -76.94 17.70 49.24
N LEU C 174 -75.68 18.10 49.07
CA LEU C 174 -75.27 19.01 48.00
C LEU C 174 -75.43 18.46 46.61
N LYS C 175 -75.14 17.19 46.43
CA LYS C 175 -75.25 16.56 45.12
C LYS C 175 -76.69 16.64 44.64
N LYS C 176 -77.58 16.64 45.64
CA LYS C 176 -79.01 16.73 45.42
C LYS C 176 -79.37 18.19 45.18
N GLU C 177 -78.73 19.06 45.94
CA GLU C 177 -79.07 20.47 45.99
C GLU C 177 -78.74 21.18 44.70
N MET C 178 -77.54 20.94 44.19
CA MET C 178 -76.95 21.74 43.12
C MET C 178 -76.96 21.05 41.77
N ASN C 179 -77.21 21.86 40.75
CA ASN C 179 -77.28 21.38 39.38
C ASN C 179 -75.89 21.43 38.65
N ILE C 180 -74.83 21.34 39.45
CA ILE C 180 -73.46 21.14 38.99
C ILE C 180 -72.92 20.00 39.84
N PRO C 181 -71.87 19.36 39.36
CA PRO C 181 -71.30 18.28 40.15
C PRO C 181 -70.68 18.70 41.49
N VAL C 182 -70.96 17.86 42.50
CA VAL C 182 -70.35 17.96 43.82
C VAL C 182 -69.75 16.60 44.19
N PHE C 183 -68.52 16.68 44.70
CA PHE C 183 -67.61 15.55 44.88
C PHE C 183 -66.64 15.83 46.04
N HIS C 184 -66.67 14.99 47.07
CA HIS C 184 -65.69 15.07 48.17
C HIS C 184 -64.53 14.11 47.88
N ASP C 185 -63.35 14.65 47.56
CA ASP C 185 -62.27 13.82 47.03
C ASP C 185 -61.81 12.77 48.04
N ASP C 186 -61.73 13.14 49.32
CA ASP C 186 -61.27 12.17 50.28
C ASP C 186 -62.26 10.98 50.40
N GLN C 187 -63.55 11.23 50.17
CA GLN C 187 -64.58 10.18 50.21
C GLN C 187 -64.35 9.12 49.14
N HIS C 188 -64.18 9.54 47.89
CA HIS C 188 -64.19 8.61 46.75
C HIS C 188 -62.86 8.27 46.05
N GLY C 189 -61.83 9.07 46.27
CA GLY C 189 -60.62 8.85 45.50
C GLY C 189 -60.01 7.50 45.78
N THR C 190 -59.70 7.29 47.05
CA THR C 190 -59.06 6.09 47.54
C THR C 190 -59.81 4.87 47.02
N ALA C 191 -61.14 4.98 47.06
CA ALA C 191 -62.00 3.93 46.56
C ALA C 191 -61.81 3.72 45.07
N ILE C 192 -61.73 4.78 44.28
CA ILE C 192 -61.63 4.56 42.87
C ILE C 192 -60.26 3.97 42.45
N VAL C 193 -59.16 4.54 42.93
CA VAL C 193 -57.85 3.99 42.55
C VAL C 193 -57.58 2.57 43.08
N SER C 194 -57.84 2.38 44.39
CA SER C 194 -57.68 1.09 45.05
C SER C 194 -58.66 0.08 44.48
N GLY C 195 -59.72 0.62 43.89
CA GLY C 195 -60.72 -0.14 43.15
C GLY C 195 -60.21 -0.68 41.82
N ALA C 196 -59.59 0.19 41.00
CA ALA C 196 -58.98 -0.28 39.76
C ALA C 196 -57.95 -1.33 40.09
N ALA C 197 -57.16 -0.98 41.11
CA ALA C 197 -56.14 -1.85 41.62
C ALA C 197 -56.72 -3.20 42.02
N LEU C 198 -57.87 -3.20 42.68
CA LEU C 198 -58.43 -4.47 43.08
C LEU C 198 -58.85 -5.22 41.83
N LEU C 199 -59.41 -4.52 40.86
CA LEU C 199 -59.81 -5.21 39.65
C LEU C 199 -58.68 -5.99 39.09
N ASN C 200 -57.56 -5.30 38.98
CA ASN C 200 -56.41 -5.96 38.40
C ASN C 200 -56.01 -7.15 39.25
N ALA C 201 -55.84 -6.97 40.55
CA ALA C 201 -55.31 -8.05 41.37
C ALA C 201 -56.19 -9.29 41.24
N CYS C 202 -57.50 -9.03 41.13
CA CYS C 202 -58.52 -10.05 40.98
C CYS C 202 -58.42 -10.77 39.62
N SER C 203 -58.10 -10.03 38.56
CA SER C 203 -57.86 -10.64 37.23
C SER C 203 -56.55 -11.44 37.23
N ILE C 204 -55.59 -10.95 37.98
CA ILE C 204 -54.30 -11.59 38.18
C ILE C 204 -54.40 -12.91 38.85
N THR C 205 -55.10 -12.95 39.98
CA THR C 205 -55.12 -14.15 40.78
C THR C 205 -56.33 -14.99 40.44
N ASN C 206 -56.94 -14.66 39.32
CA ASN C 206 -58.04 -15.44 38.78
C ASN C 206 -59.25 -15.51 39.73
N ARG C 207 -59.49 -14.44 40.49
CA ARG C 207 -60.61 -14.35 41.41
C ARG C 207 -61.85 -13.82 40.75
N LYS C 208 -62.99 -14.07 41.36
CA LYS C 208 -64.22 -13.43 40.91
C LYS C 208 -64.77 -12.54 42.03
N MET C 209 -65.18 -11.33 41.67
CA MET C 209 -65.52 -10.35 42.67
C MET C 209 -66.55 -10.92 43.63
N GLU C 210 -67.50 -11.67 43.08
CA GLU C 210 -68.64 -12.20 43.86
C GLU C 210 -68.26 -13.31 44.86
N THR C 211 -67.00 -13.70 44.84
CA THR C 211 -66.55 -14.70 45.79
C THR C 211 -65.45 -14.08 46.63
N VAL C 212 -65.14 -12.82 46.37
CA VAL C 212 -64.15 -12.14 47.18
C VAL C 212 -64.65 -11.72 48.56
N ARG C 213 -63.85 -12.04 49.58
CA ARG C 213 -64.09 -11.53 50.91
C ARG C 213 -63.16 -10.34 51.09
N ILE C 214 -63.72 -9.21 51.53
CA ILE C 214 -63.00 -7.94 51.70
C ILE C 214 -63.13 -7.41 53.10
N VAL C 215 -62.04 -7.12 53.76
CA VAL C 215 -62.09 -6.61 55.13
C VAL C 215 -61.62 -5.15 55.17
N VAL C 216 -62.47 -4.21 55.56
CA VAL C 216 -62.03 -2.83 55.63
C VAL C 216 -61.68 -2.35 57.02
N ASN C 217 -60.40 -2.19 57.34
CA ASN C 217 -60.09 -1.66 58.67
C ASN C 217 -59.92 -0.17 58.62
N GLY C 218 -60.76 0.53 59.37
CA GLY C 218 -60.79 1.98 59.34
C GLY C 218 -62.16 2.51 58.92
N ALA C 219 -62.55 3.65 59.47
CA ALA C 219 -63.86 4.17 59.13
C ALA C 219 -63.78 5.66 58.81
N GLY C 220 -62.72 6.04 58.13
CA GLY C 220 -62.53 7.43 57.71
C GLY C 220 -63.44 7.81 56.56
N ALA C 221 -63.08 8.88 55.87
CA ALA C 221 -63.94 9.44 54.84
C ALA C 221 -64.15 8.42 53.77
N SER C 222 -63.03 7.75 53.50
CA SER C 222 -62.86 6.87 52.38
C SER C 222 -63.53 5.50 52.56
N ALA C 223 -63.58 5.03 53.79
CA ALA C 223 -63.99 3.67 54.06
C ALA C 223 -65.36 3.39 53.49
N ASN C 224 -66.29 4.31 53.77
CA ASN C 224 -67.67 4.11 53.41
C ASN C 224 -67.88 3.88 51.90
N SER C 225 -67.11 4.59 51.06
CA SER C 225 -67.28 4.55 49.60
C SER C 225 -66.52 3.39 48.91
N CYS C 226 -65.49 2.89 49.59
CA CYS C 226 -64.71 1.75 49.14
C CYS C 226 -65.66 0.61 48.84
N ALA C 227 -66.46 0.29 49.84
CA ALA C 227 -67.41 -0.80 49.70
C ALA C 227 -68.37 -0.51 48.57
N LYS C 228 -68.79 0.73 48.48
CA LYS C 228 -69.81 1.07 47.52
C LYS C 228 -69.28 0.68 46.17
N ILE C 229 -68.01 1.00 45.98
CA ILE C 229 -67.37 0.73 44.70
C ILE C 229 -66.99 -0.76 44.41
N PHE C 230 -66.39 -1.47 45.37
CA PHE C 230 -65.99 -2.86 45.14
C PHE C 230 -67.24 -3.63 44.81
N ILE C 231 -68.30 -3.29 45.54
CA ILE C 231 -69.65 -3.84 45.40
C ILE C 231 -70.21 -3.53 44.04
N ALA C 232 -69.99 -2.28 43.61
CA ALA C 232 -70.43 -1.82 42.32
C ALA C 232 -69.64 -2.49 41.23
N LEU C 233 -68.48 -3.03 41.60
CA LEU C 233 -67.70 -3.77 40.64
C LEU C 233 -68.10 -5.25 40.65
N GLY C 234 -69.00 -5.64 41.56
CA GLY C 234 -69.50 -7.01 41.58
C GLY C 234 -69.34 -7.82 42.87
N ALA C 235 -68.71 -7.23 43.88
CA ALA C 235 -68.52 -7.88 45.17
C ALA C 235 -69.83 -8.06 45.93
N ARG C 236 -69.96 -9.16 46.68
CA ARG C 236 -71.15 -9.36 47.51
C ARG C 236 -70.96 -8.74 48.88
N ARG C 237 -71.95 -7.96 49.30
CA ARG C 237 -71.80 -7.21 50.55
C ARG C 237 -71.76 -8.15 51.75
N GLU C 238 -72.24 -9.39 51.55
CA GLU C 238 -72.18 -10.40 52.62
C GLU C 238 -70.73 -10.81 52.85
N ASN C 239 -69.93 -10.68 51.80
CA ASN C 239 -68.52 -11.08 51.79
C ASN C 239 -67.64 -9.91 52.21
N ILE C 240 -68.31 -8.82 52.58
CA ILE C 240 -67.62 -7.61 53.04
C ILE C 240 -67.94 -7.40 54.53
N ILE C 241 -66.87 -7.31 55.30
CA ILE C 241 -66.84 -7.00 56.72
C ILE C 241 -66.20 -5.63 56.97
N MET C 242 -66.82 -4.75 57.75
CA MET C 242 -66.16 -3.47 57.93
C MET C 242 -65.86 -3.10 59.39
N CYS C 243 -64.63 -2.66 59.65
CA CYS C 243 -64.13 -2.39 61.03
C CYS C 243 -63.90 -0.93 61.38
N ASP C 244 -63.86 -0.62 62.68
CA ASP C 244 -63.32 0.65 63.13
C ASP C 244 -62.54 0.49 64.41
N SER C 245 -62.37 1.62 65.09
CA SER C 245 -61.54 1.73 66.27
C SER C 245 -62.07 0.85 67.40
N GLN C 246 -63.27 0.31 67.20
CA GLN C 246 -63.88 -0.58 68.18
C GLN C 246 -64.23 -1.98 67.72
N GLY C 247 -63.57 -2.40 66.65
CA GLY C 247 -63.74 -3.73 66.15
C GLY C 247 -64.69 -3.76 64.99
N VAL C 248 -65.19 -4.96 64.74
CA VAL C 248 -66.08 -5.23 63.63
C VAL C 248 -67.34 -4.35 63.77
N ILE C 249 -67.90 -3.91 62.64
CA ILE C 249 -69.22 -3.31 62.65
C ILE C 249 -70.33 -4.32 62.34
N TYR C 250 -70.97 -4.77 63.41
CA TYR C 250 -72.07 -5.73 63.35
C TYR C 250 -73.38 -5.00 63.53
N LYS C 251 -74.42 -5.48 62.86
CA LYS C 251 -75.73 -4.81 62.90
C LYS C 251 -76.26 -4.72 64.33
N GLY C 252 -76.65 -3.52 64.74
CA GLY C 252 -77.20 -3.43 66.06
C GLY C 252 -76.17 -3.05 67.09
N ARG C 253 -74.89 -3.20 66.78
CA ARG C 253 -73.88 -2.63 67.66
C ARG C 253 -74.23 -1.19 67.72
N THR C 254 -74.25 -0.59 68.91
CA THR C 254 -74.71 0.79 69.02
C THR C 254 -73.55 1.66 69.43
N ALA C 255 -72.54 0.99 69.99
CA ALA C 255 -71.34 1.65 70.45
C ALA C 255 -70.66 2.39 69.28
N GLY C 256 -70.67 3.71 69.35
CA GLY C 256 -69.97 4.49 68.37
C GLY C 256 -70.43 4.34 66.93
N MET C 257 -71.72 4.49 66.68
CA MET C 257 -72.23 4.40 65.32
C MET C 257 -72.67 5.77 64.79
N ASN C 258 -72.91 5.88 63.50
CA ASN C 258 -73.63 7.04 63.02
C ASN C 258 -74.55 6.54 61.92
N LYS C 259 -75.39 7.41 61.35
CA LYS C 259 -76.40 6.94 60.41
C LYS C 259 -75.67 6.25 59.22
N TYR C 260 -74.48 6.75 58.89
CA TYR C 260 -73.73 6.35 57.67
C TYR C 260 -72.88 5.04 57.83
N LYS C 261 -72.23 4.85 58.98
CA LYS C 261 -71.52 3.57 59.19
C LYS C 261 -72.49 2.40 59.02
N GLU C 262 -73.75 2.63 59.41
CA GLU C 262 -74.83 1.63 59.45
C GLU C 262 -75.12 0.92 58.08
N TYR C 263 -74.53 1.47 56.99
CA TYR C 263 -74.70 0.94 55.64
C TYR C 263 -74.12 -0.47 55.47
N PHE C 264 -72.95 -0.70 56.05
CA PHE C 264 -72.19 -1.89 55.75
C PHE C 264 -71.86 -2.80 56.94
N ALA C 265 -72.71 -2.75 57.96
CA ALA C 265 -72.59 -3.69 59.07
C ALA C 265 -72.83 -5.07 58.52
N SER C 266 -72.12 -6.04 59.08
CA SER C 266 -72.18 -7.40 58.55
C SER C 266 -73.02 -8.32 59.42
N GLU C 267 -73.48 -9.39 58.80
CA GLU C 267 -74.16 -10.46 59.50
C GLU C 267 -73.15 -11.30 60.27
N THR C 268 -71.86 -11.01 60.13
CA THR C 268 -70.82 -11.83 60.74
C THR C 268 -70.82 -11.79 62.26
N GLU C 269 -70.31 -12.88 62.84
CA GLU C 269 -70.13 -12.99 64.29
C GLU C 269 -68.72 -12.54 64.76
N ALA C 270 -67.79 -12.31 63.82
CA ALA C 270 -66.46 -11.87 64.21
C ALA C 270 -66.55 -10.50 64.83
N ARG C 271 -65.84 -10.26 65.93
CA ARG C 271 -65.97 -9.00 66.67
C ARG C 271 -64.65 -8.24 66.69
N THR C 272 -63.56 -9.00 66.56
CA THR C 272 -62.25 -8.38 66.52
C THR C 272 -61.87 -8.34 65.03
N LEU C 273 -60.88 -7.52 64.69
CA LEU C 273 -60.39 -7.47 63.32
C LEU C 273 -59.89 -8.85 62.88
N THR C 274 -59.14 -9.48 63.78
CA THR C 274 -58.44 -10.71 63.47
C THR C 274 -59.42 -11.77 63.05
N GLU C 275 -60.52 -11.83 63.79
CA GLU C 275 -61.56 -12.78 63.49
C GLU C 275 -62.15 -12.45 62.10
N ALA C 276 -62.17 -11.17 61.73
CA ALA C 276 -62.68 -10.85 60.40
C ALA C 276 -61.71 -11.29 59.28
N LEU C 277 -60.41 -11.15 59.52
CA LEU C 277 -59.38 -11.40 58.49
C LEU C 277 -59.05 -12.87 58.35
N ARG C 278 -59.64 -13.69 59.21
CA ARG C 278 -59.48 -15.11 59.09
C ARG C 278 -60.11 -15.47 57.74
N GLY C 279 -59.28 -16.00 56.82
CA GLY C 279 -59.71 -16.48 55.51
C GLY C 279 -60.14 -15.41 54.52
N ALA C 280 -59.85 -14.16 54.86
CA ALA C 280 -60.22 -13.01 54.03
C ALA C 280 -59.38 -13.00 52.76
N ASP C 281 -59.99 -12.52 51.67
CA ASP C 281 -59.26 -12.40 50.42
C ASP C 281 -58.50 -11.08 50.30
N VAL C 282 -59.15 -9.95 50.62
CA VAL C 282 -58.53 -8.64 50.45
C VAL C 282 -58.67 -7.81 51.69
N PHE C 283 -57.57 -7.23 52.12
CA PHE C 283 -57.53 -6.32 53.27
C PHE C 283 -57.43 -4.89 52.78
N VAL C 284 -58.46 -4.09 53.06
CA VAL C 284 -58.47 -2.67 52.71
C VAL C 284 -58.08 -1.90 53.96
N GLY C 285 -56.82 -1.51 54.06
CA GLY C 285 -56.30 -0.89 55.27
C GLY C 285 -56.33 0.62 55.24
N LEU C 286 -57.24 1.19 56.05
CA LEU C 286 -57.48 2.63 56.08
C LEU C 286 -57.32 3.26 57.45
N SER C 287 -56.31 2.83 58.20
CA SER C 287 -56.22 3.22 59.62
C SER C 287 -54.86 3.76 60.04
N VAL C 288 -54.12 2.96 60.81
CA VAL C 288 -52.80 3.35 61.28
C VAL C 288 -51.83 2.21 61.13
N ALA C 289 -50.55 2.56 61.25
CA ALA C 289 -49.47 1.60 61.07
C ALA C 289 -49.49 0.57 62.18
N GLY C 290 -49.01 -0.62 61.83
CA GLY C 290 -48.92 -1.74 62.74
C GLY C 290 -50.26 -2.41 62.99
N ALA C 291 -51.31 -1.88 62.39
CA ALA C 291 -52.63 -2.44 62.63
C ALA C 291 -52.71 -3.83 62.05
N LEU C 292 -51.83 -4.15 61.08
CA LEU C 292 -51.84 -5.47 60.45
C LEU C 292 -50.66 -6.38 60.88
N THR C 293 -50.94 -7.41 61.69
CA THR C 293 -49.87 -8.24 62.23
C THR C 293 -49.48 -9.36 61.28
N PRO C 294 -48.23 -9.86 61.36
CA PRO C 294 -47.87 -11.04 60.58
C PRO C 294 -48.72 -12.23 60.99
N GLU C 295 -49.23 -12.17 62.21
CA GLU C 295 -50.12 -13.21 62.69
C GLU C 295 -51.44 -13.29 61.90
N MET C 296 -52.02 -12.13 61.58
CA MET C 296 -53.26 -12.09 60.80
C MET C 296 -52.98 -12.46 59.36
N LEU C 297 -51.77 -12.11 58.93
CA LEU C 297 -51.32 -12.35 57.58
C LEU C 297 -51.20 -13.82 57.31
N LYS C 298 -50.70 -14.55 58.32
CA LYS C 298 -50.56 -15.99 58.18
C LYS C 298 -51.98 -16.56 57.93
N ASP C 299 -53.00 -15.91 58.49
CA ASP C 299 -54.35 -16.47 58.39
C ASP C 299 -55.29 -15.88 57.31
N MET C 300 -54.79 -15.05 56.40
CA MET C 300 -55.59 -14.62 55.23
C MET C 300 -55.57 -15.69 54.14
N ALA C 301 -56.46 -15.57 53.14
CA ALA C 301 -56.55 -16.55 52.04
C ALA C 301 -55.24 -16.65 51.19
N LYS C 302 -55.19 -17.64 50.29
CA LYS C 302 -54.06 -17.77 49.34
C LYS C 302 -54.07 -16.53 48.46
N ASP C 303 -52.88 -16.01 48.12
CA ASP C 303 -52.77 -14.77 47.33
C ASP C 303 -53.54 -13.62 47.95
N PRO C 304 -53.08 -13.18 49.13
CA PRO C 304 -53.70 -12.08 49.86
C PRO C 304 -53.41 -10.73 49.25
N ILE C 305 -54.47 -9.95 49.10
CA ILE C 305 -54.35 -8.62 48.54
C ILE C 305 -54.43 -7.62 49.68
N ILE C 306 -53.35 -6.87 49.85
CA ILE C 306 -53.19 -5.99 50.99
C ILE C 306 -53.03 -4.52 50.52
N PHE C 307 -54.07 -3.71 50.76
CA PHE C 307 -53.99 -2.26 50.54
C PHE C 307 -53.79 -1.59 51.90
N ALA C 308 -52.55 -1.31 52.24
CA ALA C 308 -52.22 -0.62 53.49
C ALA C 308 -51.93 0.84 53.18
N MET C 309 -52.91 1.73 53.38
CA MET C 309 -52.74 3.07 52.87
C MET C 309 -52.60 4.13 53.90
N ALA C 310 -52.35 3.73 55.15
CA ALA C 310 -52.18 4.67 56.26
C ALA C 310 -51.02 5.63 56.03
N ASN C 311 -51.18 6.88 56.46
CA ASN C 311 -50.10 7.86 56.31
C ASN C 311 -49.63 8.47 57.64
N PRO C 312 -48.30 8.71 57.75
CA PRO C 312 -47.26 8.58 56.71
C PRO C 312 -46.72 7.17 56.54
N GLU C 313 -46.99 6.31 57.52
CA GLU C 313 -46.52 4.91 57.53
C GLU C 313 -47.69 3.92 57.38
N PRO C 314 -47.56 2.94 56.48
CA PRO C 314 -48.58 1.94 56.17
C PRO C 314 -48.84 0.99 57.33
N GLU C 315 -49.97 0.26 57.29
CA GLU C 315 -50.32 -0.72 58.31
C GLU C 315 -49.18 -1.74 58.49
N ILE C 316 -48.46 -2.03 57.40
CA ILE C 316 -47.28 -2.90 57.39
C ILE C 316 -46.40 -2.57 56.19
N THR C 317 -45.07 -2.66 56.29
CA THR C 317 -44.22 -2.32 55.14
C THR C 317 -44.27 -3.43 54.10
N PRO C 318 -44.07 -3.11 52.82
CA PRO C 318 -44.16 -4.19 51.85
C PRO C 318 -43.18 -5.34 52.10
N ASP C 319 -42.00 -5.02 52.63
CA ASP C 319 -40.97 -6.02 52.88
C ASP C 319 -41.30 -6.92 54.09
N LYS C 320 -41.85 -6.32 55.15
CA LYS C 320 -42.35 -7.04 56.34
C LYS C 320 -43.54 -7.95 56.03
N ALA C 321 -44.35 -7.55 55.03
CA ALA C 321 -45.50 -8.34 54.56
C ALA C 321 -45.06 -9.49 53.65
N ARG C 322 -44.08 -9.22 52.79
CA ARG C 322 -43.49 -10.24 51.91
C ARG C 322 -42.67 -11.22 52.75
N ALA C 323 -42.34 -10.79 53.96
CA ALA C 323 -41.66 -11.64 54.94
C ALA C 323 -42.56 -12.73 55.50
N ALA C 324 -43.77 -12.39 55.89
CA ALA C 324 -44.71 -13.37 56.42
C ALA C 324 -45.34 -14.21 55.30
N ARG C 325 -45.76 -13.53 54.24
CA ARG C 325 -46.41 -14.20 53.11
C ARG C 325 -45.83 -13.67 51.80
N PRO C 326 -44.93 -14.44 51.16
CA PRO C 326 -44.38 -14.08 49.85
C PRO C 326 -45.44 -14.05 48.73
N ASP C 327 -46.60 -14.68 48.95
CA ASP C 327 -47.64 -14.69 47.92
C ASP C 327 -48.52 -13.46 47.97
N ALA C 328 -48.16 -12.52 48.84
CA ALA C 328 -48.99 -11.34 49.10
C ALA C 328 -48.70 -10.26 48.07
N ILE C 329 -49.78 -9.60 47.62
CA ILE C 329 -49.72 -8.44 46.75
C ILE C 329 -49.90 -7.22 47.63
N ILE C 330 -49.03 -6.22 47.54
CA ILE C 330 -49.16 -5.13 48.49
C ILE C 330 -49.19 -3.69 47.90
N ALA C 331 -50.08 -2.85 48.41
CA ALA C 331 -50.15 -1.47 47.92
C ALA C 331 -50.31 -0.37 49.01
N THR C 332 -49.58 0.73 48.80
CA THR C 332 -49.61 1.87 49.70
C THR C 332 -49.78 3.17 48.93
N GLY C 333 -49.82 4.25 49.70
CA GLY C 333 -49.89 5.61 49.19
C GLY C 333 -48.55 6.27 49.20
N ARG C 334 -47.51 5.48 49.52
CA ARG C 334 -46.15 6.02 49.58
C ARG C 334 -45.49 5.95 48.20
N SER C 335 -44.69 6.96 47.90
CA SER C 335 -44.14 7.10 46.57
C SER C 335 -42.92 6.22 46.32
N ASP C 336 -42.31 5.81 47.42
CA ASP C 336 -41.10 4.99 47.39
C ASP C 336 -41.36 3.49 47.51
N TYR C 337 -42.63 3.09 47.50
CA TYR C 337 -43.01 1.68 47.36
C TYR C 337 -43.82 1.50 46.09
N PRO C 338 -43.86 0.27 45.56
CA PRO C 338 -44.64 0.00 44.35
C PRO C 338 -46.12 0.25 44.56
N ASN C 339 -46.85 0.48 43.48
CA ASN C 339 -48.30 0.67 43.55
C ASN C 339 -48.71 1.83 44.45
N GLN C 340 -48.14 3.03 44.23
CA GLN C 340 -48.56 4.22 44.99
C GLN C 340 -50.00 4.51 44.57
N VAL C 341 -50.93 4.38 45.54
CA VAL C 341 -52.33 4.76 45.38
C VAL C 341 -52.53 6.23 45.76
N ASN C 342 -52.44 7.11 44.78
CA ASN C 342 -52.61 8.54 44.95
C ASN C 342 -53.84 8.98 44.17
N ASN C 343 -54.68 9.78 44.82
CA ASN C 343 -55.98 10.24 44.28
C ASN C 343 -55.94 10.95 42.94
N VAL C 344 -54.75 11.44 42.61
CA VAL C 344 -54.50 12.29 41.47
C VAL C 344 -54.68 11.51 40.17
N LEU C 345 -54.80 10.20 40.34
CA LEU C 345 -55.13 9.29 39.25
C LEU C 345 -56.56 9.48 38.94
N GLY C 346 -57.23 10.06 39.91
CA GLY C 346 -58.66 10.13 39.91
C GLY C 346 -59.29 11.46 39.63
N PHE C 347 -59.34 12.32 40.62
CA PHE C 347 -60.14 13.50 40.42
C PHE C 347 -59.84 14.36 39.18
N PRO C 348 -58.57 14.57 38.80
CA PRO C 348 -58.38 15.54 37.71
C PRO C 348 -59.05 15.10 36.43
N SER C 349 -58.75 13.85 36.09
CA SER C 349 -59.20 13.22 34.88
C SER C 349 -60.73 13.29 34.82
N ILE C 350 -61.31 13.06 35.99
CA ILE C 350 -62.74 12.96 36.22
C ILE C 350 -63.49 14.28 36.07
N PHE C 351 -63.04 15.28 36.82
CA PHE C 351 -63.66 16.60 36.79
C PHE C 351 -63.54 17.11 35.39
N ARG C 352 -62.41 16.79 34.76
CA ARG C 352 -62.17 17.15 33.36
C ARG C 352 -63.29 16.68 32.47
N GLY C 353 -63.42 15.35 32.42
CA GLY C 353 -64.41 14.70 31.58
C GLY C 353 -65.83 15.17 31.83
N ALA C 354 -66.09 15.48 33.10
CA ALA C 354 -67.40 15.97 33.44
C ALA C 354 -67.59 17.35 32.82
N LEU C 355 -66.64 18.19 33.11
CA LEU C 355 -66.69 19.59 32.79
C LEU C 355 -66.86 19.84 31.32
N ASP C 356 -66.23 18.99 30.52
CA ASP C 356 -66.19 19.21 29.08
C ASP C 356 -67.57 18.94 28.44
N THR C 357 -68.34 18.06 29.09
CA THR C 357 -69.68 17.71 28.63
C THR C 357 -70.77 18.53 29.33
N ARG C 358 -70.33 19.43 30.19
CA ARG C 358 -71.23 20.29 30.92
C ARG C 358 -72.25 19.37 31.58
N SER C 359 -71.73 18.50 32.42
CA SER C 359 -72.54 17.57 33.18
C SER C 359 -73.11 18.26 34.42
N THR C 360 -74.20 17.72 35.01
CA THR C 360 -74.87 18.28 36.23
C THR C 360 -74.45 17.60 37.54
N GLN C 361 -73.73 16.48 37.41
CA GLN C 361 -73.30 15.66 38.55
C GLN C 361 -72.02 14.95 38.23
N ILE C 362 -71.41 14.38 39.26
CA ILE C 362 -70.47 13.28 39.08
C ILE C 362 -71.15 12.07 39.73
N ASN C 363 -71.63 11.15 38.91
CA ASN C 363 -72.39 10.06 39.49
C ASN C 363 -71.64 8.74 39.55
N GLU C 364 -72.32 7.71 40.04
CA GLU C 364 -71.66 6.42 40.20
C GLU C 364 -71.25 5.85 38.82
N GLU C 365 -72.06 6.04 37.78
CA GLU C 365 -71.75 5.51 36.44
C GLU C 365 -70.39 6.00 36.03
N MET C 366 -70.17 7.28 36.31
CA MET C 366 -68.92 7.90 36.01
C MET C 366 -67.79 7.41 36.91
N LYS C 367 -67.98 7.34 38.22
CA LYS C 367 -66.87 6.94 39.07
C LYS C 367 -66.35 5.56 38.65
N LEU C 368 -67.31 4.68 38.34
CA LEU C 368 -67.00 3.32 37.87
C LEU C 368 -66.31 3.35 36.52
N ALA C 369 -66.81 4.17 35.58
CA ALA C 369 -66.17 4.29 34.27
C ALA C 369 -64.68 4.68 34.41
N ALA C 370 -64.41 5.51 35.43
CA ALA C 370 -63.04 5.91 35.78
C ALA C 370 -62.18 4.74 36.32
N VAL C 371 -62.75 3.96 37.25
CA VAL C 371 -62.03 2.75 37.70
C VAL C 371 -61.70 1.83 36.52
N HIS C 372 -62.69 1.61 35.65
CA HIS C 372 -62.49 0.76 34.48
C HIS C 372 -61.41 1.35 33.55
N ALA C 373 -61.37 2.67 33.42
CA ALA C 373 -60.30 3.23 32.59
C ALA C 373 -58.90 3.08 33.22
N LEU C 374 -58.77 3.39 34.50
CA LEU C 374 -57.47 3.24 35.18
C LEU C 374 -56.92 1.81 35.11
N ALA C 375 -57.78 0.86 35.48
CA ALA C 375 -57.38 -0.54 35.41
C ALA C 375 -57.12 -0.99 33.97
N LYS C 376 -57.86 -0.48 32.98
CA LYS C 376 -57.50 -0.83 31.58
C LYS C 376 -56.12 -0.31 31.11
N LEU C 377 -55.83 0.94 31.46
CA LEU C 377 -54.58 1.61 31.10
C LEU C 377 -53.41 0.90 31.76
N ALA C 378 -53.68 0.36 32.96
CA ALA C 378 -52.63 -0.29 33.74
C ALA C 378 -51.97 -1.42 32.97
N ARG C 379 -52.72 -2.07 32.08
CA ARG C 379 -52.18 -3.22 31.40
C ARG C 379 -51.33 -2.86 30.16
N GLU C 380 -51.44 -1.62 29.66
CA GLU C 380 -50.61 -1.23 28.51
C GLU C 380 -49.12 -1.14 28.89
N ASP C 381 -48.25 -1.53 27.94
CA ASP C 381 -46.80 -1.58 28.09
C ASP C 381 -46.30 -0.22 28.54
N VAL C 382 -45.40 -0.20 29.51
CA VAL C 382 -45.07 1.09 30.13
C VAL C 382 -44.10 1.91 29.32
N PRO C 383 -44.56 3.08 28.87
CA PRO C 383 -43.81 4.02 28.03
C PRO C 383 -42.55 4.52 28.72
N ASP C 384 -41.58 4.86 27.90
CA ASP C 384 -40.23 5.17 28.34
C ASP C 384 -40.10 6.58 28.89
N LYS C 385 -41.14 7.35 28.61
CA LYS C 385 -41.39 8.64 29.22
C LYS C 385 -41.65 8.43 30.73
N VAL C 386 -42.50 7.45 31.02
CA VAL C 386 -42.89 7.08 32.39
C VAL C 386 -41.78 6.41 33.19
N SER C 387 -41.08 5.48 32.53
CA SER C 387 -39.90 4.84 33.12
C SER C 387 -38.92 5.93 33.43
N ALA C 388 -38.89 6.93 32.54
CA ALA C 388 -38.01 8.07 32.75
C ALA C 388 -38.39 8.88 33.99
N THR C 389 -39.68 9.09 34.18
CA THR C 389 -40.11 9.91 35.31
C THR C 389 -39.61 9.32 36.63
N TYR C 390 -39.48 8.00 36.64
CA TYR C 390 -39.10 7.29 37.85
C TYR C 390 -37.69 6.72 37.73
N GLY C 391 -36.79 7.45 37.10
CA GLY C 391 -35.41 7.00 37.05
C GLY C 391 -35.22 5.67 36.36
N GLY C 392 -35.66 5.58 35.11
CA GLY C 392 -35.33 4.45 34.25
C GLY C 392 -35.82 3.08 34.66
N LYS C 393 -36.44 3.00 35.82
CA LYS C 393 -36.94 1.73 36.28
C LYS C 393 -37.98 1.23 35.27
N SER C 394 -37.86 -0.02 34.84
CA SER C 394 -38.86 -0.62 33.94
C SER C 394 -40.07 -1.22 34.72
N PHE C 395 -41.24 -1.06 34.13
CA PHE C 395 -42.48 -1.54 34.72
C PHE C 395 -43.26 -2.41 33.72
N LYS C 396 -43.82 -3.53 34.18
CA LYS C 396 -44.72 -4.32 33.36
C LYS C 396 -45.92 -4.65 34.21
N PHE C 397 -47.10 -4.67 33.59
CA PHE C 397 -48.35 -5.01 34.30
C PHE C 397 -48.22 -6.30 35.07
N GLY C 398 -48.44 -6.19 36.37
CA GLY C 398 -48.30 -7.34 37.24
C GLY C 398 -48.55 -7.08 38.71
N ARG C 399 -47.95 -7.93 39.55
CA ARG C 399 -48.06 -7.79 40.98
C ARG C 399 -47.38 -6.52 41.49
N ASP C 400 -46.47 -5.96 40.71
CA ASP C 400 -45.75 -4.79 41.21
C ASP C 400 -46.19 -3.50 40.50
N TYR C 401 -47.16 -3.65 39.60
CA TYR C 401 -47.75 -2.55 38.83
C TYR C 401 -49.22 -2.95 38.56
N LEU C 402 -50.09 -2.44 39.44
CA LEU C 402 -51.53 -2.66 39.48
C LEU C 402 -52.30 -1.46 38.93
N ILE C 403 -51.70 -0.28 39.10
CA ILE C 403 -52.30 0.99 38.73
C ILE C 403 -51.28 1.91 38.03
N PRO C 404 -51.73 2.69 37.03
CA PRO C 404 -50.76 3.56 36.36
C PRO C 404 -50.04 4.42 37.39
N LYS C 405 -48.78 4.72 37.13
CA LYS C 405 -48.03 5.55 38.05
C LYS C 405 -48.74 6.93 38.10
N PRO C 406 -48.73 7.61 39.26
CA PRO C 406 -49.46 8.87 39.39
C PRO C 406 -49.10 9.83 38.27
N PHE C 407 -47.85 9.78 37.82
CA PHE C 407 -47.29 10.70 36.82
C PHE C 407 -47.35 10.29 35.33
N ASP C 408 -48.25 9.38 34.97
CA ASP C 408 -48.44 9.01 33.58
C ASP C 408 -49.20 10.10 32.84
N THR C 409 -48.62 10.57 31.77
CA THR C 409 -49.25 11.62 31.01
C THR C 409 -50.47 11.06 30.25
N ARG C 410 -50.49 9.73 30.08
CA ARG C 410 -51.60 9.04 29.43
C ARG C 410 -52.87 9.01 30.31
N VAL C 411 -52.73 9.19 31.62
CA VAL C 411 -53.86 9.01 32.54
C VAL C 411 -55.01 9.75 32.00
N LEU C 412 -54.81 11.03 31.84
CA LEU C 412 -55.88 11.91 31.41
C LEU C 412 -56.52 11.46 30.12
N LEU C 413 -55.66 11.11 29.17
CA LEU C 413 -56.04 10.69 27.83
C LEU C 413 -56.90 9.44 27.82
N TRP C 414 -56.73 8.65 28.87
CA TRP C 414 -57.43 7.39 28.94
C TRP C 414 -58.71 7.51 29.82
N VAL C 415 -58.59 8.24 30.93
CA VAL C 415 -59.68 8.39 31.92
C VAL C 415 -60.70 9.45 31.55
N ALA C 416 -60.29 10.69 31.31
CA ALA C 416 -61.26 11.74 31.05
C ALA C 416 -62.26 11.46 29.89
N PRO C 417 -61.82 10.92 28.75
CA PRO C 417 -62.80 10.67 27.67
C PRO C 417 -63.85 9.63 27.99
N GLU C 418 -63.47 8.63 28.80
CA GLU C 418 -64.37 7.58 29.26
C GLU C 418 -65.34 8.12 30.33
N VAL C 419 -64.86 9.08 31.13
CA VAL C 419 -65.71 9.78 32.09
C VAL C 419 -66.78 10.57 31.33
N ALA C 420 -66.36 11.30 30.31
CA ALA C 420 -67.33 12.02 29.50
C ALA C 420 -68.26 11.07 28.80
N LYS C 421 -67.71 9.98 28.31
CA LYS C 421 -68.48 8.95 27.61
C LYS C 421 -69.58 8.43 28.55
N ALA C 422 -69.23 8.26 29.82
CA ALA C 422 -70.19 7.77 30.82
C ALA C 422 -71.24 8.81 31.12
N ALA C 423 -70.81 10.04 31.33
CA ALA C 423 -71.71 11.13 31.63
C ALA C 423 -72.67 11.42 30.49
N MET C 424 -72.27 11.09 29.26
CA MET C 424 -73.18 11.27 28.15
C MET C 424 -74.17 10.09 28.15
N LYS C 425 -73.64 8.88 28.36
CA LYS C 425 -74.48 7.67 28.37
C LYS C 425 -75.48 7.70 29.52
N SER C 426 -75.08 8.27 30.65
CA SER C 426 -75.96 8.33 31.83
C SER C 426 -76.90 9.56 31.83
N GLY C 427 -76.72 10.45 30.86
CA GLY C 427 -77.66 11.54 30.66
C GLY C 427 -77.59 12.75 31.55
N VAL C 428 -76.49 12.90 32.29
CA VAL C 428 -76.27 14.09 33.14
C VAL C 428 -75.60 15.20 32.36
N ALA C 429 -75.19 14.89 31.14
CA ALA C 429 -74.51 15.86 30.26
C ALA C 429 -75.42 16.77 29.42
N THR C 430 -74.97 18.01 29.19
CA THR C 430 -75.70 18.96 28.36
C THR C 430 -74.98 19.34 27.07
N ARG C 431 -73.85 18.69 26.76
CA ARG C 431 -73.10 18.96 25.51
C ARG C 431 -72.31 17.73 25.05
N ALA C 432 -72.46 17.37 23.78
CA ALA C 432 -72.01 16.07 23.33
C ALA C 432 -70.68 16.05 22.55
N ILE C 433 -69.75 15.21 22.99
CA ILE C 433 -68.49 15.13 22.29
C ILE C 433 -68.60 14.05 21.26
N GLU C 434 -68.31 14.45 20.03
CA GLU C 434 -68.44 13.58 18.86
C GLU C 434 -67.10 13.02 18.32
N ASP C 435 -66.17 13.93 18.05
CA ASP C 435 -64.86 13.56 17.56
C ASP C 435 -64.01 13.13 18.74
N TRP C 436 -64.07 11.85 19.06
CA TRP C 436 -63.36 11.31 20.22
C TRP C 436 -61.86 11.47 20.11
N ASP C 437 -61.40 11.20 18.89
CA ASP C 437 -60.00 11.31 18.65
C ASP C 437 -59.66 12.75 18.94
N GLN C 438 -60.43 13.69 18.40
CA GLN C 438 -60.16 15.12 18.58
C GLN C 438 -60.06 15.48 20.02
N TYR C 439 -60.96 14.86 20.79
CA TYR C 439 -60.99 15.12 22.20
C TYR C 439 -59.66 14.71 22.82
N ARG C 440 -59.22 13.50 22.50
CA ARG C 440 -57.97 13.07 23.07
C ARG C 440 -56.86 14.03 22.63
N GLU C 441 -56.87 14.41 21.35
CA GLU C 441 -55.83 15.26 20.75
C GLU C 441 -55.70 16.54 21.57
N SER C 442 -56.85 17.13 21.91
CA SER C 442 -56.84 18.34 22.69
C SER C 442 -56.32 18.06 24.09
N LEU C 443 -56.69 16.89 24.60
CA LEU C 443 -56.20 16.49 25.90
C LEU C 443 -54.66 16.44 25.97
N GLU C 444 -54.00 15.90 24.93
CA GLU C 444 -52.50 15.84 24.81
C GLU C 444 -51.97 17.24 24.75
N ALA C 445 -52.66 17.99 23.89
CA ALA C 445 -52.34 19.37 23.55
C ALA C 445 -52.19 20.20 24.78
N LEU C 446 -52.89 19.79 25.82
CA LEU C 446 -52.87 20.56 27.07
C LEU C 446 -51.57 21.10 27.60
N GLN C 447 -50.48 20.38 27.40
CA GLN C 447 -49.22 20.95 27.82
C GLN C 447 -48.59 20.65 26.46
N GLY C 448 -47.87 21.65 25.95
CA GLY C 448 -47.15 21.52 24.69
C GLY C 448 -47.54 22.18 23.38
N PRO C 449 -47.25 23.48 23.20
CA PRO C 449 -47.59 24.04 21.89
C PRO C 449 -46.79 23.37 20.80
N SER C 450 -45.74 22.65 21.17
CA SER C 450 -45.00 21.86 20.18
C SER C 450 -45.70 20.51 19.97
N LYS C 451 -46.16 19.92 21.06
CA LYS C 451 -46.80 18.61 21.02
C LYS C 451 -47.96 18.62 20.04
N VAL C 452 -48.68 19.74 20.00
CA VAL C 452 -49.83 19.87 19.11
C VAL C 452 -49.35 19.80 17.68
N PHE C 453 -48.20 20.41 17.47
CA PHE C 453 -47.62 20.48 16.14
C PHE C 453 -47.23 19.10 15.62
N ILE C 454 -46.51 18.34 16.44
CA ILE C 454 -46.10 16.99 16.03
C ILE C 454 -47.39 16.18 15.79
N ARG C 455 -48.47 16.43 16.57
CA ARG C 455 -49.75 15.71 16.35
C ARG C 455 -50.40 16.05 15.01
N SER C 456 -50.35 17.33 14.63
CA SER C 456 -50.78 17.73 13.29
C SER C 456 -50.02 16.98 12.25
N ALA C 457 -48.73 16.87 12.53
CA ALA C 457 -47.77 16.24 11.67
C ALA C 457 -48.12 14.78 11.42
N ILE C 458 -48.36 14.06 12.52
CA ILE C 458 -48.69 12.64 12.54
C ILE C 458 -50.03 12.37 11.89
N ASN C 459 -51.00 13.20 12.20
CA ASN C 459 -52.26 13.09 11.49
C ASN C 459 -51.97 13.22 10.00
N ARG C 460 -51.06 14.13 9.62
CA ARG C 460 -50.74 14.33 8.19
C ARG C 460 -49.87 13.20 7.56
N VAL C 461 -49.09 12.46 8.36
CA VAL C 461 -48.42 11.21 7.92
C VAL C 461 -49.49 10.15 7.62
N HIS C 462 -50.43 9.97 8.55
CA HIS C 462 -51.55 9.03 8.41
C HIS C 462 -52.39 9.36 7.17
N GLN C 463 -52.55 10.66 6.91
CA GLN C 463 -53.37 11.18 5.80
C GLN C 463 -52.86 10.75 4.40
N ASN C 464 -51.58 10.96 4.07
CA ASN C 464 -51.09 10.48 2.75
C ASN C 464 -50.62 9.02 2.81
N SER C 465 -50.39 8.49 4.01
CA SER C 465 -50.18 7.04 4.21
C SER C 465 -51.38 6.25 3.71
N ALA C 466 -52.54 6.64 4.23
CA ALA C 466 -53.77 5.96 3.88
C ALA C 466 -54.18 6.23 2.43
N ALA C 467 -53.46 7.10 1.72
CA ALA C 467 -53.85 7.39 0.36
C ALA C 467 -53.00 6.62 -0.62
N ASN C 468 -51.89 6.09 -0.12
CA ASN C 468 -51.01 5.29 -0.96
C ASN C 468 -50.95 3.86 -0.50
N GLY C 469 -52.06 3.38 0.07
CA GLY C 469 -52.20 1.96 0.43
C GLY C 469 -51.89 1.56 1.86
N GLY C 470 -51.76 2.55 2.73
CA GLY C 470 -51.52 2.29 4.13
C GLY C 470 -50.09 1.87 4.32
N GLU C 471 -49.34 2.05 3.25
CA GLU C 471 -47.97 1.67 3.22
C GLU C 471 -47.20 2.66 4.09
N LEU C 472 -46.30 2.15 4.91
CA LEU C 472 -45.46 3.02 5.71
C LEU C 472 -44.02 3.13 5.22
N PRO C 473 -43.48 4.36 5.26
CA PRO C 473 -42.10 4.64 4.84
C PRO C 473 -41.10 3.80 5.62
N ARG C 474 -40.23 3.14 4.86
CA ARG C 474 -39.23 2.28 5.45
C ARG C 474 -38.07 3.14 5.96
N ILE C 475 -37.75 3.04 7.24
CA ILE C 475 -36.67 3.85 7.78
C ILE C 475 -35.62 3.11 8.58
N VAL C 476 -34.38 3.28 8.17
CA VAL C 476 -33.24 2.57 8.73
C VAL C 476 -32.57 3.32 9.84
N PHE C 477 -32.29 2.63 10.92
CA PHE C 477 -31.61 3.25 12.02
C PHE C 477 -30.30 2.54 12.25
N PRO C 478 -29.23 3.10 11.71
CA PRO C 478 -27.90 2.49 11.75
C PRO C 478 -27.41 2.24 13.14
N GLU C 479 -27.73 3.10 14.10
CA GLU C 479 -27.21 2.84 15.43
C GLU C 479 -28.17 1.94 16.23
N GLY C 480 -28.30 0.69 15.81
CA GLY C 480 -29.33 -0.23 16.31
C GLY C 480 -29.24 -0.62 17.76
N THR C 481 -28.14 -0.29 18.40
CA THR C 481 -27.97 -0.60 19.79
C THR C 481 -28.09 0.66 20.64
N SER C 482 -28.52 1.77 20.02
CA SER C 482 -28.76 3.02 20.75
C SER C 482 -29.96 2.97 21.68
N THR C 483 -29.71 3.22 22.96
CA THR C 483 -30.72 3.10 23.98
C THR C 483 -31.84 4.01 23.53
N LYS C 484 -31.48 5.27 23.27
CA LYS C 484 -32.40 6.36 22.94
C LYS C 484 -33.20 6.10 21.66
N VAL C 485 -32.51 5.61 20.63
CA VAL C 485 -33.20 5.31 19.38
C VAL C 485 -34.24 4.19 19.60
N LEU C 486 -33.83 3.14 20.27
CA LEU C 486 -34.77 2.07 20.55
C LEU C 486 -36.00 2.59 21.30
N LYS C 487 -35.73 3.25 22.41
CA LYS C 487 -36.80 3.71 23.28
C LYS C 487 -37.74 4.63 22.52
N ALA C 488 -37.18 5.42 21.61
CA ALA C 488 -38.01 6.29 20.78
C ALA C 488 -38.91 5.49 19.86
N LEU C 489 -38.30 4.49 19.24
CA LEU C 489 -39.00 3.64 18.31
C LEU C 489 -40.24 3.07 18.94
N ALA C 490 -40.10 2.76 20.23
CA ALA C 490 -41.17 2.12 20.99
C ALA C 490 -42.48 2.88 20.86
N THR C 491 -42.38 4.16 21.17
CA THR C 491 -43.50 5.06 21.09
C THR C 491 -43.87 5.28 19.62
N LEU C 492 -42.88 5.11 18.77
CA LEU C 492 -43.09 5.37 17.34
C LEU C 492 -44.06 4.40 16.73
N VAL C 493 -43.92 3.12 17.05
CA VAL C 493 -44.72 2.14 16.33
C VAL C 493 -46.19 2.22 16.67
N GLU C 494 -46.51 2.38 17.95
CA GLU C 494 -47.93 2.35 18.28
C GLU C 494 -48.64 3.58 17.71
N GLU C 495 -47.85 4.52 17.14
CA GLU C 495 -48.42 5.65 16.41
C GLU C 495 -48.43 5.34 14.94
N LYS C 496 -47.97 4.13 14.60
CA LYS C 496 -47.81 3.67 13.22
C LYS C 496 -47.34 4.79 12.27
N ILE C 497 -46.12 5.24 12.55
CA ILE C 497 -45.40 6.24 11.76
C ILE C 497 -44.54 5.65 10.67
N CYS C 498 -43.77 4.60 11.01
CA CYS C 498 -42.78 4.06 10.09
C CYS C 498 -42.49 2.59 10.35
N GLN C 499 -41.91 1.93 9.37
CA GLN C 499 -41.42 0.59 9.58
C GLN C 499 -39.93 0.60 9.84
N PRO C 500 -39.52 0.40 11.11
CA PRO C 500 -38.12 0.48 11.53
C PRO C 500 -37.24 -0.73 11.15
N ILE C 501 -36.06 -0.40 10.61
CA ILE C 501 -34.98 -1.33 10.27
C ILE C 501 -33.74 -0.88 11.00
N LEU C 502 -33.26 -1.73 11.90
CA LEU C 502 -32.11 -1.39 12.71
C LEU C 502 -30.87 -2.07 12.12
N LEU C 503 -29.68 -1.54 12.43
CA LEU C 503 -28.40 -2.10 11.97
C LEU C 503 -27.41 -2.43 13.12
N GLY C 504 -26.75 -3.57 13.03
CA GLY C 504 -25.81 -4.02 14.03
C GLY C 504 -25.88 -5.52 13.93
N TYR C 505 -25.27 -6.22 14.88
CA TYR C 505 -25.36 -7.68 14.93
C TYR C 505 -26.70 -8.10 15.51
N PRO C 506 -27.54 -8.80 14.74
CA PRO C 506 -28.90 -9.11 15.19
C PRO C 506 -29.07 -9.57 16.64
N GLU C 507 -28.15 -10.38 17.16
CA GLU C 507 -28.38 -10.88 18.51
C GLU C 507 -27.87 -9.88 19.55
N ARG C 508 -26.89 -9.07 19.15
CA ARG C 508 -26.32 -8.07 20.05
C ARG C 508 -27.34 -6.89 20.19
N VAL C 509 -28.24 -6.71 19.22
CA VAL C 509 -29.37 -5.79 19.38
C VAL C 509 -30.60 -6.43 20.01
N LYS C 510 -30.88 -7.70 19.74
CA LYS C 510 -32.06 -8.23 20.44
C LYS C 510 -31.77 -8.33 21.96
N GLU C 511 -30.49 -8.53 22.29
CA GLU C 511 -30.00 -8.41 23.66
C GLU C 511 -30.36 -7.06 24.32
N LYS C 512 -30.23 -5.98 23.57
CA LYS C 512 -30.49 -4.63 24.07
C LYS C 512 -31.97 -4.35 24.06
N ILE C 513 -32.75 -5.00 23.19
CA ILE C 513 -34.21 -4.84 23.23
C ILE C 513 -34.80 -5.53 24.51
N LYS C 514 -34.28 -6.74 24.80
CA LYS C 514 -34.65 -7.54 25.98
C LYS C 514 -34.07 -6.89 27.26
N ALA C 515 -32.95 -6.19 27.12
CA ALA C 515 -32.32 -5.47 28.21
C ALA C 515 -33.09 -4.22 28.63
N LEU C 516 -33.87 -3.67 27.71
CA LEU C 516 -34.55 -2.44 28.02
C LEU C 516 -36.03 -2.69 28.37
N ASP C 517 -36.39 -3.97 28.50
CA ASP C 517 -37.78 -4.36 28.75
C ASP C 517 -38.65 -3.64 27.74
N ILE C 518 -38.28 -3.73 26.47
CA ILE C 518 -39.09 -3.05 25.49
C ILE C 518 -39.57 -4.02 24.42
N PRO C 519 -40.60 -4.77 24.77
CA PRO C 519 -41.06 -5.83 23.88
C PRO C 519 -41.97 -5.34 22.75
N LEU C 520 -42.23 -4.04 22.72
CA LEU C 520 -43.12 -3.39 21.75
C LEU C 520 -42.75 -3.75 20.33
N LEU C 521 -41.47 -4.02 20.20
CA LEU C 521 -40.80 -4.10 18.94
C LEU C 521 -39.97 -5.30 18.82
N ASN C 522 -40.63 -6.42 19.06
CA ASN C 522 -39.99 -7.70 18.92
C ASN C 522 -39.91 -8.21 17.49
N ASP C 523 -40.60 -7.56 16.56
CA ASP C 523 -40.68 -8.11 15.20
C ASP C 523 -40.05 -7.26 14.07
N VAL C 524 -39.35 -6.18 14.42
CA VAL C 524 -38.74 -5.32 13.41
C VAL C 524 -37.54 -5.92 12.73
N SER C 525 -37.37 -5.61 11.44
CA SER C 525 -36.21 -6.11 10.65
C SER C 525 -34.89 -5.73 11.34
N ILE C 526 -34.02 -6.73 11.52
CA ILE C 526 -32.67 -6.45 12.02
C ILE C 526 -31.63 -7.02 11.07
N VAL C 527 -30.77 -6.12 10.55
CA VAL C 527 -29.87 -6.48 9.47
C VAL C 527 -28.40 -6.21 9.84
N HIS C 528 -27.57 -7.24 9.60
CA HIS C 528 -26.13 -7.10 9.64
C HIS C 528 -25.73 -6.76 8.22
N PRO C 529 -24.90 -5.72 8.06
CA PRO C 529 -24.51 -5.25 6.74
C PRO C 529 -23.80 -6.35 5.94
N SER C 530 -22.69 -6.81 6.49
CA SER C 530 -21.77 -7.74 5.84
C SER C 530 -22.46 -9.00 5.40
N SER C 531 -23.59 -9.28 6.04
CA SER C 531 -24.26 -10.54 5.85
C SER C 531 -25.37 -10.45 4.80
N HIS C 532 -25.86 -9.23 4.58
CA HIS C 532 -26.99 -9.00 3.67
C HIS C 532 -26.61 -9.36 2.24
N PRO C 533 -27.56 -9.92 1.46
CA PRO C 533 -27.33 -10.37 0.09
C PRO C 533 -26.91 -9.27 -0.91
N LYS C 534 -27.46 -8.06 -0.77
CA LYS C 534 -27.17 -7.03 -1.73
C LYS C 534 -25.83 -6.35 -1.39
N TYR C 535 -25.16 -6.86 -0.35
CA TYR C 535 -23.93 -6.25 0.17
C TYR C 535 -22.94 -5.99 -0.93
N PHE C 536 -22.69 -7.03 -1.71
CA PHE C 536 -21.69 -6.91 -2.73
C PHE C 536 -22.17 -6.03 -3.83
N SER C 537 -23.45 -6.15 -4.19
CA SER C 537 -24.01 -5.26 -5.20
C SER C 537 -23.78 -3.82 -4.74
N PHE C 538 -23.80 -3.66 -3.42
CA PHE C 538 -23.65 -2.33 -2.89
C PHE C 538 -22.19 -1.92 -3.00
N VAL C 539 -21.25 -2.77 -2.58
CA VAL C 539 -19.86 -2.31 -2.50
C VAL C 539 -19.38 -1.98 -3.88
N GLU C 540 -20.02 -2.56 -4.90
CA GLU C 540 -19.63 -2.29 -6.28
C GLU C 540 -20.14 -0.91 -6.69
N LYS C 541 -21.38 -0.64 -6.32
CA LYS C 541 -21.99 0.65 -6.64
C LYS C 541 -21.29 1.82 -5.89
N LEU C 542 -20.84 1.59 -4.65
CA LEU C 542 -20.03 2.59 -3.97
C LEU C 542 -18.74 2.75 -4.76
N TYR C 543 -18.20 1.62 -5.23
CA TYR C 543 -16.89 1.63 -5.85
C TYR C 543 -16.89 2.61 -7.03
N SER C 544 -17.75 2.38 -8.01
CA SER C 544 -17.81 3.28 -9.15
C SER C 544 -18.18 4.73 -8.73
N LEU C 545 -18.96 4.92 -7.66
CA LEU C 545 -19.29 6.31 -7.30
C LEU C 545 -18.09 6.99 -6.68
N ARG C 546 -17.13 6.21 -6.17
CA ARG C 546 -16.03 6.83 -5.43
C ARG C 546 -14.60 6.30 -5.68
N GLN C 547 -14.41 5.46 -6.68
CA GLN C 547 -13.06 4.92 -6.92
C GLN C 547 -12.08 6.02 -7.35
N ARG C 548 -12.61 7.04 -8.02
CA ARG C 548 -11.83 8.15 -8.53
C ARG C 548 -11.88 9.29 -7.54
N LYS C 549 -12.36 8.95 -6.35
CA LYS C 549 -12.36 9.90 -5.26
C LYS C 549 -11.68 9.27 -4.01
N GLY C 550 -10.71 8.39 -4.23
CA GLY C 550 -9.91 7.87 -3.13
C GLY C 550 -10.33 6.52 -2.54
N ILE C 551 -11.09 5.77 -3.30
CA ILE C 551 -11.56 4.48 -2.80
C ILE C 551 -11.09 3.34 -3.72
N ASN C 552 -10.40 2.35 -3.18
CA ASN C 552 -10.12 1.12 -3.97
C ASN C 552 -11.26 0.10 -3.77
N LEU C 553 -11.15 -1.12 -4.28
CA LEU C 553 -12.28 -2.08 -4.11
C LEU C 553 -12.33 -2.49 -2.63
N GLY C 554 -11.18 -2.50 -1.94
CA GLY C 554 -11.15 -2.88 -0.53
C GLY C 554 -11.85 -1.94 0.46
N GLU C 555 -11.51 -0.65 0.33
CA GLU C 555 -12.07 0.40 1.18
C GLU C 555 -13.59 0.46 1.10
N ALA C 556 -14.17 0.21 -0.07
CA ALA C 556 -15.62 0.15 -0.26
C ALA C 556 -16.26 -1.07 0.45
N GLU C 557 -15.59 -2.20 0.41
CA GLU C 557 -16.04 -3.35 1.20
C GLU C 557 -16.08 -2.90 2.66
N ARG C 558 -14.98 -2.34 3.18
CA ARG C 558 -14.93 -1.97 4.63
C ARG C 558 -15.74 -0.79 5.08
N LEU C 559 -15.96 0.18 4.22
CA LEU C 559 -16.90 1.26 4.48
C LEU C 559 -18.35 0.77 4.41
N MET C 560 -18.66 -0.17 3.51
CA MET C 560 -20.05 -0.63 3.43
C MET C 560 -20.40 -1.43 4.69
N ALA C 561 -19.35 -1.86 5.39
CA ALA C 561 -19.44 -2.54 6.68
C ALA C 561 -19.81 -1.62 7.83
N ASP C 562 -19.59 -0.31 7.66
CA ASP C 562 -20.12 0.74 8.54
C ASP C 562 -21.62 0.80 8.38
N PRO C 563 -22.38 0.67 9.50
CA PRO C 563 -23.82 0.71 9.34
C PRO C 563 -24.29 1.98 8.61
N ASN C 564 -23.64 3.13 8.82
CA ASN C 564 -24.08 4.40 8.22
C ASN C 564 -24.13 4.34 6.70
N TYR C 565 -22.98 4.01 6.11
CA TYR C 565 -22.86 3.90 4.66
C TYR C 565 -23.80 2.86 4.09
N PHE C 566 -24.05 1.83 4.91
CA PHE C 566 -24.92 0.73 4.53
C PHE C 566 -26.35 1.23 4.43
N ALA C 567 -26.68 2.12 5.36
CA ALA C 567 -27.97 2.75 5.44
C ALA C 567 -28.20 3.65 4.25
N ALA C 568 -27.27 4.54 4.07
CA ALA C 568 -27.42 5.48 3.02
C ALA C 568 -27.58 4.74 1.70
N MET C 569 -26.68 3.78 1.46
CA MET C 569 -26.74 3.02 0.20
C MET C 569 -28.10 2.29 0.10
N MET C 570 -28.64 1.80 1.22
CA MET C 570 -29.99 1.21 1.20
C MET C 570 -30.99 2.21 0.66
N VAL C 571 -30.87 3.46 1.12
CA VAL C 571 -31.80 4.52 0.73
C VAL C 571 -31.67 4.91 -0.75
N ASN C 572 -30.42 5.04 -1.22
CA ASN C 572 -30.10 5.49 -2.58
C ASN C 572 -30.66 4.52 -3.60
N GLN C 573 -30.67 3.25 -3.22
CA GLN C 573 -31.06 2.21 -4.13
C GLN C 573 -32.58 1.93 -4.00
N GLY C 574 -33.26 2.57 -3.05
CA GLY C 574 -34.65 2.21 -2.90
C GLY C 574 -34.93 0.95 -2.08
N GLU C 575 -33.93 0.46 -1.34
CA GLU C 575 -34.14 -0.65 -0.43
C GLU C 575 -34.73 -0.16 0.89
N ALA C 576 -34.88 1.13 1.02
CA ALA C 576 -35.58 1.76 2.12
C ALA C 576 -35.99 3.17 1.67
N ASP C 577 -36.96 3.79 2.33
CA ASP C 577 -37.40 5.11 1.87
C ASP C 577 -36.67 6.28 2.56
N GLY C 578 -35.96 5.96 3.64
CA GLY C 578 -35.23 6.98 4.39
C GLY C 578 -34.30 6.43 5.46
N MET C 579 -33.58 7.32 6.13
CA MET C 579 -32.71 6.95 7.25
C MET C 579 -32.53 8.06 8.28
N VAL C 580 -32.15 7.67 9.49
CA VAL C 580 -31.83 8.60 10.56
C VAL C 580 -30.72 8.09 11.46
N SER C 581 -29.69 8.88 11.71
CA SER C 581 -28.71 8.50 12.73
C SER C 581 -28.12 9.74 13.36
N GLY C 582 -27.02 9.53 14.06
CA GLY C 582 -26.25 10.58 14.68
C GLY C 582 -26.66 10.75 16.12
N SER C 583 -27.15 9.65 16.68
CA SER C 583 -27.52 9.61 18.08
C SER C 583 -26.31 9.25 18.92
N SER C 584 -25.24 8.85 18.24
CA SER C 584 -24.03 8.33 18.87
C SER C 584 -22.77 9.07 18.40
N ILE C 585 -22.81 9.63 17.19
CA ILE C 585 -21.69 10.25 16.48
C ILE C 585 -21.74 11.79 16.33
N ASN C 586 -20.60 12.44 16.09
CA ASN C 586 -20.61 13.88 15.84
C ASN C 586 -21.40 14.24 14.62
N TYR C 587 -21.97 15.43 14.62
CA TYR C 587 -22.91 15.80 13.57
C TYR C 587 -22.32 15.53 12.21
N ALA C 588 -21.10 16.03 12.05
CA ALA C 588 -20.37 15.99 10.80
C ALA C 588 -20.10 14.56 10.37
N ASP C 589 -19.54 13.82 11.32
CA ASP C 589 -19.05 12.47 11.11
C ASP C 589 -20.20 11.61 10.56
N ALA C 590 -21.42 11.91 11.03
CA ALA C 590 -22.66 11.23 10.67
C ALA C 590 -23.35 11.79 9.40
N VAL C 591 -23.08 13.06 9.08
CA VAL C 591 -23.68 13.68 7.90
C VAL C 591 -22.92 13.37 6.59
N ARG C 592 -21.62 13.12 6.73
CA ARG C 592 -20.77 12.90 5.54
C ARG C 592 -21.14 11.68 4.63
N PRO C 593 -21.33 10.49 5.22
CA PRO C 593 -21.69 9.33 4.39
C PRO C 593 -23.00 9.51 3.61
N ILE C 594 -23.90 10.28 4.20
CA ILE C 594 -25.19 10.59 3.63
C ILE C 594 -25.02 11.29 2.30
N LEU C 595 -24.20 12.33 2.38
CA LEU C 595 -23.89 13.23 1.29
C LEU C 595 -23.09 12.52 0.20
N GLN C 596 -22.10 11.70 0.61
CA GLN C 596 -21.24 10.93 -0.31
C GLN C 596 -22.02 9.81 -1.02
N THR C 597 -23.12 9.34 -0.41
CA THR C 597 -23.93 8.28 -1.02
C THR C 597 -25.21 8.81 -1.67
N ILE C 598 -26.05 9.50 -0.90
CA ILE C 598 -27.31 9.96 -1.45
C ILE C 598 -27.17 11.13 -2.40
N GLY C 599 -26.44 12.15 -1.95
CA GLY C 599 -26.21 13.38 -2.69
C GLY C 599 -27.40 14.31 -2.64
N VAL C 600 -27.32 15.46 -3.31
CA VAL C 600 -28.47 16.37 -3.35
C VAL C 600 -29.00 16.36 -4.76
N TYR C 601 -30.23 16.83 -4.90
CA TYR C 601 -30.83 16.98 -6.21
C TYR C 601 -30.24 18.22 -6.85
N LYS C 602 -30.65 18.46 -8.08
CA LYS C 602 -30.16 19.55 -8.91
C LYS C 602 -30.28 20.86 -8.14
N GLU C 603 -29.18 21.59 -8.01
CA GLU C 603 -29.14 22.91 -7.32
C GLU C 603 -29.34 22.84 -5.80
N GLY C 604 -29.27 21.66 -5.22
CA GLY C 604 -29.47 21.55 -3.78
C GLY C 604 -28.32 22.03 -2.92
N ILE C 605 -28.67 22.41 -1.68
CA ILE C 605 -27.67 22.71 -0.66
C ILE C 605 -28.08 22.02 0.64
N PRO C 606 -27.12 21.33 1.27
CA PRO C 606 -27.33 20.68 2.56
C PRO C 606 -27.60 21.70 3.65
N ALA C 607 -28.77 21.64 4.31
CA ALA C 607 -29.07 22.69 5.30
C ALA C 607 -29.91 22.28 6.53
N GLY C 608 -29.43 22.69 7.71
CA GLY C 608 -30.12 22.48 8.99
C GLY C 608 -31.11 23.55 9.45
N LEU C 609 -32.31 23.06 9.74
CA LEU C 609 -33.47 23.91 9.92
C LEU C 609 -34.17 23.60 11.27
N ASN C 610 -34.64 24.67 11.91
CA ASN C 610 -35.37 24.59 13.18
C ASN C 610 -36.77 25.15 13.11
N PHE C 611 -37.59 24.68 14.03
CA PHE C 611 -38.89 25.28 14.27
C PHE C 611 -39.00 25.96 15.66
N VAL C 612 -39.44 27.22 15.63
CA VAL C 612 -39.81 27.97 16.82
C VAL C 612 -41.31 28.05 16.89
N LEU C 613 -41.87 27.58 17.99
CA LEU C 613 -43.30 27.44 18.13
C LEU C 613 -43.88 28.45 19.12
N LEU C 614 -44.77 29.28 18.57
CA LEU C 614 -45.50 30.27 19.35
C LEU C 614 -46.95 29.84 19.51
N GLU C 615 -47.80 30.76 19.97
CA GLU C 615 -49.20 30.47 20.26
C GLU C 615 -49.99 30.31 18.96
N ASP C 616 -49.59 31.08 17.95
CA ASP C 616 -50.30 31.12 16.69
C ASP C 616 -49.43 30.63 15.53
N LYS C 617 -48.44 31.45 15.22
CA LYS C 617 -47.53 31.16 14.13
C LYS C 617 -46.37 30.37 14.71
N PHE C 618 -45.50 29.95 13.80
CA PHE C 618 -44.21 29.35 14.08
C PHE C 618 -43.22 30.03 13.14
N LEU C 619 -41.98 30.05 13.56
CA LEU C 619 -40.94 30.63 12.76
C LEU C 619 -39.98 29.54 12.39
N VAL C 620 -39.32 29.69 11.24
CA VAL C 620 -38.42 28.68 10.69
C VAL C 620 -36.99 29.24 10.68
N LEU C 621 -36.04 28.54 11.26
CA LEU C 621 -34.70 29.09 11.34
C LEU C 621 -33.70 28.27 10.54
N ALA C 622 -32.83 28.92 9.74
CA ALA C 622 -31.79 28.18 8.95
C ALA C 622 -30.66 29.09 8.40
N ASP C 623 -29.48 28.55 8.06
CA ASP C 623 -29.06 27.18 8.28
C ASP C 623 -28.15 27.15 9.49
N THR C 624 -28.51 26.27 10.42
CA THR C 624 -27.97 26.25 11.77
C THR C 624 -26.92 25.20 12.15
N THR C 625 -26.58 24.30 11.21
CA THR C 625 -25.57 23.24 11.43
C THR C 625 -24.52 23.11 10.33
N VAL C 626 -24.94 23.40 9.09
CA VAL C 626 -24.15 22.94 7.96
C VAL C 626 -23.11 23.96 7.54
N ASN C 627 -23.53 24.97 6.76
CA ASN C 627 -22.61 25.84 6.03
C ASN C 627 -22.08 26.98 6.89
N LEU C 628 -20.77 27.11 6.92
CA LEU C 628 -20.09 28.08 7.79
C LEU C 628 -20.32 29.58 7.49
N ASN C 629 -20.17 30.00 6.25
CA ASN C 629 -20.37 31.38 5.86
C ASN C 629 -20.94 31.41 4.45
N PRO C 630 -22.22 31.07 4.32
CA PRO C 630 -22.87 30.89 3.03
C PRO C 630 -22.89 32.13 2.18
N THR C 631 -22.64 31.89 0.89
CA THR C 631 -22.70 32.90 -0.14
C THR C 631 -24.12 33.23 -0.53
N ALA C 632 -24.28 34.33 -1.24
CA ALA C 632 -25.59 34.82 -1.62
C ALA C 632 -26.45 33.78 -2.34
N GLU C 633 -25.84 33.11 -3.30
CA GLU C 633 -26.55 32.11 -4.08
C GLU C 633 -27.06 31.03 -3.13
N GLN C 634 -26.16 30.62 -2.24
CA GLN C 634 -26.45 29.63 -1.23
C GLN C 634 -27.58 30.07 -0.25
N CYS C 635 -27.55 31.33 0.19
CA CYS C 635 -28.59 31.82 1.06
C CYS C 635 -29.95 31.75 0.34
N ALA C 636 -30.01 32.22 -0.90
CA ALA C 636 -31.25 32.12 -1.67
C ALA C 636 -31.75 30.66 -1.78
N GLN C 637 -30.84 29.70 -1.98
CA GLN C 637 -31.32 28.31 -2.02
C GLN C 637 -31.81 27.80 -0.64
N ILE C 638 -31.08 28.14 0.44
CA ILE C 638 -31.52 27.74 1.78
C ILE C 638 -32.94 28.19 1.93
N ALA C 639 -33.15 29.46 1.66
CA ALA C 639 -34.47 30.03 1.80
C ALA C 639 -35.51 29.31 0.94
N LEU C 640 -35.25 29.15 -0.36
CA LEU C 640 -36.25 28.48 -1.22
C LEU C 640 -36.71 27.14 -0.71
N GLN C 641 -35.75 26.34 -0.23
CA GLN C 641 -36.10 25.05 0.35
C GLN C 641 -37.02 25.28 1.57
N ALA C 642 -36.60 26.20 2.44
CA ALA C 642 -37.39 26.48 3.64
C ALA C 642 -38.82 26.85 3.27
N ALA C 643 -38.98 27.56 2.17
CA ALA C 643 -40.29 27.88 1.67
C ALA C 643 -41.06 26.67 1.10
N LYS C 644 -40.40 25.72 0.42
CA LYS C 644 -41.17 24.53 -0.02
C LYS C 644 -41.73 23.83 1.22
N ILE C 645 -40.88 23.73 2.24
CA ILE C 645 -41.24 23.14 3.55
C ILE C 645 -42.42 23.87 4.27
N VAL C 646 -42.41 25.20 4.33
CA VAL C 646 -43.55 25.89 4.94
C VAL C 646 -44.78 25.83 4.07
N GLU C 647 -44.63 25.91 2.75
CA GLU C 647 -45.74 25.73 1.83
C GLU C 647 -46.39 24.37 1.95
N TYR C 648 -45.61 23.37 2.38
CA TYR C 648 -46.13 22.00 2.61
C TYR C 648 -47.23 21.95 3.66
N PHE C 649 -47.16 22.87 4.63
CA PHE C 649 -48.12 22.93 5.72
C PHE C 649 -49.24 23.92 5.44
N GLY C 650 -49.38 24.31 4.18
CA GLY C 650 -50.43 25.22 3.73
C GLY C 650 -50.35 26.68 4.18
N ILE C 651 -49.18 27.09 4.62
CA ILE C 651 -48.96 28.43 5.13
C ILE C 651 -48.21 29.32 4.15
N GLU C 652 -48.61 30.58 4.04
CA GLU C 652 -47.92 31.51 3.15
C GLU C 652 -46.50 31.80 3.69
N PRO C 653 -45.45 31.40 2.93
CA PRO C 653 -44.11 31.68 3.46
C PRO C 653 -43.69 33.15 3.29
N ARG C 654 -43.20 33.72 4.38
CA ARG C 654 -42.66 35.08 4.39
C ARG C 654 -41.19 35.09 4.81
N VAL C 655 -40.28 35.48 3.90
CA VAL C 655 -38.84 35.30 4.10
C VAL C 655 -38.00 36.55 4.31
N ALA C 656 -37.16 36.51 5.35
CA ALA C 656 -36.21 37.60 5.59
C ALA C 656 -34.74 37.12 5.66
N MET C 657 -33.91 37.76 4.85
CA MET C 657 -32.48 37.54 4.89
C MET C 657 -31.96 38.43 5.97
N LEU C 658 -31.58 37.84 7.08
CA LEU C 658 -31.25 38.64 8.24
C LEU C 658 -29.87 39.27 8.06
N SER C 659 -29.64 40.40 8.72
CA SER C 659 -28.42 41.22 8.59
C SER C 659 -28.20 42.01 9.91
N TYR C 660 -27.11 42.77 10.04
CA TYR C 660 -27.06 43.72 11.15
C TYR C 660 -27.62 45.09 10.73
N SER C 661 -28.02 45.20 9.47
CA SER C 661 -28.48 46.49 8.89
C SER C 661 -29.88 46.50 8.29
N ASN C 662 -30.50 47.68 8.23
CA ASN C 662 -31.79 47.78 7.58
C ASN C 662 -31.52 48.32 6.20
N PHE C 663 -31.45 47.42 5.24
CA PHE C 663 -31.28 47.77 3.82
C PHE C 663 -30.07 48.61 3.37
N SER C 664 -28.86 48.31 3.87
CA SER C 664 -27.75 49.19 3.57
C SER C 664 -27.15 48.84 2.22
N GLY C 665 -27.22 47.58 1.85
CA GLY C 665 -26.60 47.11 0.62
C GLY C 665 -25.10 47.32 0.72
N ALA C 666 -24.65 47.73 1.91
CA ALA C 666 -23.26 48.08 2.14
C ALA C 666 -22.42 46.91 1.81
N GLU C 667 -21.18 47.19 1.53
CA GLU C 667 -20.26 46.13 1.30
C GLU C 667 -20.28 45.24 2.50
N GLY C 668 -20.12 43.96 2.23
CA GLY C 668 -20.06 42.96 3.28
C GLY C 668 -21.32 42.15 3.41
N THR C 669 -21.66 41.82 4.64
CA THR C 669 -22.80 40.94 4.88
C THR C 669 -24.08 41.51 4.20
N PRO C 670 -24.36 42.81 4.41
CA PRO C 670 -25.62 43.36 3.91
C PRO C 670 -25.75 43.18 2.42
N ARG C 671 -24.68 43.40 1.70
CA ARG C 671 -24.77 43.26 0.26
C ARG C 671 -25.09 41.81 -0.07
N LYS C 672 -24.42 40.89 0.59
CA LYS C 672 -24.60 39.45 0.31
C LYS C 672 -26.05 39.04 0.49
N MET C 673 -26.65 39.50 1.58
CA MET C 673 -28.03 39.16 1.93
C MET C 673 -29.04 39.87 1.04
N LYS C 674 -28.75 41.12 0.67
CA LYS C 674 -29.64 41.90 -0.20
C LYS C 674 -29.69 41.27 -1.57
N LYS C 675 -28.51 40.97 -2.08
CA LYS C 675 -28.34 40.29 -3.35
C LYS C 675 -28.94 38.91 -3.25
N ALA C 676 -28.86 38.31 -2.07
CA ALA C 676 -29.44 37.00 -1.82
C ALA C 676 -30.95 36.99 -2.03
N ALA C 677 -31.61 37.91 -1.34
CA ALA C 677 -33.04 38.02 -1.50
C ALA C 677 -33.34 38.27 -2.97
N GLU C 678 -32.53 39.12 -3.61
CA GLU C 678 -32.78 39.47 -5.01
C GLU C 678 -32.78 38.17 -5.85
N ILE C 679 -31.85 37.26 -5.57
CA ILE C 679 -31.78 36.00 -6.30
C ILE C 679 -33.03 35.17 -6.06
N ALA C 680 -33.41 35.09 -4.77
CA ALA C 680 -34.55 34.26 -4.32
C ALA C 680 -35.85 34.67 -5.01
N ARG C 681 -36.08 35.99 -5.11
CA ARG C 681 -37.20 36.51 -5.91
C ARG C 681 -37.03 36.16 -7.38
N SER C 682 -35.79 36.21 -7.87
CA SER C 682 -35.54 35.88 -9.27
C SER C 682 -35.99 34.45 -9.53
N LEU C 683 -35.95 33.63 -8.48
CA LEU C 683 -36.33 32.24 -8.61
C LEU C 683 -37.80 31.91 -8.27
N ARG C 684 -38.43 32.65 -7.37
CA ARG C 684 -39.84 32.43 -7.08
C ARG C 684 -40.55 33.73 -6.85
N PRO C 685 -41.08 34.28 -7.93
CA PRO C 685 -41.67 35.60 -7.95
C PRO C 685 -42.98 35.71 -7.21
N ASP C 686 -43.65 34.60 -6.89
CA ASP C 686 -44.94 34.63 -6.17
C ASP C 686 -44.75 34.84 -4.67
N LEU C 687 -43.50 34.79 -4.22
CA LEU C 687 -43.24 34.78 -2.81
C LEU C 687 -42.66 36.09 -2.30
N MET C 688 -43.11 36.42 -1.10
CA MET C 688 -42.79 37.63 -0.39
C MET C 688 -41.38 37.46 0.24
N ILE C 689 -40.35 38.03 -0.42
CA ILE C 689 -38.97 37.87 0.07
C ILE C 689 -38.15 39.18 0.06
N GLU C 690 -37.39 39.44 1.11
CA GLU C 690 -36.75 40.73 1.23
C GLU C 690 -35.42 40.69 1.97
N GLY C 691 -34.65 41.77 1.81
CA GLY C 691 -33.35 41.94 2.43
C GLY C 691 -32.57 43.09 1.79
N ASP C 692 -31.55 43.54 2.51
CA ASP C 692 -31.23 43.01 3.83
C ASP C 692 -32.01 43.72 4.96
N MET C 693 -32.25 43.03 6.08
CA MET C 693 -32.93 43.67 7.22
C MET C 693 -32.52 43.06 8.54
N GLN C 694 -32.69 43.83 9.61
CA GLN C 694 -32.33 43.35 10.92
C GLN C 694 -33.33 42.28 11.31
N ALA C 695 -33.15 41.73 12.51
CA ALA C 695 -34.04 40.67 12.99
C ALA C 695 -35.42 41.18 13.34
N ASP C 696 -35.47 42.16 14.22
CA ASP C 696 -36.75 42.60 14.72
C ASP C 696 -37.56 43.17 13.57
N THR C 697 -36.87 43.86 12.68
CA THR C 697 -37.47 44.38 11.49
C THR C 697 -38.15 43.28 10.70
N ALA C 698 -37.70 42.05 10.91
CA ALA C 698 -38.26 40.94 10.18
C ALA C 698 -39.58 40.41 10.73
N VAL C 699 -39.51 39.96 11.97
CA VAL C 699 -40.57 39.16 12.57
C VAL C 699 -41.83 39.99 12.88
N ASN C 700 -41.64 41.32 13.02
CA ASN C 700 -42.67 42.29 13.40
C ASN C 700 -43.13 43.10 12.21
N PRO C 701 -44.40 42.92 11.79
CA PRO C 701 -44.95 43.61 10.62
C PRO C 701 -45.22 45.08 10.92
N GLU C 702 -45.39 45.41 12.19
CA GLU C 702 -45.60 46.79 12.59
C GLU C 702 -44.33 47.62 12.37
N ILE C 703 -43.18 47.08 12.79
CA ILE C 703 -41.92 47.80 12.58
C ILE C 703 -41.72 48.00 11.08
N MET C 704 -42.00 46.95 10.34
CA MET C 704 -41.88 47.01 8.90
C MET C 704 -42.75 48.10 8.29
N GLU C 705 -44.03 48.20 8.67
CA GLU C 705 -44.88 49.22 8.04
C GLU C 705 -44.57 50.60 8.52
N ARG C 706 -44.10 50.73 9.75
CA ARG C 706 -43.80 52.07 10.20
C ARG C 706 -42.54 52.61 9.53
N LEU C 707 -41.45 51.82 9.49
CA LEU C 707 -40.13 52.35 9.07
C LEU C 707 -39.77 52.12 7.60
N PHE C 708 -40.17 50.98 7.05
CA PHE C 708 -39.79 50.65 5.69
C PHE C 708 -41.01 50.20 4.93
N PRO C 709 -41.96 51.11 4.72
CA PRO C 709 -43.25 50.84 4.10
C PRO C 709 -43.12 50.43 2.64
N PHE C 710 -41.91 50.62 2.11
CA PHE C 710 -41.58 50.23 0.74
C PHE C 710 -41.31 48.74 0.66
N SER C 711 -41.01 48.14 1.81
CA SER C 711 -40.63 46.73 1.87
C SER C 711 -41.72 45.83 1.31
N GLY C 712 -41.31 44.86 0.52
CA GLY C 712 -42.25 43.94 -0.08
C GLY C 712 -42.74 42.95 0.96
N LEU C 713 -42.07 42.90 2.11
CA LEU C 713 -42.45 41.97 3.19
C LEU C 713 -43.38 42.58 4.24
N LYS C 714 -44.63 42.10 4.26
CA LYS C 714 -45.61 42.58 5.23
C LYS C 714 -46.34 41.42 5.88
N GLY C 715 -46.64 41.57 7.17
CA GLY C 715 -47.34 40.53 7.90
C GLY C 715 -46.31 39.78 8.72
N GLY C 716 -45.12 40.37 8.79
CA GLY C 716 -44.07 39.80 9.61
C GLY C 716 -43.50 38.53 9.01
N ALA C 717 -42.19 38.37 9.11
CA ALA C 717 -41.53 37.20 8.54
C ALA C 717 -41.88 35.92 9.30
N ASN C 718 -41.97 34.80 8.57
CA ASN C 718 -42.16 33.50 9.20
C ASN C 718 -41.00 32.53 8.86
N VAL C 719 -40.08 33.01 8.02
CA VAL C 719 -38.85 32.28 7.61
C VAL C 719 -37.60 33.15 7.76
N LEU C 720 -36.74 32.77 8.69
CA LEU C 720 -35.51 33.52 8.93
C LEU C 720 -34.26 32.78 8.50
N VAL C 721 -33.63 33.33 7.44
CA VAL C 721 -32.35 32.83 6.92
C VAL C 721 -31.24 33.64 7.50
N PHE C 722 -30.23 32.96 7.98
CA PHE C 722 -29.16 33.66 8.65
C PHE C 722 -27.99 33.91 7.68
N PRO C 723 -27.21 34.99 7.91
CA PRO C 723 -26.09 35.25 7.01
C PRO C 723 -24.93 34.31 7.22
N ASN C 724 -24.86 33.68 8.38
CA ASN C 724 -23.80 32.71 8.64
C ASN C 724 -24.11 31.79 9.82
N LEU C 725 -23.23 30.83 10.07
CA LEU C 725 -23.45 29.78 11.04
C LEU C 725 -23.40 30.28 12.47
N GLU C 726 -22.54 31.26 12.75
CA GLU C 726 -22.45 31.84 14.10
C GLU C 726 -23.81 32.46 14.57
N SER C 727 -24.35 33.28 13.68
CA SER C 727 -25.60 33.91 13.94
C SER C 727 -26.68 32.85 14.12
N SER C 728 -26.85 31.89 13.19
CA SER C 728 -27.94 30.93 13.36
C SER C 728 -27.77 29.97 14.57
N ASN C 729 -26.63 29.31 14.79
CA ASN C 729 -26.55 28.47 15.98
C ASN C 729 -26.73 29.30 17.25
N ILE C 730 -26.12 30.46 17.33
CA ILE C 730 -26.34 31.21 18.57
C ILE C 730 -27.81 31.68 18.73
N ALA C 731 -28.44 32.08 17.64
CA ALA C 731 -29.84 32.48 17.70
C ALA C 731 -30.73 31.30 18.16
N TYR C 732 -30.72 30.17 17.45
CA TYR C 732 -31.65 29.09 17.83
C TYR C 732 -31.39 28.60 19.26
N LYS C 733 -30.14 28.34 19.63
CA LYS C 733 -29.94 27.82 20.97
C LYS C 733 -30.28 28.91 22.02
N LEU C 734 -30.13 30.18 21.65
CA LEU C 734 -30.54 31.22 22.60
C LEU C 734 -32.04 31.40 22.76
N ILE C 735 -32.80 31.28 21.69
CA ILE C 735 -34.25 31.27 21.83
C ILE C 735 -34.70 30.08 22.70
N GLN C 736 -34.09 28.93 22.46
CA GLN C 736 -34.48 27.72 23.17
C GLN C 736 -34.25 27.97 24.65
N GLN C 737 -33.13 28.58 24.98
CA GLN C 737 -32.87 28.68 26.40
C GLN C 737 -33.55 29.85 27.12
N ILE C 738 -33.75 30.94 26.42
CA ILE C 738 -34.29 32.16 27.04
C ILE C 738 -35.67 32.48 26.54
N GLY C 739 -35.91 32.23 25.26
CA GLY C 739 -37.17 32.67 24.69
C GLY C 739 -38.39 32.06 25.34
N LYS C 740 -38.21 30.92 26.01
CA LYS C 740 -39.33 30.27 26.72
C LYS C 740 -40.53 30.01 25.77
N ALA C 741 -40.29 30.20 24.46
CA ALA C 741 -41.10 29.62 23.40
C ALA C 741 -40.38 28.29 23.05
N GLU C 742 -41.12 27.28 22.60
CA GLU C 742 -40.54 25.95 22.36
C GLU C 742 -39.91 25.73 21.01
N VAL C 743 -38.75 25.08 21.00
CA VAL C 743 -37.98 24.82 19.75
C VAL C 743 -37.60 23.38 19.41
N ILE C 744 -38.02 22.92 18.23
CA ILE C 744 -37.66 21.58 17.79
C ILE C 744 -36.66 21.65 16.65
N GLY C 745 -35.89 20.57 16.50
CA GLY C 745 -34.81 20.52 15.53
C GLY C 745 -33.43 20.39 16.16
N PRO C 746 -32.37 20.44 15.33
CA PRO C 746 -32.34 20.67 13.87
C PRO C 746 -32.58 19.50 12.92
N PHE C 747 -33.19 19.79 11.79
CA PHE C 747 -33.49 18.78 10.78
C PHE C 747 -32.75 19.05 9.50
N LEU C 748 -32.48 18.00 8.75
CA LEU C 748 -31.70 18.08 7.51
C LEU C 748 -32.53 18.22 6.25
N THR C 749 -32.09 19.10 5.37
CA THR C 749 -32.84 19.36 4.15
C THR C 749 -32.01 19.45 2.87
N GLY C 750 -32.61 19.03 1.75
CA GLY C 750 -32.02 19.26 0.46
C GLY C 750 -31.40 18.03 -0.16
N VAL C 751 -31.45 16.92 0.57
CA VAL C 751 -30.85 15.69 0.09
C VAL C 751 -31.82 15.01 -0.91
N ARG C 752 -31.31 14.17 -1.82
CA ARG C 752 -32.17 13.55 -2.85
C ARG C 752 -33.24 12.68 -2.25
N ARG C 753 -32.89 12.08 -1.12
CA ARG C 753 -33.77 11.16 -0.41
C ARG C 753 -33.99 11.54 1.04
N SER C 754 -35.03 10.93 1.60
CA SER C 754 -35.40 11.19 2.96
C SER C 754 -34.22 10.78 3.87
N ALA C 755 -33.53 11.77 4.44
CA ALA C 755 -32.36 11.52 5.31
C ALA C 755 -32.30 12.56 6.45
N ASN C 756 -31.87 12.17 7.65
CA ASN C 756 -31.82 13.13 8.75
C ASN C 756 -30.77 12.84 9.86
N VAL C 757 -30.09 13.88 10.35
CA VAL C 757 -29.09 13.68 11.40
C VAL C 757 -29.57 14.20 12.73
N LEU C 758 -29.36 13.38 13.75
CA LEU C 758 -29.67 13.79 15.12
C LEU C 758 -28.42 14.39 15.71
N GLN C 759 -28.56 15.03 16.86
CA GLN C 759 -27.37 15.34 17.63
C GLN C 759 -27.20 14.27 18.73
N ARG C 760 -26.00 14.16 19.31
CA ARG C 760 -25.78 13.22 20.44
C ARG C 760 -26.60 13.64 21.66
N THR C 761 -26.80 14.95 21.78
CA THR C 761 -27.54 15.48 22.91
C THR C 761 -29.02 15.27 22.69
N THR C 762 -29.39 14.58 21.63
CA THR C 762 -30.81 14.47 21.31
C THR C 762 -31.51 13.61 22.35
N THR C 763 -32.67 14.09 22.83
CA THR C 763 -33.56 13.33 23.72
C THR C 763 -34.50 12.46 22.90
N VAL C 764 -35.22 11.57 23.58
CA VAL C 764 -36.06 10.60 22.89
C VAL C 764 -37.16 11.27 22.08
N ASP C 765 -37.77 12.31 22.66
CA ASP C 765 -38.79 13.10 21.97
C ASP C 765 -38.20 13.59 20.65
N GLY C 766 -36.98 14.08 20.76
CA GLY C 766 -36.34 14.62 19.58
C GLY C 766 -36.22 13.55 18.53
N ILE C 767 -35.88 12.33 18.96
CA ILE C 767 -35.64 11.27 18.00
C ILE C 767 -36.96 10.92 17.30
N VAL C 768 -38.06 10.85 18.06
CA VAL C 768 -39.35 10.51 17.44
C VAL C 768 -39.92 11.61 16.51
N ASN C 769 -39.91 12.89 16.91
CA ASN C 769 -40.43 13.83 15.90
C ASN C 769 -39.48 13.89 14.66
N SER C 770 -38.17 13.79 14.90
CA SER C 770 -37.22 13.78 13.78
C SER C 770 -37.59 12.65 12.79
N VAL C 771 -37.89 11.47 13.33
CA VAL C 771 -38.33 10.37 12.48
C VAL C 771 -39.59 10.74 11.72
N VAL C 772 -40.51 11.45 12.39
CA VAL C 772 -41.76 11.83 11.72
C VAL C 772 -41.49 12.65 10.46
N PHE C 773 -40.69 13.70 10.63
CA PHE C 773 -40.37 14.49 9.46
C PHE C 773 -39.74 13.61 8.36
N THR C 774 -38.84 12.72 8.77
CA THR C 774 -38.19 11.85 7.80
C THR C 774 -39.23 11.09 6.98
N ALA C 775 -40.21 10.53 7.68
CA ALA C 775 -41.26 9.79 7.03
C ALA C 775 -42.03 10.66 6.04
N LEU C 776 -42.44 11.83 6.50
CA LEU C 776 -43.17 12.73 5.65
C LEU C 776 -42.45 13.08 4.36
N GLU C 777 -41.21 13.57 4.49
CA GLU C 777 -40.40 14.00 3.35
C GLU C 777 -40.29 12.83 2.43
N ALA C 778 -40.24 11.63 3.01
CA ALA C 778 -40.23 10.41 2.20
C ALA C 778 -41.49 10.28 1.35
N GLN C 779 -42.64 10.51 1.97
CA GLN C 779 -43.89 10.47 1.24
C GLN C 779 -43.94 11.52 0.12
N TYR C 780 -43.38 12.69 0.43
CA TYR C 780 -43.23 13.84 -0.48
C TYR C 780 -42.27 13.51 -1.67
N ILE C 781 -41.28 12.67 -1.40
CA ILE C 781 -40.36 12.17 -2.40
C ILE C 781 -41.09 11.23 -3.32
N LYS C 782 -41.87 10.33 -2.73
CA LYS C 782 -42.66 9.40 -3.52
C LYS C 782 -43.61 10.14 -4.45
N GLU C 783 -44.23 11.19 -3.92
CA GLU C 783 -45.16 12.00 -4.70
C GLU C 783 -44.47 12.80 -5.80
N VAL C 784 -43.28 13.34 -5.51
CA VAL C 784 -42.57 14.01 -6.57
C VAL C 784 -42.24 12.96 -7.65
N LEU C 785 -41.99 11.70 -7.24
CA LEU C 785 -41.75 10.59 -8.18
C LEU C 785 -42.94 10.32 -9.08
N LYS C 786 -44.12 10.29 -8.47
CA LYS C 786 -45.34 9.95 -9.19
C LYS C 786 -45.49 10.86 -10.42
N SER C 787 -45.23 12.17 -10.25
CA SER C 787 -45.30 13.14 -11.35
C SER C 787 -44.33 12.79 -12.48
#